data_2L55
#
_entry.id   2L55
#
_entity_poly.entity_id   1
_entity_poly.type   'polypeptide(L)'
_entity_poly.pdbx_seq_one_letter_code
;GPEHRAVGRIQSIGERSLIIAHEAIPSAQWGAMTMEFAAPPAGLPQGLKAGDRVAFSFRLDPHGMATLVTVAPQVQTAGA
KP
;
_entity_poly.pdbx_strand_id   A
#
# COMPACT_ATOMS: atom_id res chain seq x y z
N GLY A 1 -7.31 12.06 -6.32
CA GLY A 1 -8.01 12.16 -5.01
C GLY A 1 -7.05 12.40 -3.87
N PRO A 2 -7.56 12.49 -2.63
CA PRO A 2 -6.72 12.71 -1.44
C PRO A 2 -5.77 11.54 -1.17
N GLU A 3 -4.60 11.86 -0.63
CA GLU A 3 -3.59 10.85 -0.34
C GLU A 3 -3.69 10.41 1.12
N HIS A 4 -3.66 9.10 1.33
CA HIS A 4 -3.77 8.56 2.67
C HIS A 4 -2.61 7.60 2.95
N ARG A 5 -2.30 7.41 4.23
CA ARG A 5 -1.23 6.50 4.62
C ARG A 5 -1.78 5.10 4.80
N ALA A 6 -1.02 4.10 4.38
CA ALA A 6 -1.43 2.72 4.52
C ALA A 6 -0.24 1.80 4.73
N VAL A 7 -0.29 1.01 5.78
CA VAL A 7 0.73 0.01 6.04
C VAL A 7 0.14 -1.38 5.87
N GLY A 8 0.98 -2.34 5.48
CA GLY A 8 0.51 -3.70 5.33
C GLY A 8 1.57 -4.63 4.80
N ARG A 9 1.17 -5.86 4.51
CA ARG A 9 2.08 -6.89 4.03
C ARG A 9 1.77 -7.22 2.59
N ILE A 10 2.81 -7.26 1.77
CA ILE A 10 2.65 -7.52 0.36
C ILE A 10 2.15 -8.93 0.14
N GLN A 11 1.03 -9.05 -0.58
CA GLN A 11 0.45 -10.34 -0.85
C GLN A 11 1.02 -10.90 -2.15
N SER A 12 1.02 -10.07 -3.18
CA SER A 12 1.58 -10.44 -4.49
C SER A 12 1.88 -9.17 -5.30
N ILE A 13 2.90 -9.24 -6.16
CA ILE A 13 3.24 -8.13 -7.05
C ILE A 13 2.76 -8.39 -8.46
N GLY A 14 2.27 -7.33 -9.11
CA GLY A 14 1.79 -7.44 -10.47
C GLY A 14 2.53 -6.52 -11.42
N GLU A 15 2.06 -6.46 -12.65
CA GLU A 15 2.72 -5.67 -13.71
C GLU A 15 2.54 -4.17 -13.47
N ARG A 16 1.32 -3.76 -13.12
CA ARG A 16 1.04 -2.36 -12.86
C ARG A 16 0.05 -2.22 -11.70
N SER A 17 -0.22 -3.33 -11.07
CA SER A 17 -1.06 -3.35 -9.89
C SER A 17 -0.72 -4.58 -9.08
N LEU A 18 -0.84 -4.46 -7.78
CA LEU A 18 -0.45 -5.54 -6.90
C LEU A 18 -1.34 -5.58 -5.66
N ILE A 19 -1.59 -6.78 -5.17
CA ILE A 19 -2.46 -6.98 -4.04
C ILE A 19 -1.66 -6.95 -2.74
N ILE A 20 -2.10 -6.10 -1.83
CA ILE A 20 -1.44 -5.95 -0.55
C ILE A 20 -2.42 -6.16 0.59
N ALA A 21 -2.08 -7.06 1.49
CA ALA A 21 -2.85 -7.20 2.71
C ALA A 21 -2.51 -6.06 3.65
N HIS A 22 -3.26 -4.97 3.52
CA HIS A 22 -3.02 -3.80 4.33
C HIS A 22 -3.78 -3.88 5.63
N GLU A 23 -3.25 -3.21 6.64
CA GLU A 23 -3.91 -3.11 7.93
C GLU A 23 -5.14 -2.20 7.82
N ALA A 24 -5.73 -1.85 8.95
CA ALA A 24 -7.00 -1.12 8.96
C ALA A 24 -6.93 0.21 8.20
N ILE A 25 -5.79 0.87 8.29
CA ILE A 25 -5.62 2.19 7.65
C ILE A 25 -6.47 3.25 8.36
N PRO A 26 -5.91 3.90 9.38
CA PRO A 26 -6.60 4.95 10.14
C PRO A 26 -6.78 6.23 9.33
N SER A 27 -6.21 6.24 8.13
CA SER A 27 -6.34 7.39 7.24
C SER A 27 -7.60 7.27 6.38
N ALA A 28 -8.15 6.06 6.26
CA ALA A 28 -9.29 5.84 5.40
C ALA A 28 -10.48 5.26 6.17
N GLN A 29 -10.27 4.93 7.45
CA GLN A 29 -11.31 4.32 8.27
C GLN A 29 -11.76 3.00 7.64
N TRP A 30 -10.78 2.22 7.22
CA TRP A 30 -11.02 0.94 6.59
C TRP A 30 -10.69 -0.19 7.54
N GLY A 31 -10.94 -1.40 7.10
CA GLY A 31 -10.51 -2.56 7.84
C GLY A 31 -9.35 -3.24 7.14
N ALA A 32 -8.65 -4.10 7.87
CA ALA A 32 -7.54 -4.84 7.30
C ALA A 32 -8.04 -5.87 6.30
N MET A 33 -7.54 -5.80 5.08
CA MET A 33 -8.01 -6.66 4.00
C MET A 33 -7.05 -6.66 2.83
N THR A 34 -7.08 -7.75 2.09
CA THR A 34 -6.25 -7.93 0.92
C THR A 34 -6.82 -7.15 -0.26
N MET A 35 -6.18 -6.06 -0.62
CA MET A 35 -6.68 -5.20 -1.70
C MET A 35 -5.59 -4.87 -2.70
N GLU A 36 -5.99 -4.71 -3.97
CA GLU A 36 -5.08 -4.39 -5.05
C GLU A 36 -4.86 -2.88 -5.16
N PHE A 37 -3.61 -2.48 -5.34
CA PHE A 37 -3.27 -1.07 -5.53
C PHE A 37 -2.66 -0.87 -6.91
N ALA A 38 -3.02 0.22 -7.57
CA ALA A 38 -2.50 0.53 -8.89
C ALA A 38 -1.18 1.26 -8.79
N ALA A 39 -0.20 0.83 -9.57
CA ALA A 39 1.12 1.43 -9.53
C ALA A 39 1.26 2.53 -10.57
N PRO A 40 2.09 3.55 -10.28
CA PRO A 40 2.39 4.61 -11.24
C PRO A 40 3.20 4.08 -12.43
N PRO A 41 3.22 4.80 -13.56
CA PRO A 41 3.93 4.39 -14.77
C PRO A 41 5.45 4.29 -14.57
N ALA A 42 5.92 4.69 -13.39
CA ALA A 42 7.33 4.62 -13.06
C ALA A 42 7.73 3.22 -12.60
N GLY A 43 6.72 2.41 -12.26
CA GLY A 43 6.98 1.06 -11.84
C GLY A 43 7.19 0.96 -10.34
N LEU A 44 7.43 -0.25 -9.89
CA LEU A 44 7.66 -0.52 -8.48
C LEU A 44 9.15 -0.74 -8.19
N PRO A 45 9.57 -0.41 -6.97
CA PRO A 45 10.91 -0.70 -6.47
C PRO A 45 11.02 -2.14 -5.99
N GLN A 46 12.06 -2.40 -5.22
CA GLN A 46 12.29 -3.71 -4.64
C GLN A 46 12.25 -3.61 -3.12
N GLY A 47 12.24 -4.75 -2.46
CA GLY A 47 12.15 -4.78 -1.01
C GLY A 47 10.72 -4.70 -0.55
N LEU A 48 9.80 -4.90 -1.49
CA LEU A 48 8.39 -4.82 -1.24
C LEU A 48 7.64 -5.90 -2.02
N LYS A 49 8.20 -7.10 -2.01
CA LYS A 49 7.64 -8.21 -2.77
C LYS A 49 6.77 -9.08 -1.87
N ALA A 50 6.05 -10.03 -2.46
CA ALA A 50 5.17 -10.92 -1.72
C ALA A 50 5.92 -11.54 -0.54
N GLY A 51 5.59 -11.07 0.65
CA GLY A 51 6.26 -11.54 1.85
C GLY A 51 6.86 -10.40 2.65
N ASP A 52 6.97 -9.24 2.02
CA ASP A 52 7.50 -8.06 2.70
C ASP A 52 6.40 -7.27 3.36
N ARG A 53 6.77 -6.48 4.34
CA ARG A 53 5.86 -5.55 4.97
C ARG A 53 6.39 -4.15 4.74
N VAL A 54 5.58 -3.31 4.12
CA VAL A 54 6.01 -1.98 3.75
C VAL A 54 5.01 -0.91 4.18
N ALA A 55 5.47 0.32 4.21
CA ALA A 55 4.62 1.45 4.57
C ALA A 55 4.46 2.37 3.36
N PHE A 56 3.23 2.51 2.89
CA PHE A 56 2.98 3.26 1.66
C PHE A 56 1.93 4.33 1.83
N SER A 57 1.85 5.19 0.83
CA SER A 57 0.80 6.18 0.73
C SER A 57 0.11 6.04 -0.61
N PHE A 58 -1.21 6.19 -0.62
CA PHE A 58 -1.98 6.02 -1.85
C PHE A 58 -3.04 7.10 -1.96
N ARG A 59 -3.44 7.39 -3.17
CA ARG A 59 -4.48 8.39 -3.40
C ARG A 59 -5.79 7.71 -3.74
N LEU A 60 -6.83 8.08 -3.02
CA LEU A 60 -8.17 7.58 -3.31
C LEU A 60 -8.92 8.57 -4.15
N ASP A 61 -9.11 8.23 -5.40
CA ASP A 61 -9.89 9.06 -6.30
C ASP A 61 -11.35 8.80 -6.05
N PRO A 62 -12.24 9.72 -6.49
CA PRO A 62 -13.65 9.72 -6.08
C PRO A 62 -14.40 8.48 -6.55
N HIS A 63 -13.82 7.78 -7.52
CA HIS A 63 -14.46 6.60 -8.08
C HIS A 63 -14.29 5.41 -7.15
N GLY A 64 -13.35 5.54 -6.23
CA GLY A 64 -13.01 4.43 -5.36
C GLY A 64 -11.79 3.69 -5.86
N MET A 65 -10.91 4.43 -6.52
CA MET A 65 -9.70 3.87 -7.07
C MET A 65 -8.54 4.05 -6.11
N ALA A 66 -7.77 3.00 -5.94
CA ALA A 66 -6.68 3.00 -4.98
C ALA A 66 -5.36 3.02 -5.72
N THR A 67 -4.79 4.21 -5.84
CA THR A 67 -3.61 4.40 -6.62
C THR A 67 -2.41 4.62 -5.72
N LEU A 68 -1.45 3.71 -5.79
CA LEU A 68 -0.26 3.76 -4.96
C LEU A 68 0.63 4.91 -5.41
N VAL A 69 1.23 5.60 -4.46
CA VAL A 69 2.08 6.73 -4.78
C VAL A 69 3.53 6.41 -4.44
N THR A 70 3.77 6.19 -3.15
CA THR A 70 5.12 5.94 -2.67
C THR A 70 5.07 4.91 -1.55
N VAL A 71 6.02 4.00 -1.57
CA VAL A 71 6.10 2.99 -0.54
C VAL A 71 7.54 2.84 -0.06
N ALA A 72 7.71 2.81 1.25
CA ALA A 72 9.03 2.72 1.85
C ALA A 72 9.09 1.55 2.81
N PRO A 73 10.23 0.86 2.86
CA PRO A 73 10.45 -0.27 3.77
C PRO A 73 10.04 0.00 5.20
N GLN A 74 9.17 -0.85 5.72
CA GLN A 74 8.86 -0.87 7.13
C GLN A 74 9.28 -2.21 7.66
N VAL A 75 9.15 -2.42 8.95
CA VAL A 75 9.49 -3.71 9.51
C VAL A 75 8.61 -3.99 10.72
N GLN A 76 7.43 -4.54 10.43
CA GLN A 76 6.44 -4.92 11.45
C GLN A 76 5.89 -3.71 12.19
N THR A 77 4.62 -3.41 11.93
CA THR A 77 3.93 -2.24 12.49
C THR A 77 4.72 -0.95 12.21
N ALA A 78 5.43 -0.94 11.09
CA ALA A 78 6.26 0.17 10.64
C ALA A 78 7.44 0.42 11.57
N GLY A 79 7.16 1.02 12.72
CA GLY A 79 8.20 1.36 13.66
C GLY A 79 7.66 2.18 14.81
N ALA A 80 8.53 2.94 15.45
CA ALA A 80 8.15 3.75 16.60
C ALA A 80 7.64 5.12 16.15
N LYS A 81 6.46 5.48 16.61
CA LYS A 81 5.89 6.79 16.33
C LYS A 81 5.91 7.65 17.59
N PRO A 82 6.46 8.86 17.50
CA PRO A 82 6.54 9.78 18.63
C PRO A 82 5.16 10.31 19.06
N GLY A 1 -7.79 15.53 -4.27
CA GLY A 1 -7.59 14.08 -3.99
C GLY A 1 -6.72 13.86 -2.78
N PRO A 2 -7.31 13.38 -1.68
CA PRO A 2 -6.59 13.14 -0.43
C PRO A 2 -5.69 11.91 -0.51
N GLU A 3 -4.49 12.05 0.02
CA GLU A 3 -3.50 10.99 -0.01
C GLU A 3 -3.41 10.33 1.36
N HIS A 4 -3.85 9.10 1.45
CA HIS A 4 -3.90 8.40 2.73
C HIS A 4 -2.71 7.46 2.84
N ARG A 5 -2.17 7.33 4.05
CA ARG A 5 -1.05 6.44 4.30
C ARG A 5 -1.57 5.07 4.73
N ALA A 6 -0.85 4.02 4.38
CA ALA A 6 -1.26 2.68 4.73
C ALA A 6 -0.07 1.77 4.92
N VAL A 7 -0.14 0.91 5.93
CA VAL A 7 0.88 -0.10 6.15
C VAL A 7 0.26 -1.49 5.99
N GLY A 8 1.07 -2.47 5.60
CA GLY A 8 0.56 -3.82 5.44
C GLY A 8 1.57 -4.75 4.82
N ARG A 9 1.13 -5.96 4.49
CA ARG A 9 2.01 -6.97 3.93
C ARG A 9 1.69 -7.21 2.48
N ILE A 10 2.71 -7.19 1.65
CA ILE A 10 2.54 -7.42 0.23
C ILE A 10 2.07 -8.84 -0.01
N GLN A 11 0.96 -8.98 -0.70
CA GLN A 11 0.41 -10.28 -1.00
C GLN A 11 1.08 -10.83 -2.24
N SER A 12 1.11 -10.02 -3.30
CA SER A 12 1.79 -10.38 -4.54
C SER A 12 2.09 -9.13 -5.36
N ILE A 13 2.99 -9.26 -6.32
CA ILE A 13 3.32 -8.17 -7.22
C ILE A 13 2.74 -8.45 -8.60
N GLY A 14 2.20 -7.42 -9.25
CA GLY A 14 1.58 -7.60 -10.54
C GLY A 14 2.31 -6.88 -11.65
N GLU A 15 1.63 -6.69 -12.76
CA GLU A 15 2.22 -6.03 -13.93
C GLU A 15 2.13 -4.52 -13.78
N ARG A 16 0.98 -4.05 -13.29
CA ARG A 16 0.75 -2.62 -13.11
C ARG A 16 0.02 -2.35 -11.81
N SER A 17 -0.17 -3.38 -11.03
CA SER A 17 -0.79 -3.26 -9.73
C SER A 17 -0.36 -4.40 -8.84
N LEU A 18 -0.22 -4.12 -7.57
CA LEU A 18 0.19 -5.15 -6.63
C LEU A 18 -0.87 -5.33 -5.56
N ILE A 19 -1.11 -6.57 -5.16
CA ILE A 19 -2.08 -6.83 -4.12
C ILE A 19 -1.40 -6.82 -2.77
N ILE A 20 -1.93 -6.02 -1.86
CA ILE A 20 -1.34 -5.84 -0.54
C ILE A 20 -2.37 -6.08 0.54
N ALA A 21 -2.14 -7.09 1.37
CA ALA A 21 -2.94 -7.26 2.58
C ALA A 21 -2.55 -6.20 3.59
N HIS A 22 -3.26 -5.08 3.55
CA HIS A 22 -2.90 -3.95 4.38
C HIS A 22 -3.61 -4.03 5.73
N GLU A 23 -2.96 -3.45 6.73
CA GLU A 23 -3.48 -3.41 8.09
C GLU A 23 -4.69 -2.50 8.19
N ALA A 24 -5.03 -2.17 9.44
CA ALA A 24 -6.10 -1.23 9.70
C ALA A 24 -5.67 0.17 9.30
N ILE A 25 -6.31 0.69 8.28
CA ILE A 25 -6.04 2.03 7.80
C ILE A 25 -6.98 3.04 8.44
N PRO A 26 -6.51 3.79 9.45
CA PRO A 26 -7.31 4.79 10.13
C PRO A 26 -7.48 6.06 9.30
N SER A 27 -6.75 6.14 8.20
CA SER A 27 -6.84 7.26 7.29
C SER A 27 -8.01 7.08 6.32
N ALA A 28 -8.38 5.83 6.08
CA ALA A 28 -9.45 5.52 5.15
C ALA A 28 -10.56 4.71 5.79
N GLN A 29 -10.40 4.42 7.09
CA GLN A 29 -11.38 3.63 7.85
C GLN A 29 -11.50 2.21 7.31
N TRP A 30 -10.39 1.70 6.76
CA TRP A 30 -10.38 0.34 6.24
C TRP A 30 -9.67 -0.59 7.21
N GLY A 31 -10.43 -1.45 7.87
CA GLY A 31 -9.91 -2.27 8.93
C GLY A 31 -9.35 -3.58 8.45
N ALA A 32 -8.24 -3.50 7.74
CA ALA A 32 -7.49 -4.67 7.27
C ALA A 32 -8.23 -5.45 6.18
N MET A 33 -7.58 -5.54 5.02
CA MET A 33 -8.12 -6.27 3.88
C MET A 33 -7.07 -6.37 2.78
N THR A 34 -7.09 -7.47 2.06
CA THR A 34 -6.16 -7.68 0.96
C THR A 34 -6.66 -6.95 -0.29
N MET A 35 -6.05 -5.82 -0.61
CA MET A 35 -6.50 -4.99 -1.71
C MET A 35 -5.44 -4.88 -2.79
N GLU A 36 -5.86 -4.42 -3.94
CA GLU A 36 -4.96 -4.21 -5.07
C GLU A 36 -4.71 -2.73 -5.27
N PHE A 37 -3.45 -2.35 -5.36
CA PHE A 37 -3.08 -0.94 -5.55
C PHE A 37 -2.43 -0.74 -6.91
N ALA A 38 -2.91 0.23 -7.65
CA ALA A 38 -2.41 0.50 -8.99
C ALA A 38 -1.11 1.28 -8.95
N ALA A 39 -0.19 0.93 -9.84
CA ALA A 39 1.11 1.56 -9.89
C ALA A 39 1.03 2.98 -10.47
N PRO A 40 1.87 3.89 -9.96
CA PRO A 40 2.00 5.24 -10.52
C PRO A 40 2.70 5.22 -11.88
N PRO A 41 2.71 6.35 -12.61
CA PRO A 41 3.34 6.44 -13.93
C PRO A 41 4.85 6.12 -13.91
N ALA A 42 5.43 6.14 -12.72
CA ALA A 42 6.85 5.82 -12.57
C ALA A 42 7.07 4.32 -12.44
N GLY A 43 5.99 3.57 -12.27
CA GLY A 43 6.09 2.16 -12.09
C GLY A 43 6.26 1.79 -10.64
N LEU A 44 6.75 0.60 -10.40
CA LEU A 44 6.98 0.12 -9.04
C LEU A 44 8.45 0.24 -8.68
N PRO A 45 8.73 0.60 -7.42
CA PRO A 45 10.08 0.56 -6.87
C PRO A 45 10.45 -0.83 -6.38
N GLN A 46 11.45 -0.89 -5.54
CA GLN A 46 11.90 -2.14 -4.95
C GLN A 46 11.61 -2.12 -3.46
N GLY A 47 11.57 -3.29 -2.86
CA GLY A 47 11.34 -3.40 -1.45
C GLY A 47 9.89 -3.65 -1.12
N LEU A 48 9.15 -4.15 -2.11
CA LEU A 48 7.73 -4.37 -1.99
C LEU A 48 7.32 -5.77 -2.45
N LYS A 49 8.00 -6.79 -1.96
CA LYS A 49 7.76 -8.14 -2.47
C LYS A 49 6.76 -8.89 -1.59
N ALA A 50 6.19 -9.94 -2.16
CA ALA A 50 5.26 -10.81 -1.44
C ALA A 50 5.84 -11.25 -0.10
N GLY A 51 5.25 -10.77 0.99
CA GLY A 51 5.69 -11.14 2.31
C GLY A 51 6.35 -10.01 3.06
N ASP A 52 6.62 -8.90 2.36
CA ASP A 52 7.18 -7.73 3.03
C ASP A 52 6.08 -6.92 3.68
N ARG A 53 6.39 -6.34 4.81
CA ARG A 53 5.47 -5.44 5.48
C ARG A 53 5.94 -4.02 5.25
N VAL A 54 5.30 -3.33 4.33
CA VAL A 54 5.79 -2.04 3.86
C VAL A 54 4.94 -0.89 4.39
N ALA A 55 5.48 0.31 4.31
CA ALA A 55 4.74 1.52 4.67
C ALA A 55 4.53 2.34 3.42
N PHE A 56 3.30 2.45 2.97
CA PHE A 56 3.01 3.05 1.68
C PHE A 56 1.92 4.11 1.76
N SER A 57 1.64 4.72 0.62
CA SER A 57 0.61 5.73 0.52
C SER A 57 -0.22 5.52 -0.74
N PHE A 58 -1.47 5.93 -0.70
CA PHE A 58 -2.33 5.83 -1.86
C PHE A 58 -3.30 7.01 -1.90
N ARG A 59 -3.74 7.35 -3.10
CA ARG A 59 -4.71 8.41 -3.27
C ARG A 59 -6.01 7.84 -3.80
N LEU A 60 -7.11 8.30 -3.26
CA LEU A 60 -8.42 7.90 -3.76
C LEU A 60 -8.85 8.89 -4.82
N ASP A 61 -8.90 8.42 -6.05
CA ASP A 61 -9.29 9.25 -7.15
C ASP A 61 -10.80 9.42 -7.11
N PRO A 62 -11.35 10.42 -7.81
CA PRO A 62 -12.77 10.78 -7.69
C PRO A 62 -13.70 9.72 -8.27
N HIS A 63 -13.11 8.62 -8.73
CA HIS A 63 -13.85 7.52 -9.31
C HIS A 63 -13.99 6.41 -8.29
N GLY A 64 -13.22 6.53 -7.22
CA GLY A 64 -13.17 5.49 -6.22
C GLY A 64 -12.03 4.52 -6.49
N MET A 65 -10.96 5.05 -7.08
CA MET A 65 -9.82 4.23 -7.45
C MET A 65 -8.74 4.29 -6.37
N ALA A 66 -7.96 3.23 -6.27
CA ALA A 66 -6.92 3.15 -5.27
C ALA A 66 -5.56 3.09 -5.95
N THR A 67 -4.94 4.23 -6.06
CA THR A 67 -3.69 4.34 -6.79
C THR A 67 -2.53 4.57 -5.84
N LEU A 68 -1.52 3.71 -5.94
CA LEU A 68 -0.36 3.76 -5.07
C LEU A 68 0.49 4.98 -5.40
N VAL A 69 0.97 5.65 -4.36
CA VAL A 69 1.80 6.83 -4.54
C VAL A 69 3.25 6.48 -4.29
N THR A 70 3.55 6.09 -3.07
CA THR A 70 4.89 5.69 -2.69
C THR A 70 4.84 4.47 -1.77
N VAL A 71 5.90 3.69 -1.75
CA VAL A 71 6.00 2.59 -0.82
C VAL A 71 7.43 2.51 -0.29
N ALA A 72 7.56 2.43 1.02
CA ALA A 72 8.87 2.35 1.63
C ALA A 72 8.99 1.07 2.44
N PRO A 73 10.12 0.37 2.35
CA PRO A 73 10.34 -0.86 3.10
C PRO A 73 10.41 -0.61 4.59
N GLN A 74 9.34 -0.95 5.27
CA GLN A 74 9.31 -0.92 6.70
C GLN A 74 9.37 -2.35 7.19
N VAL A 75 9.37 -2.52 8.48
CA VAL A 75 9.37 -3.84 9.07
C VAL A 75 8.33 -3.86 10.18
N GLN A 76 7.59 -4.97 10.29
CA GLN A 76 6.53 -5.12 11.29
C GLN A 76 6.87 -4.52 12.65
N THR A 77 8.11 -4.64 13.04
CA THR A 77 8.60 -4.20 14.34
C THR A 77 8.47 -2.68 14.53
N ALA A 78 8.11 -1.98 13.48
CA ALA A 78 7.93 -0.53 13.54
C ALA A 78 6.61 -0.16 14.22
N GLY A 79 5.70 -1.13 14.31
CA GLY A 79 4.41 -0.88 14.92
C GLY A 79 3.85 -2.11 15.62
N ALA A 80 4.11 -3.27 15.04
CA ALA A 80 3.64 -4.53 15.60
C ALA A 80 4.76 -5.21 16.37
N LYS A 81 4.41 -6.26 17.10
CA LYS A 81 5.39 -6.99 17.89
C LYS A 81 5.76 -8.29 17.20
N PRO A 82 7.06 -8.57 17.09
CA PRO A 82 7.54 -9.86 16.60
C PRO A 82 7.31 -10.97 17.64
N GLY A 1 -10.82 11.14 -3.64
CA GLY A 1 -10.28 10.97 -2.27
C GLY A 1 -8.81 11.31 -2.20
N PRO A 2 -8.37 11.96 -1.10
CA PRO A 2 -6.97 12.38 -0.95
C PRO A 2 -6.04 11.21 -0.64
N GLU A 3 -4.77 11.51 -0.44
CA GLU A 3 -3.79 10.50 -0.10
C GLU A 3 -3.91 10.11 1.37
N HIS A 4 -3.85 8.82 1.65
CA HIS A 4 -3.85 8.32 3.01
C HIS A 4 -2.65 7.41 3.21
N ARG A 5 -2.05 7.46 4.39
CA ARG A 5 -0.92 6.58 4.69
C ARG A 5 -1.43 5.22 5.14
N ALA A 6 -0.85 4.18 4.59
CA ALA A 6 -1.26 2.83 4.92
C ALA A 6 -0.06 1.93 5.11
N VAL A 7 -0.14 1.05 6.09
CA VAL A 7 0.87 0.04 6.29
C VAL A 7 0.27 -1.34 6.16
N GLY A 8 1.06 -2.30 5.70
CA GLY A 8 0.59 -3.65 5.55
C GLY A 8 1.65 -4.59 5.03
N ARG A 9 1.23 -5.71 4.49
CA ARG A 9 2.14 -6.72 4.00
C ARG A 9 1.78 -7.11 2.57
N ILE A 10 2.78 -7.14 1.71
CA ILE A 10 2.57 -7.44 0.31
C ILE A 10 2.04 -8.85 0.15
N GLN A 11 0.99 -8.98 -0.63
CA GLN A 11 0.38 -10.28 -0.86
C GLN A 11 0.88 -10.85 -2.18
N SER A 12 0.96 -9.99 -3.19
CA SER A 12 1.51 -10.37 -4.48
C SER A 12 2.03 -9.13 -5.20
N ILE A 13 2.86 -9.32 -6.21
CA ILE A 13 3.43 -8.20 -6.95
C ILE A 13 2.96 -8.18 -8.39
N GLY A 14 2.98 -6.99 -8.96
CA GLY A 14 2.65 -6.81 -10.35
C GLY A 14 3.41 -5.65 -10.91
N GLU A 15 3.53 -5.61 -12.23
CA GLU A 15 4.33 -4.59 -12.88
C GLU A 15 3.61 -3.24 -12.84
N ARG A 16 2.29 -3.28 -12.85
CA ARG A 16 1.48 -2.05 -12.82
C ARG A 16 0.40 -2.12 -11.75
N SER A 17 0.26 -3.26 -11.10
CA SER A 17 -0.69 -3.41 -10.01
C SER A 17 -0.30 -4.57 -9.12
N LEU A 18 -0.40 -4.39 -7.82
CA LEU A 18 0.01 -5.41 -6.88
C LEU A 18 -0.92 -5.48 -5.68
N ILE A 19 -1.05 -6.67 -5.14
CA ILE A 19 -1.99 -6.93 -4.05
C ILE A 19 -1.29 -6.80 -2.71
N ILE A 20 -1.86 -6.01 -1.82
CA ILE A 20 -1.28 -5.79 -0.51
C ILE A 20 -2.31 -6.01 0.59
N ALA A 21 -1.98 -6.89 1.52
CA ALA A 21 -2.77 -7.07 2.72
C ALA A 21 -2.49 -5.92 3.68
N HIS A 22 -3.29 -4.88 3.59
CA HIS A 22 -3.09 -3.70 4.41
C HIS A 22 -3.91 -3.80 5.69
N GLU A 23 -3.45 -3.13 6.73
CA GLU A 23 -4.21 -3.04 7.96
C GLU A 23 -5.40 -2.13 7.78
N ALA A 24 -6.02 -1.73 8.88
CA ALA A 24 -7.27 -0.96 8.83
C ALA A 24 -7.07 0.41 8.22
N ILE A 25 -5.86 0.94 8.31
CA ILE A 25 -5.54 2.26 7.78
C ILE A 25 -6.37 3.34 8.49
N PRO A 26 -5.89 3.81 9.66
CA PRO A 26 -6.59 4.83 10.44
C PRO A 26 -6.69 6.16 9.69
N SER A 27 -5.87 6.31 8.66
CA SER A 27 -5.84 7.52 7.86
C SER A 27 -7.06 7.58 6.93
N ALA A 28 -7.64 6.43 6.64
CA ALA A 28 -8.73 6.36 5.67
C ALA A 28 -10.01 5.77 6.25
N GLN A 29 -9.94 5.32 7.51
CA GLN A 29 -11.08 4.71 8.19
C GLN A 29 -11.53 3.45 7.44
N TRP A 30 -10.57 2.67 6.99
CA TRP A 30 -10.82 1.43 6.27
C TRP A 30 -10.77 0.24 7.20
N GLY A 31 -11.06 -0.93 6.65
CA GLY A 31 -10.85 -2.15 7.39
C GLY A 31 -9.60 -2.85 6.92
N ALA A 32 -9.16 -3.83 7.70
CA ALA A 32 -7.96 -4.58 7.38
C ALA A 32 -8.30 -5.69 6.38
N MET A 33 -7.81 -5.54 5.16
CA MET A 33 -8.20 -6.43 4.08
C MET A 33 -7.17 -6.41 2.96
N THR A 34 -7.19 -7.45 2.16
CA THR A 34 -6.23 -7.63 1.09
C THR A 34 -6.77 -7.06 -0.21
N MET A 35 -6.25 -5.90 -0.59
CA MET A 35 -6.68 -5.23 -1.82
C MET A 35 -5.51 -4.98 -2.73
N GLU A 36 -5.81 -4.70 -3.99
CA GLU A 36 -4.78 -4.44 -4.98
C GLU A 36 -4.61 -2.94 -5.23
N PHE A 37 -3.37 -2.51 -5.39
CA PHE A 37 -3.04 -1.12 -5.58
C PHE A 37 -2.43 -0.91 -6.96
N ALA A 38 -2.82 0.17 -7.62
CA ALA A 38 -2.28 0.52 -8.92
C ALA A 38 -0.90 1.14 -8.77
N ALA A 39 0.06 0.62 -9.52
CA ALA A 39 1.44 1.05 -9.40
C ALA A 39 1.73 2.19 -10.35
N PRO A 40 2.71 3.04 -10.01
CA PRO A 40 3.18 4.11 -10.89
C PRO A 40 3.69 3.54 -12.22
N PRO A 41 3.49 4.27 -13.33
CA PRO A 41 3.97 3.86 -14.66
C PRO A 41 5.48 3.69 -14.71
N ALA A 42 6.18 4.21 -13.71
CA ALA A 42 7.62 4.09 -13.61
C ALA A 42 8.00 2.79 -12.89
N GLY A 43 7.01 2.07 -12.40
CA GLY A 43 7.25 0.81 -11.75
C GLY A 43 7.50 0.97 -10.27
N LEU A 44 7.68 -0.16 -9.61
CA LEU A 44 7.91 -0.19 -8.17
C LEU A 44 9.39 -0.25 -7.85
N PRO A 45 9.78 0.18 -6.64
CA PRO A 45 11.13 -0.01 -6.13
C PRO A 45 11.41 -1.47 -5.78
N GLN A 46 12.45 -1.69 -5.02
CA GLN A 46 12.84 -3.02 -4.60
C GLN A 46 12.70 -3.16 -3.08
N GLY A 47 12.54 -4.38 -2.61
CA GLY A 47 12.44 -4.62 -1.19
C GLY A 47 10.99 -4.66 -0.72
N LEU A 48 10.07 -4.84 -1.66
CA LEU A 48 8.66 -4.81 -1.37
C LEU A 48 7.92 -5.90 -2.14
N LYS A 49 8.37 -7.14 -2.00
CA LYS A 49 7.78 -8.25 -2.73
C LYS A 49 6.77 -8.98 -1.87
N ALA A 50 6.02 -9.89 -2.49
CA ALA A 50 5.05 -10.71 -1.79
C ALA A 50 5.64 -11.31 -0.50
N GLY A 51 5.07 -10.91 0.63
CA GLY A 51 5.55 -11.38 1.91
C GLY A 51 6.21 -10.28 2.74
N ASP A 52 6.55 -9.17 2.09
CA ASP A 52 7.23 -8.08 2.78
C ASP A 52 6.26 -7.16 3.49
N ARG A 53 6.77 -6.45 4.47
CA ARG A 53 6.00 -5.42 5.12
C ARG A 53 6.49 -4.06 4.64
N VAL A 54 5.56 -3.23 4.18
CA VAL A 54 5.90 -1.92 3.63
C VAL A 54 5.01 -0.82 4.20
N ALA A 55 5.50 0.40 4.15
CA ALA A 55 4.73 1.56 4.55
C ALA A 55 4.49 2.45 3.34
N PHE A 56 3.22 2.63 2.98
CA PHE A 56 2.90 3.26 1.71
C PHE A 56 1.79 4.30 1.84
N SER A 57 1.53 4.99 0.76
CA SER A 57 0.46 5.95 0.68
C SER A 57 -0.29 5.77 -0.63
N PHE A 58 -1.59 6.02 -0.62
CA PHE A 58 -2.38 5.85 -1.82
C PHE A 58 -3.43 6.94 -1.94
N ARG A 59 -3.77 7.27 -3.18
CA ARG A 59 -4.83 8.20 -3.47
C ARG A 59 -6.06 7.44 -3.94
N LEU A 60 -7.24 7.95 -3.62
CA LEU A 60 -8.47 7.26 -3.94
C LEU A 60 -9.22 7.93 -5.07
N ASP A 61 -9.62 7.13 -6.05
CA ASP A 61 -10.49 7.59 -7.11
C ASP A 61 -11.93 7.38 -6.70
N PRO A 62 -12.89 7.99 -7.42
CA PRO A 62 -14.32 7.91 -7.09
C PRO A 62 -14.91 6.54 -7.38
N HIS A 63 -14.08 5.63 -7.86
CA HIS A 63 -14.49 4.25 -8.09
C HIS A 63 -14.05 3.36 -6.95
N GLY A 64 -13.38 3.96 -5.97
CA GLY A 64 -12.83 3.19 -4.88
C GLY A 64 -11.52 2.56 -5.27
N MET A 65 -10.85 3.16 -6.26
CA MET A 65 -9.59 2.66 -6.76
C MET A 65 -8.44 3.23 -5.94
N ALA A 66 -7.41 2.43 -5.75
CA ALA A 66 -6.33 2.81 -4.86
C ALA A 66 -5.03 2.91 -5.64
N THR A 67 -4.59 4.13 -5.85
CA THR A 67 -3.39 4.37 -6.62
C THR A 67 -2.21 4.57 -5.69
N LEU A 68 -1.23 3.69 -5.81
CA LEU A 68 -0.07 3.71 -4.94
C LEU A 68 0.84 4.88 -5.27
N VAL A 69 0.94 5.81 -4.33
CA VAL A 69 1.74 7.00 -4.53
C VAL A 69 3.19 6.73 -4.19
N THR A 70 3.42 6.30 -2.95
CA THR A 70 4.76 5.98 -2.48
C THR A 70 4.72 4.75 -1.61
N VAL A 71 5.78 3.96 -1.62
CA VAL A 71 5.89 2.83 -0.73
C VAL A 71 7.34 2.60 -0.32
N ALA A 72 7.58 2.61 0.97
CA ALA A 72 8.90 2.37 1.51
C ALA A 72 8.94 1.05 2.26
N PRO A 73 9.95 0.21 1.99
CA PRO A 73 10.13 -1.07 2.69
C PRO A 73 10.14 -0.89 4.20
N GLN A 74 9.13 -1.46 4.86
CA GLN A 74 8.99 -1.38 6.29
C GLN A 74 9.73 -2.51 6.97
N VAL A 75 9.75 -2.45 8.28
CA VAL A 75 10.32 -3.51 9.08
C VAL A 75 9.40 -3.75 10.28
N GLN A 76 8.49 -4.71 10.10
CA GLN A 76 7.45 -5.02 11.08
C GLN A 76 6.75 -3.75 11.55
N THR A 77 6.21 -3.75 12.75
CA THR A 77 5.68 -2.55 13.32
C THR A 77 6.83 -1.69 13.83
N ALA A 78 7.17 -0.67 13.06
CA ALA A 78 8.35 0.15 13.31
C ALA A 78 8.11 1.19 14.40
N GLY A 79 7.12 0.96 15.24
CA GLY A 79 6.84 1.89 16.32
C GLY A 79 5.37 2.00 16.59
N ALA A 80 4.96 3.16 17.08
CA ALA A 80 3.56 3.41 17.43
C ALA A 80 3.15 4.79 16.96
N LYS A 81 1.89 4.93 16.57
CA LYS A 81 1.37 6.21 16.11
C LYS A 81 0.49 6.86 17.17
N PRO A 82 0.72 8.15 17.43
CA PRO A 82 -0.16 8.94 18.30
C PRO A 82 -1.56 9.06 17.71
N GLY A 1 -8.42 13.18 -5.81
CA GLY A 1 -9.13 12.78 -4.57
C GLY A 1 -8.20 12.78 -3.36
N PRO A 2 -8.69 12.37 -2.19
CA PRO A 2 -7.90 12.36 -0.95
C PRO A 2 -6.80 11.30 -0.96
N GLU A 3 -5.69 11.62 -0.32
CA GLU A 3 -4.54 10.72 -0.25
C GLU A 3 -4.37 10.25 1.19
N HIS A 4 -4.17 8.96 1.37
CA HIS A 4 -4.10 8.38 2.70
C HIS A 4 -2.93 7.42 2.81
N ARG A 5 -2.48 7.14 4.03
CA ARG A 5 -1.39 6.20 4.23
C ARG A 5 -1.89 4.89 4.82
N ALA A 6 -1.10 3.85 4.65
CA ALA A 6 -1.41 2.54 5.19
C ALA A 6 -0.15 1.69 5.30
N VAL A 7 -0.15 0.75 6.23
CA VAL A 7 0.94 -0.21 6.32
C VAL A 7 0.40 -1.61 6.08
N GLY A 8 1.22 -2.46 5.49
CA GLY A 8 0.76 -3.80 5.17
C GLY A 8 1.87 -4.71 4.75
N ARG A 9 1.50 -5.97 4.53
CA ARG A 9 2.42 -6.96 4.02
C ARG A 9 2.02 -7.31 2.61
N ILE A 10 2.99 -7.27 1.71
CA ILE A 10 2.71 -7.52 0.31
C ILE A 10 2.11 -8.90 0.10
N GLN A 11 0.99 -8.94 -0.59
CA GLN A 11 0.30 -10.18 -0.85
C GLN A 11 0.82 -10.80 -2.13
N SER A 12 1.00 -9.96 -3.14
CA SER A 12 1.56 -10.40 -4.42
C SER A 12 1.82 -9.21 -5.33
N ILE A 13 2.71 -9.39 -6.29
CA ILE A 13 3.03 -8.35 -7.25
C ILE A 13 2.45 -8.70 -8.61
N GLY A 14 1.82 -7.72 -9.24
CA GLY A 14 1.23 -7.93 -10.55
C GLY A 14 2.01 -7.24 -11.65
N GLU A 15 1.33 -7.02 -12.77
CA GLU A 15 1.96 -6.41 -13.93
C GLU A 15 2.15 -4.91 -13.69
N ARG A 16 1.10 -4.29 -13.19
CA ARG A 16 1.09 -2.85 -12.95
C ARG A 16 0.31 -2.53 -11.69
N SER A 17 0.06 -3.54 -10.89
CA SER A 17 -0.65 -3.38 -9.64
C SER A 17 -0.31 -4.52 -8.70
N LEU A 18 -0.20 -4.22 -7.43
CA LEU A 18 0.17 -5.25 -6.46
C LEU A 18 -0.86 -5.31 -5.35
N ILE A 19 -1.16 -6.51 -4.91
CA ILE A 19 -2.11 -6.71 -3.83
C ILE A 19 -1.37 -6.67 -2.51
N ILE A 20 -1.84 -5.85 -1.59
CA ILE A 20 -1.19 -5.69 -0.30
C ILE A 20 -2.18 -5.93 0.83
N ALA A 21 -1.83 -6.83 1.74
CA ALA A 21 -2.60 -7.03 2.94
C ALA A 21 -2.31 -5.90 3.91
N HIS A 22 -3.10 -4.86 3.82
CA HIS A 22 -2.89 -3.68 4.65
C HIS A 22 -3.77 -3.74 5.89
N GLU A 23 -3.38 -2.97 6.89
CA GLU A 23 -4.17 -2.83 8.11
C GLU A 23 -5.52 -2.14 7.83
N ALA A 24 -6.18 -1.69 8.88
CA ALA A 24 -7.54 -1.16 8.76
C ALA A 24 -7.60 0.07 7.88
N ILE A 25 -6.59 0.91 8.00
CA ILE A 25 -6.56 2.22 7.34
C ILE A 25 -7.57 3.16 7.98
N PRO A 26 -7.17 3.80 9.09
CA PRO A 26 -8.01 4.77 9.82
C PRO A 26 -8.19 6.05 9.01
N SER A 27 -7.54 6.10 7.87
CA SER A 27 -7.60 7.24 6.98
C SER A 27 -8.76 7.09 6.00
N ALA A 28 -9.22 5.86 5.78
CA ALA A 28 -10.27 5.60 4.80
C ALA A 28 -11.46 4.91 5.42
N GLN A 29 -11.40 4.67 6.73
CA GLN A 29 -12.49 4.05 7.47
C GLN A 29 -12.74 2.61 7.02
N TRP A 30 -11.67 1.94 6.62
CA TRP A 30 -11.76 0.55 6.20
C TRP A 30 -11.43 -0.37 7.36
N GLY A 31 -11.62 -1.67 7.17
CA GLY A 31 -11.43 -2.62 8.24
C GLY A 31 -10.44 -3.72 7.90
N ALA A 32 -9.34 -3.35 7.25
CA ALA A 32 -8.25 -4.27 6.94
C ALA A 32 -8.67 -5.35 5.93
N MET A 33 -8.06 -5.31 4.75
CA MET A 33 -8.38 -6.26 3.69
C MET A 33 -7.31 -6.26 2.63
N THR A 34 -7.23 -7.35 1.87
CA THR A 34 -6.28 -7.51 0.81
C THR A 34 -6.70 -6.74 -0.44
N MET A 35 -6.05 -5.62 -0.67
CA MET A 35 -6.41 -4.75 -1.78
C MET A 35 -5.26 -4.57 -2.76
N GLU A 36 -5.59 -4.53 -4.04
CA GLU A 36 -4.60 -4.36 -5.10
C GLU A 36 -4.47 -2.87 -5.46
N PHE A 37 -3.26 -2.35 -5.33
CA PHE A 37 -3.00 -0.93 -5.61
C PHE A 37 -2.33 -0.77 -6.97
N ALA A 38 -2.79 0.21 -7.72
CA ALA A 38 -2.27 0.48 -9.06
C ALA A 38 -0.90 1.16 -8.98
N ALA A 39 0.03 0.71 -9.81
CA ALA A 39 1.38 1.24 -9.79
C ALA A 39 1.45 2.62 -10.40
N PRO A 40 2.25 3.50 -9.80
CA PRO A 40 2.48 4.85 -10.33
C PRO A 40 3.29 4.80 -11.63
N PRO A 41 3.24 5.87 -12.44
CA PRO A 41 3.96 5.96 -13.71
C PRO A 41 5.48 5.82 -13.54
N ALA A 42 5.96 6.01 -12.32
CA ALA A 42 7.39 5.91 -12.03
C ALA A 42 7.81 4.46 -11.82
N GLY A 43 6.85 3.58 -11.63
CA GLY A 43 7.17 2.19 -11.40
C GLY A 43 7.20 1.82 -9.94
N LEU A 44 7.44 0.56 -9.65
CA LEU A 44 7.51 0.09 -8.28
C LEU A 44 8.95 0.04 -7.79
N PRO A 45 9.18 0.45 -6.54
CA PRO A 45 10.46 0.28 -5.84
C PRO A 45 10.90 -1.16 -5.69
N GLN A 46 12.03 -1.34 -5.04
CA GLN A 46 12.55 -2.65 -4.78
C GLN A 46 12.55 -2.90 -3.28
N GLY A 47 11.72 -3.83 -2.89
CA GLY A 47 11.57 -4.19 -1.49
C GLY A 47 10.12 -4.34 -1.09
N LEU A 48 9.30 -4.68 -2.07
CA LEU A 48 7.86 -4.79 -1.87
C LEU A 48 7.29 -6.06 -2.51
N LYS A 49 7.92 -7.20 -2.25
CA LYS A 49 7.47 -8.46 -2.85
C LYS A 49 6.56 -9.20 -1.89
N ALA A 50 5.89 -10.23 -2.39
CA ALA A 50 5.02 -11.07 -1.56
C ALA A 50 5.73 -11.49 -0.27
N GLY A 51 5.25 -10.99 0.85
CA GLY A 51 5.85 -11.32 2.12
C GLY A 51 6.59 -10.14 2.75
N ASP A 52 6.84 -9.11 1.96
CA ASP A 52 7.53 -7.93 2.48
C ASP A 52 6.55 -7.01 3.18
N ARG A 53 6.97 -6.42 4.28
CA ARG A 53 6.16 -5.45 4.96
C ARG A 53 6.59 -4.04 4.55
N VAL A 54 5.66 -3.26 4.04
CA VAL A 54 5.97 -1.94 3.55
C VAL A 54 5.04 -0.89 4.15
N ALA A 55 5.55 0.34 4.26
CA ALA A 55 4.74 1.47 4.70
C ALA A 55 4.52 2.39 3.51
N PHE A 56 3.25 2.65 3.19
CA PHE A 56 2.94 3.31 1.93
C PHE A 56 1.80 4.31 2.07
N SER A 57 1.59 5.05 0.98
CA SER A 57 0.46 5.96 0.87
C SER A 57 -0.24 5.72 -0.47
N PHE A 58 -1.55 5.86 -0.46
CA PHE A 58 -2.33 5.68 -1.67
C PHE A 58 -3.27 6.86 -1.86
N ARG A 59 -3.55 7.18 -3.10
CA ARG A 59 -4.40 8.29 -3.43
C ARG A 59 -5.67 7.80 -4.09
N LEU A 60 -6.80 8.07 -3.45
CA LEU A 60 -8.10 7.64 -3.95
C LEU A 60 -8.69 8.70 -4.86
N ASP A 61 -9.32 8.26 -5.93
CA ASP A 61 -10.06 9.18 -6.78
C ASP A 61 -11.55 9.07 -6.51
N PRO A 62 -12.36 9.98 -7.06
CA PRO A 62 -13.81 10.00 -6.85
C PRO A 62 -14.48 8.77 -7.46
N HIS A 63 -13.72 8.03 -8.26
CA HIS A 63 -14.23 6.85 -8.94
C HIS A 63 -14.13 5.65 -8.01
N GLY A 64 -13.17 5.72 -7.11
CA GLY A 64 -12.98 4.66 -6.14
C GLY A 64 -11.81 3.76 -6.48
N MET A 65 -10.80 4.31 -7.13
CA MET A 65 -9.60 3.54 -7.44
C MET A 65 -8.49 3.93 -6.46
N ALA A 66 -7.74 2.94 -6.01
CA ALA A 66 -6.71 3.18 -5.03
C ALA A 66 -5.34 3.09 -5.70
N THR A 67 -4.76 4.24 -5.95
CA THR A 67 -3.50 4.31 -6.66
C THR A 67 -2.36 4.45 -5.69
N LEU A 68 -1.32 3.66 -5.90
CA LEU A 68 -0.17 3.69 -5.02
C LEU A 68 0.68 4.92 -5.30
N VAL A 69 0.87 5.74 -4.29
CA VAL A 69 1.63 6.97 -4.43
C VAL A 69 3.10 6.69 -4.15
N THR A 70 3.38 6.29 -2.93
CA THR A 70 4.74 5.99 -2.50
C THR A 70 4.72 4.83 -1.51
N VAL A 71 5.74 3.99 -1.58
CA VAL A 71 5.86 2.86 -0.67
C VAL A 71 7.30 2.67 -0.26
N ALA A 72 7.54 2.57 1.03
CA ALA A 72 8.88 2.36 1.55
C ALA A 72 8.92 1.07 2.36
N PRO A 73 9.87 0.18 2.04
CA PRO A 73 10.06 -1.07 2.77
C PRO A 73 10.19 -0.83 4.26
N GLN A 74 9.31 -1.45 5.03
CA GLN A 74 9.29 -1.28 6.47
C GLN A 74 9.89 -2.50 7.13
N VAL A 75 10.01 -2.44 8.44
CA VAL A 75 10.57 -3.53 9.21
C VAL A 75 9.68 -3.81 10.40
N GLN A 76 8.51 -4.36 10.11
CA GLN A 76 7.45 -4.54 11.08
C GLN A 76 6.85 -3.18 11.42
N THR A 77 5.94 -3.15 12.38
CA THR A 77 5.22 -1.92 12.71
C THR A 77 6.16 -0.87 13.29
N ALA A 78 6.61 0.02 12.41
CA ALA A 78 7.52 1.09 12.78
C ALA A 78 6.98 2.42 12.27
N GLY A 79 6.23 3.11 13.12
CA GLY A 79 5.58 4.33 12.70
C GLY A 79 6.39 5.57 13.04
N ALA A 80 6.17 6.62 12.26
CA ALA A 80 6.80 7.92 12.48
C ALA A 80 8.32 7.82 12.32
N LYS A 81 9.03 8.82 12.82
CA LYS A 81 10.49 8.80 12.82
C LYS A 81 11.02 8.30 14.15
N PRO A 82 11.58 7.09 14.18
CA PRO A 82 12.24 6.54 15.37
C PRO A 82 13.45 7.36 15.76
N GLY A 1 -8.48 12.29 -6.36
CA GLY A 1 -8.51 11.25 -5.31
C GLY A 1 -7.52 11.54 -4.21
N PRO A 2 -8.01 11.69 -2.97
CA PRO A 2 -7.17 12.04 -1.81
C PRO A 2 -6.18 10.93 -1.45
N GLU A 3 -4.96 11.33 -1.13
CA GLU A 3 -3.90 10.38 -0.78
C GLU A 3 -3.88 10.16 0.73
N HIS A 4 -3.81 8.89 1.13
CA HIS A 4 -3.78 8.53 2.54
C HIS A 4 -2.60 7.59 2.79
N ARG A 5 -2.22 7.42 4.05
CA ARG A 5 -1.13 6.54 4.41
C ARG A 5 -1.65 5.17 4.82
N ALA A 6 -0.89 4.12 4.53
CA ALA A 6 -1.28 2.78 4.94
C ALA A 6 -0.06 1.88 5.08
N VAL A 7 -0.14 0.96 6.02
CA VAL A 7 0.87 -0.07 6.19
C VAL A 7 0.26 -1.45 6.01
N GLY A 8 1.08 -2.44 5.69
CA GLY A 8 0.58 -3.80 5.54
C GLY A 8 1.62 -4.75 4.99
N ARG A 9 1.19 -5.95 4.60
CA ARG A 9 2.09 -6.96 4.06
C ARG A 9 1.77 -7.18 2.60
N ILE A 10 2.79 -7.25 1.77
CA ILE A 10 2.60 -7.47 0.36
C ILE A 10 2.05 -8.87 0.12
N GLN A 11 1.03 -8.97 -0.69
CA GLN A 11 0.43 -10.25 -1.00
C GLN A 11 0.99 -10.77 -2.31
N SER A 12 0.99 -9.90 -3.32
CA SER A 12 1.61 -10.20 -4.61
C SER A 12 1.88 -8.91 -5.36
N ILE A 13 2.96 -8.90 -6.14
CA ILE A 13 3.29 -7.76 -6.98
C ILE A 13 2.93 -8.06 -8.42
N GLY A 14 2.29 -7.09 -9.07
CA GLY A 14 1.99 -7.21 -10.47
C GLY A 14 2.79 -6.22 -11.29
N GLU A 15 2.52 -6.16 -12.59
CA GLU A 15 3.26 -5.29 -13.49
C GLU A 15 2.69 -3.89 -13.47
N ARG A 16 1.47 -3.76 -12.97
CA ARG A 16 0.79 -2.48 -12.91
C ARG A 16 -0.11 -2.36 -11.70
N SER A 17 -0.25 -3.45 -10.96
CA SER A 17 -1.04 -3.44 -9.74
C SER A 17 -0.59 -4.53 -8.80
N LEU A 18 -0.56 -4.22 -7.52
CA LEU A 18 -0.09 -5.17 -6.52
C LEU A 18 -1.17 -5.39 -5.48
N ILE A 19 -1.46 -6.64 -5.18
CA ILE A 19 -2.39 -6.95 -4.11
C ILE A 19 -1.65 -6.92 -2.79
N ILE A 20 -2.14 -6.10 -1.87
CA ILE A 20 -1.47 -5.94 -0.59
C ILE A 20 -2.46 -6.12 0.55
N ALA A 21 -2.06 -6.92 1.53
CA ALA A 21 -2.85 -7.05 2.74
C ALA A 21 -2.49 -5.93 3.70
N HIS A 22 -3.18 -4.83 3.58
CA HIS A 22 -2.96 -3.68 4.44
C HIS A 22 -3.75 -3.83 5.72
N GLU A 23 -3.31 -3.17 6.78
CA GLU A 23 -4.04 -3.18 8.03
C GLU A 23 -5.33 -2.35 7.90
N ALA A 24 -5.87 -1.90 9.03
CA ALA A 24 -7.18 -1.25 9.05
C ALA A 24 -7.24 -0.03 8.15
N ILE A 25 -6.24 0.83 8.25
CA ILE A 25 -6.22 2.11 7.53
C ILE A 25 -7.28 3.06 8.10
N PRO A 26 -6.89 3.90 9.07
CA PRO A 26 -7.81 4.86 9.69
C PRO A 26 -8.29 5.92 8.71
N SER A 27 -7.42 6.33 7.80
CA SER A 27 -7.72 7.40 6.85
C SER A 27 -8.82 6.99 5.87
N ALA A 28 -8.95 5.69 5.64
CA ALA A 28 -9.96 5.17 4.72
C ALA A 28 -11.09 4.49 5.50
N GLN A 29 -10.93 4.44 6.82
CA GLN A 29 -11.92 3.84 7.72
C GLN A 29 -12.23 2.39 7.32
N TRP A 30 -11.19 1.67 6.92
CA TRP A 30 -11.34 0.28 6.57
C TRP A 30 -11.02 -0.61 7.76
N GLY A 31 -11.23 -1.90 7.61
CA GLY A 31 -11.00 -2.83 8.69
C GLY A 31 -10.09 -3.95 8.29
N ALA A 32 -9.05 -3.61 7.51
CA ALA A 32 -8.05 -4.57 7.03
C ALA A 32 -8.63 -5.53 6.01
N MET A 33 -8.01 -5.58 4.83
CA MET A 33 -8.47 -6.47 3.76
C MET A 33 -7.48 -6.44 2.60
N THR A 34 -7.45 -7.53 1.85
CA THR A 34 -6.60 -7.64 0.68
C THR A 34 -7.13 -6.81 -0.47
N MET A 35 -6.47 -5.69 -0.74
CA MET A 35 -6.87 -4.83 -1.85
C MET A 35 -5.76 -4.72 -2.87
N GLU A 36 -6.14 -4.39 -4.09
CA GLU A 36 -5.19 -4.24 -5.17
C GLU A 36 -4.84 -2.78 -5.36
N PHE A 37 -3.55 -2.48 -5.32
CA PHE A 37 -3.05 -1.13 -5.45
C PHE A 37 -2.45 -0.91 -6.83
N ALA A 38 -2.86 0.16 -7.49
CA ALA A 38 -2.36 0.49 -8.82
C ALA A 38 -0.95 1.06 -8.72
N ALA A 39 -0.09 0.67 -9.64
CA ALA A 39 1.29 1.10 -9.63
C ALA A 39 1.50 2.27 -10.57
N PRO A 40 2.39 3.21 -10.20
CA PRO A 40 2.80 4.29 -11.08
C PRO A 40 3.49 3.75 -12.33
N PRO A 41 3.37 4.47 -13.46
CA PRO A 41 3.93 4.01 -14.75
C PRO A 41 5.43 3.76 -14.70
N ALA A 42 6.10 4.35 -13.71
CA ALA A 42 7.54 4.17 -13.54
C ALA A 42 7.87 2.77 -13.05
N GLY A 43 6.91 2.11 -12.43
CA GLY A 43 7.13 0.78 -11.93
C GLY A 43 7.46 0.77 -10.45
N LEU A 44 7.50 -0.43 -9.89
CA LEU A 44 7.75 -0.60 -8.46
C LEU A 44 9.23 -0.78 -8.19
N PRO A 45 9.67 -0.40 -6.99
CA PRO A 45 11.04 -0.64 -6.53
C PRO A 45 11.24 -2.10 -6.14
N GLN A 46 12.33 -2.36 -5.45
CA GLN A 46 12.64 -3.71 -5.00
C GLN A 46 12.65 -3.79 -3.48
N GLY A 47 12.52 -4.99 -2.96
CA GLY A 47 12.56 -5.18 -1.53
C GLY A 47 11.20 -5.02 -0.89
N LEU A 48 10.18 -5.00 -1.73
CA LEU A 48 8.81 -4.82 -1.29
C LEU A 48 7.88 -5.80 -2.01
N LYS A 49 8.32 -7.04 -2.09
CA LYS A 49 7.62 -8.07 -2.86
C LYS A 49 6.71 -8.89 -1.94
N ALA A 50 6.04 -9.89 -2.52
CA ALA A 50 5.11 -10.74 -1.78
C ALA A 50 5.73 -11.26 -0.48
N GLY A 51 5.14 -10.87 0.64
CA GLY A 51 5.64 -11.29 1.93
C GLY A 51 6.29 -10.16 2.70
N ASP A 52 6.70 -9.12 1.98
CA ASP A 52 7.41 -8.01 2.61
C ASP A 52 6.45 -7.07 3.31
N ARG A 53 6.99 -6.30 4.22
CA ARG A 53 6.23 -5.30 4.94
C ARG A 53 6.67 -3.92 4.50
N VAL A 54 5.74 -3.14 3.98
CA VAL A 54 6.06 -1.79 3.52
C VAL A 54 5.09 -0.75 4.09
N ALA A 55 5.61 0.45 4.25
CA ALA A 55 4.80 1.59 4.68
C ALA A 55 4.61 2.53 3.49
N PHE A 56 3.37 2.74 3.09
CA PHE A 56 3.09 3.42 1.83
C PHE A 56 1.99 4.46 1.92
N SER A 57 1.90 5.27 0.89
CA SER A 57 0.79 6.19 0.72
C SER A 57 0.08 5.89 -0.60
N PHE A 58 -1.23 5.99 -0.60
CA PHE A 58 -2.02 5.68 -1.78
C PHE A 58 -3.22 6.63 -1.87
N ARG A 59 -3.79 6.75 -3.05
CA ARG A 59 -4.99 7.58 -3.20
C ARG A 59 -6.21 6.70 -3.32
N LEU A 60 -7.38 7.29 -3.10
CA LEU A 60 -8.63 6.63 -3.38
C LEU A 60 -9.31 7.27 -4.56
N ASP A 61 -9.48 6.51 -5.62
CA ASP A 61 -10.11 6.99 -6.82
C ASP A 61 -11.62 6.89 -6.65
N PRO A 62 -12.42 7.51 -7.54
CA PRO A 62 -13.87 7.67 -7.32
C PRO A 62 -14.63 6.38 -7.04
N HIS A 63 -14.09 5.25 -7.46
CA HIS A 63 -14.77 3.97 -7.27
C HIS A 63 -14.39 3.34 -5.94
N GLY A 64 -13.40 3.92 -5.28
CA GLY A 64 -12.86 3.32 -4.08
C GLY A 64 -11.63 2.50 -4.41
N MET A 65 -10.95 2.91 -5.47
CA MET A 65 -9.76 2.22 -5.97
C MET A 65 -8.53 2.76 -5.29
N ALA A 66 -7.56 1.89 -5.07
CA ALA A 66 -6.35 2.26 -4.36
C ALA A 66 -5.16 2.33 -5.32
N THR A 67 -4.54 3.48 -5.41
CA THR A 67 -3.39 3.65 -6.27
C THR A 67 -2.18 4.07 -5.45
N LEU A 68 -1.09 3.34 -5.57
CA LEU A 68 0.11 3.63 -4.80
C LEU A 68 0.79 4.88 -5.31
N VAL A 69 1.30 5.66 -4.39
CA VAL A 69 2.03 6.87 -4.74
C VAL A 69 3.50 6.70 -4.39
N THR A 70 3.76 6.35 -3.14
CA THR A 70 5.12 6.13 -2.67
C THR A 70 5.11 5.03 -1.60
N VAL A 71 6.15 4.20 -1.59
CA VAL A 71 6.23 3.11 -0.63
C VAL A 71 7.65 2.90 -0.14
N ALA A 72 7.80 2.77 1.18
CA ALA A 72 9.09 2.53 1.79
C ALA A 72 9.06 1.26 2.61
N PRO A 73 10.07 0.39 2.45
CA PRO A 73 10.18 -0.87 3.19
C PRO A 73 10.23 -0.64 4.71
N GLN A 74 9.36 -1.33 5.42
CA GLN A 74 9.25 -1.21 6.87
C GLN A 74 9.54 -2.55 7.52
N VAL A 75 9.58 -2.54 8.84
CA VAL A 75 9.84 -3.73 9.61
C VAL A 75 8.85 -3.78 10.78
N GLN A 76 7.61 -4.13 10.45
CA GLN A 76 6.47 -3.96 11.35
C GLN A 76 6.20 -2.47 11.53
N THR A 77 5.03 -2.11 12.02
CA THR A 77 4.68 -0.71 12.19
C THR A 77 5.67 -0.02 13.14
N ALA A 78 6.62 0.67 12.54
CA ALA A 78 7.68 1.35 13.28
C ALA A 78 7.30 2.80 13.53
N GLY A 79 6.05 3.13 13.25
CA GLY A 79 5.58 4.49 13.39
C GLY A 79 5.91 5.32 12.17
N ALA A 80 7.17 5.67 12.03
CA ALA A 80 7.64 6.50 10.92
C ALA A 80 6.87 7.82 10.85
N LYS A 81 7.09 8.63 11.87
CA LYS A 81 6.42 9.92 11.97
C LYS A 81 7.42 11.04 11.71
N PRO A 82 6.94 12.24 11.35
CA PRO A 82 7.82 13.41 11.15
C PRO A 82 8.60 13.77 12.41
N GLY A 1 -7.20 11.42 -6.70
CA GLY A 1 -7.91 11.29 -5.40
C GLY A 1 -7.02 11.69 -4.25
N PRO A 2 -7.61 12.04 -3.10
CA PRO A 2 -6.84 12.42 -1.89
C PRO A 2 -5.90 11.32 -1.44
N GLU A 3 -4.70 11.72 -1.02
CA GLU A 3 -3.69 10.77 -0.60
C GLU A 3 -3.86 10.43 0.87
N HIS A 4 -3.86 9.14 1.17
CA HIS A 4 -3.95 8.63 2.53
C HIS A 4 -2.82 7.66 2.76
N ARG A 5 -2.34 7.53 3.99
CA ARG A 5 -1.27 6.59 4.27
C ARG A 5 -1.80 5.29 4.82
N ALA A 6 -1.02 4.23 4.63
CA ALA A 6 -1.35 2.92 5.15
C ALA A 6 -0.11 2.05 5.24
N VAL A 7 -0.20 1.02 6.07
CA VAL A 7 0.83 0.00 6.13
C VAL A 7 0.21 -1.37 5.87
N GLY A 8 0.95 -2.26 5.25
CA GLY A 8 0.42 -3.57 4.95
C GLY A 8 1.47 -4.55 4.48
N ARG A 9 1.06 -5.78 4.23
CA ARG A 9 1.96 -6.82 3.79
C ARG A 9 1.66 -7.21 2.35
N ILE A 10 2.69 -7.35 1.54
CA ILE A 10 2.52 -7.67 0.14
C ILE A 10 2.06 -9.11 -0.05
N GLN A 11 1.08 -9.28 -0.92
CA GLN A 11 0.61 -10.62 -1.29
C GLN A 11 1.31 -11.07 -2.57
N SER A 12 1.35 -10.17 -3.54
CA SER A 12 1.95 -10.45 -4.83
C SER A 12 2.30 -9.15 -5.53
N ILE A 13 3.22 -9.22 -6.50
CA ILE A 13 3.64 -8.04 -7.26
C ILE A 13 3.25 -8.17 -8.73
N GLY A 14 2.88 -7.05 -9.31
CA GLY A 14 2.61 -6.97 -10.74
C GLY A 14 3.29 -5.77 -11.34
N GLU A 15 3.20 -5.60 -12.65
CA GLU A 15 3.83 -4.48 -13.33
C GLU A 15 3.23 -3.14 -12.91
N ARG A 16 1.90 -3.07 -12.95
CA ARG A 16 1.22 -1.80 -12.67
C ARG A 16 0.12 -1.98 -11.64
N SER A 17 -0.01 -3.18 -11.10
CA SER A 17 -0.91 -3.43 -9.99
C SER A 17 -0.45 -4.64 -9.19
N LEU A 18 -0.63 -4.57 -7.88
CA LEU A 18 -0.20 -5.63 -7.00
C LEU A 18 -1.11 -5.70 -5.77
N ILE A 19 -1.17 -6.87 -5.16
CA ILE A 19 -2.10 -7.09 -4.07
C ILE A 19 -1.40 -6.92 -2.73
N ILE A 20 -1.98 -6.11 -1.86
CA ILE A 20 -1.41 -5.83 -0.55
C ILE A 20 -2.46 -6.03 0.54
N ALA A 21 -2.10 -6.81 1.55
CA ALA A 21 -2.94 -6.96 2.72
C ALA A 21 -2.59 -5.87 3.71
N HIS A 22 -3.30 -4.76 3.60
CA HIS A 22 -3.02 -3.61 4.43
C HIS A 22 -3.73 -3.72 5.76
N GLU A 23 -3.17 -3.06 6.76
CA GLU A 23 -3.76 -2.99 8.09
C GLU A 23 -5.08 -2.20 8.05
N ALA A 24 -5.57 -1.83 9.23
CA ALA A 24 -6.85 -1.15 9.36
C ALA A 24 -6.91 0.13 8.52
N ILE A 25 -5.87 0.94 8.61
CA ILE A 25 -5.81 2.22 7.91
C ILE A 25 -6.69 3.26 8.61
N PRO A 26 -6.11 4.03 9.53
CA PRO A 26 -6.85 5.06 10.28
C PRO A 26 -7.17 6.28 9.42
N SER A 27 -6.60 6.32 8.23
CA SER A 27 -6.84 7.40 7.29
C SER A 27 -8.16 7.18 6.55
N ALA A 28 -8.64 5.94 6.56
CA ALA A 28 -9.88 5.60 5.88
C ALA A 28 -10.88 4.95 6.84
N GLN A 29 -10.41 4.62 8.05
CA GLN A 29 -11.24 3.95 9.06
C GLN A 29 -11.66 2.57 8.60
N TRP A 30 -10.78 1.90 7.86
CA TRP A 30 -11.03 0.53 7.40
C TRP A 30 -10.63 -0.47 8.48
N GLY A 31 -10.93 -1.74 8.25
CA GLY A 31 -10.65 -2.75 9.26
C GLY A 31 -9.73 -3.85 8.75
N ALA A 32 -8.76 -3.45 7.93
CA ALA A 32 -7.75 -4.37 7.38
C ALA A 32 -8.38 -5.34 6.37
N MET A 33 -7.77 -5.42 5.19
CA MET A 33 -8.24 -6.30 4.13
C MET A 33 -7.26 -6.35 2.97
N THR A 34 -7.18 -7.51 2.34
CA THR A 34 -6.32 -7.72 1.19
C THR A 34 -6.92 -7.05 -0.04
N MET A 35 -6.30 -5.98 -0.48
CA MET A 35 -6.78 -5.24 -1.64
C MET A 35 -5.68 -5.05 -2.67
N GLU A 36 -6.10 -4.81 -3.91
CA GLU A 36 -5.17 -4.57 -5.00
C GLU A 36 -4.88 -3.08 -5.12
N PHE A 37 -3.62 -2.74 -5.32
CA PHE A 37 -3.21 -1.36 -5.46
C PHE A 37 -2.66 -1.13 -6.86
N ALA A 38 -3.02 0.00 -7.43
CA ALA A 38 -2.60 0.35 -8.78
C ALA A 38 -1.38 1.25 -8.73
N ALA A 39 -0.38 0.91 -9.52
CA ALA A 39 0.85 1.68 -9.57
C ALA A 39 0.91 2.48 -10.86
N PRO A 40 1.68 3.59 -10.86
CA PRO A 40 1.93 4.37 -12.07
C PRO A 40 2.80 3.58 -13.05
N PRO A 41 2.78 3.96 -14.34
CA PRO A 41 3.57 3.29 -15.39
C PRO A 41 5.07 3.27 -15.09
N ALA A 42 5.49 4.12 -14.16
CA ALA A 42 6.88 4.18 -13.74
C ALA A 42 7.33 2.83 -13.16
N GLY A 43 6.42 2.16 -12.46
CA GLY A 43 6.72 0.86 -11.91
C GLY A 43 7.17 0.91 -10.47
N LEU A 44 7.20 -0.24 -9.82
CA LEU A 44 7.57 -0.35 -8.42
C LEU A 44 9.04 -0.69 -8.26
N PRO A 45 9.67 -0.22 -7.16
CA PRO A 45 11.03 -0.62 -6.81
C PRO A 45 11.06 -2.00 -6.17
N GLN A 46 12.16 -2.31 -5.53
CA GLN A 46 12.26 -3.54 -4.75
C GLN A 46 12.15 -3.22 -3.28
N GLY A 47 12.17 -4.25 -2.45
CA GLY A 47 12.00 -4.05 -1.03
C GLY A 47 10.55 -4.14 -0.62
N LEU A 48 9.72 -4.58 -1.56
CA LEU A 48 8.29 -4.65 -1.35
C LEU A 48 7.68 -5.88 -2.04
N LYS A 49 8.29 -7.04 -1.84
CA LYS A 49 7.88 -8.23 -2.57
C LYS A 49 6.88 -9.03 -1.78
N ALA A 50 6.22 -9.98 -2.43
CA ALA A 50 5.27 -10.86 -1.77
C ALA A 50 5.85 -11.44 -0.48
N GLY A 51 5.37 -10.95 0.65
CA GLY A 51 5.88 -11.39 1.93
C GLY A 51 6.42 -10.24 2.77
N ASP A 52 6.77 -9.14 2.11
CA ASP A 52 7.30 -7.97 2.80
C ASP A 52 6.18 -7.17 3.41
N ARG A 53 6.49 -6.44 4.46
CA ARG A 53 5.56 -5.51 5.04
C ARG A 53 6.08 -4.10 4.80
N VAL A 54 5.31 -3.30 4.09
CA VAL A 54 5.75 -1.99 3.66
C VAL A 54 4.85 -0.88 4.19
N ALA A 55 5.41 0.32 4.31
CA ALA A 55 4.67 1.49 4.72
C ALA A 55 4.53 2.41 3.53
N PHE A 56 3.32 2.87 3.25
CA PHE A 56 3.07 3.55 2.00
C PHE A 56 2.00 4.61 2.10
N SER A 57 1.88 5.39 1.04
CA SER A 57 0.79 6.34 0.90
C SER A 57 0.14 6.14 -0.47
N PHE A 58 -1.18 6.17 -0.49
CA PHE A 58 -1.92 5.90 -1.71
C PHE A 58 -3.02 6.93 -1.88
N ARG A 59 -3.42 7.16 -3.11
CA ARG A 59 -4.50 8.10 -3.38
C ARG A 59 -5.77 7.33 -3.71
N LEU A 60 -6.83 7.63 -2.98
CA LEU A 60 -8.12 7.03 -3.23
C LEU A 60 -8.90 7.88 -4.21
N ASP A 61 -9.09 7.34 -5.40
CA ASP A 61 -9.82 8.03 -6.44
C ASP A 61 -11.31 7.88 -6.17
N PRO A 62 -12.14 8.74 -6.76
CA PRO A 62 -13.54 8.90 -6.38
C PRO A 62 -14.42 7.67 -6.66
N HIS A 63 -13.82 6.63 -7.20
CA HIS A 63 -14.56 5.40 -7.48
C HIS A 63 -14.24 4.33 -6.45
N GLY A 64 -13.26 4.62 -5.61
CA GLY A 64 -12.81 3.64 -4.64
C GLY A 64 -11.61 2.89 -5.15
N MET A 65 -10.78 3.57 -5.92
CA MET A 65 -9.57 2.98 -6.46
C MET A 65 -8.40 3.36 -5.59
N ALA A 66 -7.44 2.45 -5.47
CA ALA A 66 -6.33 2.64 -4.57
C ALA A 66 -5.05 2.73 -5.37
N THR A 67 -4.62 3.94 -5.63
CA THR A 67 -3.48 4.16 -6.47
C THR A 67 -2.25 4.47 -5.61
N LEU A 68 -1.27 3.58 -5.68
CA LEU A 68 -0.09 3.66 -4.86
C LEU A 68 0.81 4.79 -5.32
N VAL A 69 1.10 5.71 -4.41
CA VAL A 69 1.92 6.86 -4.72
C VAL A 69 3.37 6.60 -4.36
N THR A 70 3.59 6.26 -3.09
CA THR A 70 4.93 6.04 -2.56
C THR A 70 4.91 4.97 -1.49
N VAL A 71 5.88 4.07 -1.55
CA VAL A 71 5.98 2.98 -0.59
C VAL A 71 7.43 2.76 -0.17
N ALA A 72 7.64 2.59 1.13
CA ALA A 72 8.97 2.37 1.66
C ALA A 72 9.00 1.09 2.47
N PRO A 73 10.13 0.37 2.46
CA PRO A 73 10.28 -0.87 3.21
C PRO A 73 10.27 -0.65 4.71
N GLN A 74 9.25 -1.17 5.37
CA GLN A 74 9.18 -1.15 6.81
C GLN A 74 9.39 -2.55 7.35
N VAL A 75 9.36 -2.69 8.65
CA VAL A 75 9.62 -3.97 9.27
C VAL A 75 8.62 -4.17 10.40
N GLN A 76 7.56 -4.88 10.07
CA GLN A 76 6.42 -5.08 10.92
C GLN A 76 5.65 -3.79 11.14
N THR A 77 6.03 -3.07 12.17
CA THR A 77 5.36 -1.83 12.51
C THR A 77 6.37 -0.74 12.81
N ALA A 78 6.68 0.03 11.79
CA ALA A 78 7.57 1.18 11.94
C ALA A 78 6.83 2.33 12.61
N GLY A 79 6.83 2.32 13.93
CA GLY A 79 6.13 3.34 14.68
C GLY A 79 6.96 4.58 14.87
N ALA A 80 7.10 5.35 13.80
CA ALA A 80 7.86 6.58 13.84
C ALA A 80 7.24 7.60 12.89
N LYS A 81 7.32 8.87 13.25
CA LYS A 81 6.81 9.94 12.41
C LYS A 81 7.94 10.74 11.82
N PRO A 82 7.84 11.10 10.53
CA PRO A 82 8.82 11.94 9.86
C PRO A 82 8.48 13.42 10.04
N GLY A 1 -7.74 11.76 -5.82
CA GLY A 1 -7.92 12.88 -4.87
C GLY A 1 -7.11 12.72 -3.61
N PRO A 2 -7.78 12.60 -2.45
CA PRO A 2 -7.12 12.53 -1.13
C PRO A 2 -6.12 11.38 -1.03
N GLU A 3 -4.98 11.68 -0.41
CA GLU A 3 -3.92 10.71 -0.23
C GLU A 3 -3.94 10.16 1.19
N HIS A 4 -4.07 8.85 1.31
CA HIS A 4 -4.13 8.20 2.61
C HIS A 4 -2.95 7.25 2.75
N ARG A 5 -2.39 7.15 3.94
CA ARG A 5 -1.29 6.23 4.17
C ARG A 5 -1.81 4.91 4.73
N ALA A 6 -1.01 3.87 4.55
CA ALA A 6 -1.34 2.56 5.10
C ALA A 6 -0.11 1.69 5.19
N VAL A 7 -0.12 0.76 6.12
CA VAL A 7 0.93 -0.24 6.23
C VAL A 7 0.33 -1.63 6.12
N GLY A 8 1.07 -2.55 5.52
CA GLY A 8 0.59 -3.91 5.37
C GLY A 8 1.61 -4.81 4.71
N ARG A 9 1.24 -6.06 4.50
CA ARG A 9 2.15 -7.03 3.93
C ARG A 9 1.76 -7.34 2.49
N ILE A 10 2.76 -7.46 1.64
CA ILE A 10 2.54 -7.71 0.23
C ILE A 10 2.05 -9.13 0.00
N GLN A 11 1.02 -9.26 -0.81
CA GLN A 11 0.50 -10.56 -1.19
C GLN A 11 1.20 -11.06 -2.44
N SER A 12 1.38 -10.16 -3.39
CA SER A 12 2.05 -10.48 -4.64
C SER A 12 2.27 -9.21 -5.46
N ILE A 13 3.20 -9.27 -6.39
CA ILE A 13 3.48 -8.14 -7.27
C ILE A 13 3.01 -8.44 -8.67
N GLY A 14 2.32 -7.47 -9.26
CA GLY A 14 1.89 -7.60 -10.63
C GLY A 14 2.84 -6.93 -11.59
N GLU A 15 2.29 -6.29 -12.61
CA GLU A 15 3.10 -5.59 -13.60
C GLU A 15 2.82 -4.10 -13.51
N ARG A 16 1.57 -3.77 -13.17
CA ARG A 16 1.15 -2.38 -13.02
C ARG A 16 0.29 -2.20 -11.79
N SER A 17 0.10 -3.26 -11.04
CA SER A 17 -0.57 -3.18 -9.75
C SER A 17 -0.14 -4.36 -8.90
N LEU A 18 -0.33 -4.26 -7.59
CA LEU A 18 0.04 -5.35 -6.70
C LEU A 18 -0.86 -5.40 -5.47
N ILE A 19 -1.01 -6.60 -4.93
CA ILE A 19 -1.96 -6.84 -3.86
C ILE A 19 -1.28 -6.70 -2.50
N ILE A 20 -1.89 -5.92 -1.62
CA ILE A 20 -1.34 -5.68 -0.30
C ILE A 20 -2.39 -5.90 0.79
N ALA A 21 -2.02 -6.69 1.79
CA ALA A 21 -2.86 -6.87 2.97
C ALA A 21 -2.57 -5.77 3.98
N HIS A 22 -3.36 -4.71 3.91
CA HIS A 22 -3.14 -3.55 4.77
C HIS A 22 -3.95 -3.67 6.05
N GLU A 23 -3.49 -2.98 7.09
CA GLU A 23 -4.19 -2.96 8.37
C GLU A 23 -5.50 -2.17 8.28
N ALA A 24 -6.10 -1.89 9.43
CA ALA A 24 -7.35 -1.14 9.50
C ALA A 24 -7.12 0.34 9.27
N ILE A 25 -6.84 0.69 8.04
CA ILE A 25 -6.66 2.07 7.60
C ILE A 25 -7.78 2.98 8.11
N PRO A 26 -7.50 3.78 9.15
CA PRO A 26 -8.46 4.75 9.67
C PRO A 26 -8.61 5.94 8.75
N SER A 27 -7.63 6.11 7.87
CA SER A 27 -7.63 7.20 6.90
C SER A 27 -8.71 7.02 5.84
N ALA A 28 -8.87 5.78 5.37
CA ALA A 28 -9.84 5.49 4.32
C ALA A 28 -11.01 4.68 4.84
N GLN A 29 -10.99 4.40 6.15
CA GLN A 29 -12.02 3.61 6.81
C GLN A 29 -12.00 2.17 6.31
N TRP A 30 -10.82 1.69 5.93
CA TRP A 30 -10.65 0.34 5.44
C TRP A 30 -10.27 -0.59 6.58
N GLY A 31 -11.19 -1.46 6.95
CA GLY A 31 -11.02 -2.29 8.13
C GLY A 31 -10.23 -3.56 7.87
N ALA A 32 -8.96 -3.39 7.52
CA ALA A 32 -8.02 -4.50 7.33
C ALA A 32 -8.52 -5.50 6.29
N MET A 33 -8.10 -5.32 5.05
CA MET A 33 -8.50 -6.20 3.97
C MET A 33 -7.46 -6.22 2.87
N THR A 34 -7.36 -7.36 2.21
CA THR A 34 -6.44 -7.55 1.12
C THR A 34 -6.94 -6.82 -0.13
N MET A 35 -6.26 -5.77 -0.51
CA MET A 35 -6.65 -4.95 -1.66
C MET A 35 -5.47 -4.76 -2.62
N GLU A 36 -5.78 -4.66 -3.91
CA GLU A 36 -4.75 -4.43 -4.92
C GLU A 36 -4.61 -2.95 -5.22
N PHE A 37 -3.37 -2.47 -5.26
CA PHE A 37 -3.10 -1.05 -5.51
C PHE A 37 -2.42 -0.87 -6.86
N ALA A 38 -2.77 0.19 -7.57
CA ALA A 38 -2.19 0.46 -8.89
C ALA A 38 -0.82 1.12 -8.75
N ALA A 39 0.10 0.75 -9.63
CA ALA A 39 1.46 1.27 -9.60
C ALA A 39 1.53 2.68 -10.17
N PRO A 40 2.36 3.54 -9.55
CA PRO A 40 2.58 4.89 -10.03
C PRO A 40 3.32 4.90 -11.38
N PRO A 41 3.22 6.00 -12.14
CA PRO A 41 3.82 6.10 -13.48
C PRO A 41 5.35 6.00 -13.45
N ALA A 42 5.92 6.12 -12.25
CA ALA A 42 7.37 6.04 -12.09
C ALA A 42 7.85 4.58 -12.00
N GLY A 43 6.92 3.67 -11.79
CA GLY A 43 7.26 2.27 -11.69
C GLY A 43 7.43 1.81 -10.25
N LEU A 44 7.63 0.52 -10.08
CA LEU A 44 7.78 -0.05 -8.74
C LEU A 44 9.24 -0.15 -8.34
N PRO A 45 9.54 0.18 -7.07
CA PRO A 45 10.86 -0.03 -6.49
C PRO A 45 11.05 -1.46 -6.02
N GLN A 46 12.10 -1.68 -5.25
CA GLN A 46 12.37 -2.98 -4.67
C GLN A 46 12.15 -2.94 -3.16
N GLY A 47 11.94 -4.11 -2.57
CA GLY A 47 11.73 -4.21 -1.15
C GLY A 47 10.26 -4.33 -0.79
N LEU A 48 9.43 -4.56 -1.80
CA LEU A 48 7.99 -4.64 -1.61
C LEU A 48 7.42 -5.92 -2.24
N LYS A 49 8.06 -7.05 -1.99
CA LYS A 49 7.67 -8.29 -2.64
C LYS A 49 6.73 -9.11 -1.78
N ALA A 50 6.19 -10.17 -2.37
CA ALA A 50 5.31 -11.10 -1.69
C ALA A 50 5.90 -11.56 -0.37
N GLY A 51 5.34 -11.07 0.72
CA GLY A 51 5.81 -11.45 2.04
C GLY A 51 6.40 -10.29 2.80
N ASP A 52 6.72 -9.22 2.09
CA ASP A 52 7.31 -8.03 2.71
C ASP A 52 6.21 -7.13 3.23
N ARG A 53 6.47 -6.47 4.33
CA ARG A 53 5.54 -5.52 4.88
C ARG A 53 6.10 -4.11 4.69
N VAL A 54 5.39 -3.30 3.92
CA VAL A 54 5.86 -1.98 3.55
C VAL A 54 4.96 -0.89 4.11
N ALA A 55 5.48 0.31 4.18
CA ALA A 55 4.73 1.48 4.61
C ALA A 55 4.52 2.39 3.41
N PHE A 56 3.26 2.61 3.03
CA PHE A 56 2.97 3.29 1.78
C PHE A 56 1.87 4.33 1.91
N SER A 57 1.75 5.16 0.88
CA SER A 57 0.67 6.12 0.78
C SER A 57 0.01 6.00 -0.59
N PHE A 58 -1.31 6.09 -0.61
CA PHE A 58 -2.06 5.91 -1.84
C PHE A 58 -3.18 6.94 -1.92
N ARG A 59 -3.56 7.29 -3.14
CA ARG A 59 -4.62 8.27 -3.35
C ARG A 59 -5.88 7.60 -3.90
N LEU A 60 -7.02 8.02 -3.37
CA LEU A 60 -8.31 7.47 -3.78
C LEU A 60 -9.01 8.43 -4.71
N ASP A 61 -9.73 7.90 -5.67
CA ASP A 61 -10.58 8.71 -6.52
C ASP A 61 -12.01 8.65 -6.00
N PRO A 62 -12.89 9.51 -6.52
CA PRO A 62 -14.29 9.57 -6.09
C PRO A 62 -15.07 8.29 -6.38
N HIS A 63 -14.49 7.41 -7.19
CA HIS A 63 -15.14 6.17 -7.53
C HIS A 63 -14.85 5.10 -6.48
N GLY A 64 -13.72 5.25 -5.81
CA GLY A 64 -13.32 4.28 -4.80
C GLY A 64 -12.18 3.40 -5.28
N MET A 65 -11.39 3.92 -6.20
CA MET A 65 -10.24 3.21 -6.72
C MET A 65 -8.99 3.65 -5.97
N ALA A 66 -8.00 2.77 -5.91
CA ALA A 66 -6.85 2.99 -5.07
C ALA A 66 -5.58 3.01 -5.90
N THR A 67 -4.88 4.13 -5.85
CA THR A 67 -3.66 4.28 -6.64
C THR A 67 -2.47 4.57 -5.74
N LEU A 68 -1.43 3.75 -5.86
CA LEU A 68 -0.26 3.87 -5.01
C LEU A 68 0.60 5.06 -5.44
N VAL A 69 1.03 5.85 -4.47
CA VAL A 69 1.86 7.01 -4.75
C VAL A 69 3.31 6.75 -4.37
N THR A 70 3.52 6.35 -3.14
CA THR A 70 4.85 6.10 -2.63
C THR A 70 4.85 4.97 -1.60
N VAL A 71 5.88 4.16 -1.62
CA VAL A 71 6.00 3.05 -0.69
C VAL A 71 7.44 2.93 -0.18
N ALA A 72 7.59 2.72 1.12
CA ALA A 72 8.88 2.54 1.72
C ALA A 72 8.99 1.18 2.38
N PRO A 73 10.00 0.38 1.99
CA PRO A 73 10.26 -0.92 2.61
C PRO A 73 10.52 -0.80 4.10
N GLN A 74 9.51 -1.16 4.87
CA GLN A 74 9.59 -1.07 6.32
C GLN A 74 9.79 -2.46 6.90
N VAL A 75 9.91 -2.53 8.20
CA VAL A 75 10.27 -3.76 8.86
C VAL A 75 9.23 -4.15 9.90
N GLN A 76 8.21 -4.83 9.41
CA GLN A 76 7.08 -5.27 10.22
C GLN A 76 6.50 -4.13 11.06
N THR A 77 6.73 -4.20 12.35
CA THR A 77 6.23 -3.19 13.27
C THR A 77 6.91 -1.85 13.02
N ALA A 78 8.22 -1.90 12.90
CA ALA A 78 9.06 -0.74 12.60
C ALA A 78 8.99 0.34 13.69
N GLY A 79 8.32 0.03 14.79
CA GLY A 79 8.25 0.98 15.90
C GLY A 79 9.54 1.00 16.68
N ALA A 80 9.80 -0.08 17.39
CA ALA A 80 11.06 -0.24 18.11
C ALA A 80 11.85 -1.39 17.51
N LYS A 81 11.16 -2.50 17.30
CA LYS A 81 11.76 -3.68 16.70
C LYS A 81 11.51 -3.71 15.20
N PRO A 82 12.47 -4.23 14.42
CA PRO A 82 12.22 -4.61 13.04
C PRO A 82 11.49 -5.95 12.98
N GLY A 1 -8.09 13.11 -5.78
CA GLY A 1 -8.20 12.02 -4.79
C GLY A 1 -7.28 12.23 -3.61
N PRO A 2 -7.82 12.27 -2.39
CA PRO A 2 -7.03 12.47 -1.17
C PRO A 2 -6.08 11.32 -0.91
N GLU A 3 -4.91 11.64 -0.39
CA GLU A 3 -3.91 10.64 -0.08
C GLU A 3 -4.08 10.16 1.37
N HIS A 4 -4.10 8.85 1.54
CA HIS A 4 -4.21 8.26 2.86
C HIS A 4 -2.99 7.39 3.13
N ARG A 5 -2.52 7.40 4.36
CA ARG A 5 -1.39 6.55 4.75
C ARG A 5 -1.85 5.13 4.98
N ALA A 6 -1.06 4.17 4.52
CA ALA A 6 -1.41 2.77 4.65
C ALA A 6 -0.18 1.89 4.76
N VAL A 7 -0.21 0.97 5.72
CA VAL A 7 0.86 0.00 5.88
C VAL A 7 0.29 -1.41 5.77
N GLY A 8 1.10 -2.36 5.34
CA GLY A 8 0.62 -3.72 5.23
C GLY A 8 1.66 -4.70 4.76
N ARG A 9 1.20 -5.88 4.38
CA ARG A 9 2.06 -6.97 3.98
C ARG A 9 1.77 -7.34 2.52
N ILE A 10 2.80 -7.40 1.71
CA ILE A 10 2.63 -7.67 0.29
C ILE A 10 2.09 -9.07 0.07
N GLN A 11 1.05 -9.16 -0.73
CA GLN A 11 0.42 -10.43 -1.00
C GLN A 11 1.03 -11.05 -2.25
N SER A 12 1.07 -10.27 -3.33
CA SER A 12 1.69 -10.68 -4.59
C SER A 12 1.99 -9.45 -5.44
N ILE A 13 3.04 -9.53 -6.26
CA ILE A 13 3.44 -8.43 -7.12
C ILE A 13 2.91 -8.64 -8.55
N GLY A 14 2.51 -7.54 -9.17
CA GLY A 14 2.00 -7.59 -10.53
C GLY A 14 2.99 -7.03 -11.52
N GLU A 15 2.48 -6.28 -12.48
CA GLU A 15 3.29 -5.64 -13.50
C GLU A 15 3.42 -4.18 -13.17
N ARG A 16 2.29 -3.60 -12.82
CA ARG A 16 2.19 -2.18 -12.49
C ARG A 16 1.15 -1.97 -11.41
N SER A 17 0.76 -3.07 -10.80
CA SER A 17 -0.12 -3.05 -9.65
C SER A 17 0.12 -4.32 -8.86
N LEU A 18 -0.14 -4.28 -7.58
CA LEU A 18 0.10 -5.44 -6.73
C LEU A 18 -0.84 -5.46 -5.55
N ILE A 19 -1.10 -6.65 -5.05
CA ILE A 19 -2.07 -6.86 -4.00
C ILE A 19 -1.38 -6.83 -2.65
N ILE A 20 -1.92 -6.07 -1.72
CA ILE A 20 -1.34 -5.92 -0.40
C ILE A 20 -2.36 -6.11 0.70
N ALA A 21 -2.06 -6.98 1.65
CA ALA A 21 -2.85 -7.08 2.85
C ALA A 21 -2.50 -5.94 3.78
N HIS A 22 -3.23 -4.84 3.64
CA HIS A 22 -2.96 -3.65 4.44
C HIS A 22 -3.73 -3.71 5.76
N GLU A 23 -3.23 -2.96 6.73
CA GLU A 23 -3.90 -2.82 8.03
C GLU A 23 -5.26 -2.14 7.88
N ALA A 24 -5.85 -1.78 9.01
CA ALA A 24 -7.18 -1.19 9.04
C ALA A 24 -7.26 0.07 8.21
N ILE A 25 -6.31 0.97 8.45
CA ILE A 25 -6.27 2.26 7.76
C ILE A 25 -7.36 3.20 8.31
N PRO A 26 -7.04 3.93 9.38
CA PRO A 26 -7.98 4.86 10.01
C PRO A 26 -8.35 6.03 9.10
N SER A 27 -7.50 6.31 8.12
CA SER A 27 -7.74 7.42 7.21
C SER A 27 -8.79 7.04 6.16
N ALA A 28 -9.11 5.75 6.07
CA ALA A 28 -10.12 5.29 5.12
C ALA A 28 -11.25 4.55 5.83
N GLN A 29 -11.06 4.29 7.11
CA GLN A 29 -12.06 3.62 7.95
C GLN A 29 -12.28 2.17 7.49
N TRP A 30 -11.22 1.56 6.97
CA TRP A 30 -11.27 0.17 6.54
C TRP A 30 -10.91 -0.75 7.70
N GLY A 31 -11.04 -2.05 7.49
CA GLY A 31 -10.84 -2.99 8.56
C GLY A 31 -9.85 -4.09 8.21
N ALA A 32 -8.69 -3.69 7.69
CA ALA A 32 -7.58 -4.60 7.40
C ALA A 32 -7.98 -5.70 6.41
N MET A 33 -7.75 -5.45 5.13
CA MET A 33 -8.10 -6.41 4.09
C MET A 33 -7.11 -6.35 2.94
N THR A 34 -6.97 -7.46 2.25
CA THR A 34 -6.06 -7.57 1.13
C THR A 34 -6.63 -6.85 -0.10
N MET A 35 -6.05 -5.72 -0.45
CA MET A 35 -6.48 -4.95 -1.60
C MET A 35 -5.33 -4.67 -2.54
N GLU A 36 -5.66 -4.43 -3.80
CA GLU A 36 -4.65 -4.18 -4.82
C GLU A 36 -4.47 -2.68 -5.05
N PHE A 37 -3.23 -2.26 -5.25
CA PHE A 37 -2.92 -0.86 -5.49
C PHE A 37 -2.25 -0.69 -6.84
N ALA A 38 -2.74 0.27 -7.61
CA ALA A 38 -2.20 0.53 -8.94
C ALA A 38 -1.09 1.57 -8.89
N ALA A 39 0.05 1.24 -9.48
CA ALA A 39 1.19 2.14 -9.48
C ALA A 39 1.28 2.88 -10.81
N PRO A 40 2.09 3.94 -10.87
CA PRO A 40 2.40 4.61 -12.14
C PRO A 40 3.06 3.66 -13.13
N PRO A 41 2.90 3.89 -14.44
CA PRO A 41 3.47 3.04 -15.49
C PRO A 41 4.99 2.87 -15.37
N ALA A 42 5.62 3.73 -14.58
CA ALA A 42 7.05 3.60 -14.28
C ALA A 42 7.37 2.24 -13.66
N GLY A 43 6.48 1.76 -12.80
CA GLY A 43 6.69 0.49 -12.16
C GLY A 43 6.98 0.63 -10.69
N LEU A 44 7.06 -0.49 -10.00
CA LEU A 44 7.30 -0.52 -8.56
C LEU A 44 8.79 -0.61 -8.26
N PRO A 45 9.19 -0.16 -7.06
CA PRO A 45 10.56 -0.34 -6.57
C PRO A 45 10.82 -1.77 -6.13
N GLN A 46 11.89 -1.93 -5.38
CA GLN A 46 12.30 -3.23 -4.89
C GLN A 46 12.26 -3.27 -3.37
N GLY A 47 11.98 -4.45 -2.83
CA GLY A 47 11.90 -4.61 -1.39
C GLY A 47 10.47 -4.74 -0.91
N LEU A 48 9.58 -5.04 -1.84
CA LEU A 48 8.16 -5.14 -1.57
C LEU A 48 7.56 -6.40 -2.19
N LYS A 49 8.13 -7.54 -1.85
CA LYS A 49 7.73 -8.79 -2.48
C LYS A 49 6.67 -9.49 -1.63
N ALA A 50 6.04 -10.52 -2.19
CA ALA A 50 5.05 -11.31 -1.46
C ALA A 50 5.63 -11.77 -0.13
N GLY A 51 5.14 -11.16 0.95
CA GLY A 51 5.64 -11.50 2.27
C GLY A 51 6.31 -10.33 2.97
N ASP A 52 6.67 -9.29 2.22
CA ASP A 52 7.35 -8.13 2.79
C ASP A 52 6.35 -7.21 3.46
N ARG A 53 6.84 -6.42 4.39
CA ARG A 53 6.03 -5.40 5.02
C ARG A 53 6.52 -4.03 4.59
N VAL A 54 5.63 -3.28 3.97
CA VAL A 54 5.98 -1.97 3.43
C VAL A 54 5.05 -0.90 3.96
N ALA A 55 5.53 0.33 3.94
CA ALA A 55 4.73 1.47 4.33
C ALA A 55 4.51 2.37 3.12
N PHE A 56 3.25 2.66 2.81
CA PHE A 56 2.92 3.39 1.61
C PHE A 56 1.80 4.38 1.85
N SER A 57 1.46 5.12 0.81
CA SER A 57 0.23 5.89 0.81
C SER A 57 -0.47 5.68 -0.53
N PHE A 58 -1.59 6.33 -0.72
CA PHE A 58 -2.35 6.19 -1.95
C PHE A 58 -3.46 7.21 -1.99
N ARG A 59 -3.95 7.51 -3.18
CA ARG A 59 -5.04 8.44 -3.34
C ARG A 59 -6.28 7.70 -3.80
N LEU A 60 -7.41 8.00 -3.18
CA LEU A 60 -8.68 7.45 -3.62
C LEU A 60 -9.34 8.40 -4.59
N ASP A 61 -9.45 7.98 -5.83
CA ASP A 61 -10.09 8.80 -6.84
C ASP A 61 -11.59 8.62 -6.78
N PRO A 62 -12.36 9.52 -7.40
CA PRO A 62 -13.83 9.54 -7.28
C PRO A 62 -14.49 8.37 -8.00
N HIS A 63 -13.67 7.52 -8.59
CA HIS A 63 -14.17 6.34 -9.29
C HIS A 63 -14.00 5.10 -8.43
N GLY A 64 -13.38 5.28 -7.29
CA GLY A 64 -13.11 4.18 -6.40
C GLY A 64 -11.83 3.48 -6.77
N MET A 65 -10.88 4.26 -7.27
CA MET A 65 -9.59 3.74 -7.69
C MET A 65 -8.59 3.88 -6.57
N ALA A 66 -7.73 2.89 -6.43
CA ALA A 66 -6.72 2.90 -5.39
C ALA A 66 -5.37 3.06 -6.03
N THR A 67 -4.90 4.28 -6.06
CA THR A 67 -3.70 4.59 -6.80
C THR A 67 -2.53 4.82 -5.86
N LEU A 68 -1.57 3.92 -5.91
CA LEU A 68 -0.41 3.95 -5.04
C LEU A 68 0.43 5.18 -5.34
N VAL A 69 0.95 5.81 -4.29
CA VAL A 69 1.73 7.01 -4.46
C VAL A 69 3.21 6.75 -4.15
N THR A 70 3.49 6.30 -2.93
CA THR A 70 4.84 5.98 -2.53
C THR A 70 4.85 4.82 -1.54
N VAL A 71 5.69 3.84 -1.79
CA VAL A 71 5.82 2.69 -0.91
C VAL A 71 7.28 2.47 -0.55
N ALA A 72 7.54 2.27 0.73
CA ALA A 72 8.90 2.05 1.21
C ALA A 72 8.95 0.83 2.13
N PRO A 73 9.94 -0.05 1.92
CA PRO A 73 10.17 -1.22 2.77
C PRO A 73 10.28 -0.84 4.24
N GLN A 74 9.43 -1.42 5.06
CA GLN A 74 9.41 -1.10 6.49
C GLN A 74 9.61 -2.36 7.31
N VAL A 75 9.67 -2.20 8.62
CA VAL A 75 9.97 -3.30 9.51
C VAL A 75 8.88 -3.39 10.57
N GLN A 76 7.83 -4.12 10.24
CA GLN A 76 6.65 -4.24 11.10
C GLN A 76 6.00 -2.90 11.34
N THR A 77 6.29 -2.31 12.48
CA THR A 77 5.78 -1.00 12.82
C THR A 77 6.89 0.05 12.67
N ALA A 78 7.00 0.57 11.47
CA ALA A 78 7.97 1.61 11.18
C ALA A 78 7.29 2.96 11.02
N GLY A 79 5.98 2.97 11.20
CA GLY A 79 5.22 4.21 11.11
C GLY A 79 5.57 5.18 12.22
N ALA A 80 5.70 6.46 11.89
CA ALA A 80 6.06 7.47 12.86
C ALA A 80 4.89 8.38 13.18
N LYS A 81 4.68 8.63 14.47
CA LYS A 81 3.63 9.53 14.91
C LYS A 81 4.15 10.96 14.97
N PRO A 82 3.26 11.96 14.89
CA PRO A 82 3.64 13.38 15.01
C PRO A 82 4.27 13.68 16.38
N GLY A 1 -8.96 13.30 -5.70
CA GLY A 1 -8.56 12.01 -5.07
C GLY A 1 -7.61 12.20 -3.92
N PRO A 2 -8.10 12.15 -2.67
CA PRO A 2 -7.28 12.37 -1.48
C PRO A 2 -6.24 11.28 -1.26
N GLU A 3 -5.09 11.67 -0.74
CA GLU A 3 -4.01 10.75 -0.46
C GLU A 3 -4.14 10.21 0.97
N HIS A 4 -4.03 8.90 1.11
CA HIS A 4 -4.15 8.25 2.40
C HIS A 4 -2.95 7.34 2.61
N ARG A 5 -2.55 7.15 3.86
CA ARG A 5 -1.45 6.24 4.16
C ARG A 5 -1.96 4.94 4.74
N ALA A 6 -1.21 3.88 4.52
CA ALA A 6 -1.55 2.58 5.06
C ALA A 6 -0.31 1.71 5.16
N VAL A 7 -0.31 0.78 6.09
CA VAL A 7 0.78 -0.17 6.20
C VAL A 7 0.25 -1.59 6.09
N GLY A 8 1.12 -2.52 5.73
CA GLY A 8 0.72 -3.91 5.66
C GLY A 8 1.78 -4.80 5.08
N ARG A 9 1.36 -5.82 4.36
CA ARG A 9 2.26 -6.81 3.80
C ARG A 9 1.96 -7.00 2.33
N ILE A 10 3.00 -7.10 1.52
CA ILE A 10 2.83 -7.34 0.11
C ILE A 10 2.31 -8.74 -0.11
N GLN A 11 1.12 -8.83 -0.67
CA GLN A 11 0.51 -10.12 -0.94
C GLN A 11 1.04 -10.68 -2.24
N SER A 12 1.00 -9.86 -3.28
CA SER A 12 1.48 -10.24 -4.60
C SER A 12 1.75 -9.02 -5.46
N ILE A 13 2.81 -9.06 -6.24
CA ILE A 13 3.08 -8.03 -7.23
C ILE A 13 2.43 -8.42 -8.56
N GLY A 14 1.70 -7.49 -9.16
CA GLY A 14 0.98 -7.78 -10.37
C GLY A 14 1.55 -7.06 -11.58
N GLU A 15 0.73 -6.97 -12.63
CA GLU A 15 1.14 -6.39 -13.90
C GLU A 15 1.35 -4.88 -13.79
N ARG A 16 0.44 -4.20 -13.12
CA ARG A 16 0.49 -2.74 -12.97
C ARG A 16 0.02 -2.32 -11.60
N SER A 17 0.00 -3.28 -10.71
CA SER A 17 -0.49 -3.08 -9.37
C SER A 17 0.08 -4.13 -8.46
N LEU A 18 -0.04 -3.96 -7.16
CA LEU A 18 0.34 -5.01 -6.24
C LEU A 18 -0.76 -5.17 -5.20
N ILE A 19 -1.17 -6.39 -4.96
CA ILE A 19 -2.17 -6.68 -3.96
C ILE A 19 -1.49 -6.65 -2.59
N ILE A 20 -2.00 -5.83 -1.69
CA ILE A 20 -1.37 -5.64 -0.40
C ILE A 20 -2.35 -5.89 0.74
N ALA A 21 -2.00 -6.80 1.63
CA ALA A 21 -2.74 -6.98 2.87
C ALA A 21 -2.47 -5.79 3.79
N HIS A 22 -3.35 -4.81 3.75
CA HIS A 22 -3.16 -3.59 4.52
C HIS A 22 -4.02 -3.59 5.77
N GLU A 23 -3.59 -2.84 6.76
CA GLU A 23 -4.35 -2.65 7.98
C GLU A 23 -5.61 -1.80 7.72
N ALA A 24 -6.21 -1.30 8.79
CA ALA A 24 -7.51 -0.62 8.68
C ALA A 24 -7.42 0.74 8.00
N ILE A 25 -6.21 1.29 7.90
CA ILE A 25 -6.01 2.57 7.24
C ILE A 25 -6.73 3.69 8.00
N PRO A 26 -6.08 4.26 9.03
CA PRO A 26 -6.68 5.31 9.85
C PRO A 26 -6.86 6.62 9.07
N SER A 27 -6.29 6.66 7.87
CA SER A 27 -6.39 7.85 7.03
C SER A 27 -7.65 7.81 6.16
N ALA A 28 -8.22 6.63 5.97
CA ALA A 28 -9.39 6.48 5.10
C ALA A 28 -10.57 5.85 5.82
N GLN A 29 -10.35 5.43 7.07
CA GLN A 29 -11.39 4.76 7.87
C GLN A 29 -11.88 3.50 7.16
N TRP A 30 -10.97 2.56 6.99
CA TRP A 30 -11.24 1.31 6.29
C TRP A 30 -11.11 0.12 7.24
N GLY A 31 -11.41 -1.05 6.73
CA GLY A 31 -11.12 -2.25 7.47
C GLY A 31 -9.86 -2.94 6.97
N ALA A 32 -9.26 -3.77 7.81
CA ALA A 32 -8.07 -4.52 7.44
C ALA A 32 -8.42 -5.60 6.43
N MET A 33 -7.72 -5.61 5.30
CA MET A 33 -8.04 -6.51 4.21
C MET A 33 -6.96 -6.46 3.13
N THR A 34 -6.83 -7.56 2.42
CA THR A 34 -5.88 -7.66 1.32
C THR A 34 -6.50 -7.05 0.06
N MET A 35 -6.00 -5.89 -0.32
CA MET A 35 -6.53 -5.20 -1.50
C MET A 35 -5.41 -4.75 -2.41
N GLU A 36 -5.70 -4.74 -3.70
CA GLU A 36 -4.74 -4.35 -4.74
C GLU A 36 -4.56 -2.84 -4.80
N PHE A 37 -3.33 -2.41 -4.97
CA PHE A 37 -3.01 -1.00 -5.17
C PHE A 37 -2.33 -0.82 -6.52
N ALA A 38 -2.85 0.10 -7.32
CA ALA A 38 -2.35 0.31 -8.68
C ALA A 38 -1.05 1.08 -8.66
N ALA A 39 -0.16 0.76 -9.58
CA ALA A 39 1.14 1.39 -9.63
C ALA A 39 1.13 2.62 -10.52
N PRO A 40 1.91 3.64 -10.19
CA PRO A 40 2.09 4.82 -11.04
C PRO A 40 2.86 4.47 -12.31
N PRO A 41 2.75 5.29 -13.36
CA PRO A 41 3.43 5.04 -14.64
C PRO A 41 4.95 4.93 -14.49
N ALA A 42 5.45 5.50 -13.40
CA ALA A 42 6.88 5.47 -13.12
C ALA A 42 7.37 4.04 -12.85
N GLY A 43 6.58 3.28 -12.10
CA GLY A 43 6.97 1.93 -11.75
C GLY A 43 7.13 1.76 -10.25
N LEU A 44 7.47 0.54 -9.84
CA LEU A 44 7.66 0.23 -8.44
C LEU A 44 9.14 0.16 -8.10
N PRO A 45 9.51 0.52 -6.87
CA PRO A 45 10.87 0.35 -6.35
C PRO A 45 11.21 -1.13 -6.09
N GLN A 46 12.25 -1.36 -5.32
CA GLN A 46 12.67 -2.72 -4.99
C GLN A 46 12.46 -2.97 -3.50
N GLY A 47 12.31 -4.24 -3.15
CA GLY A 47 12.19 -4.60 -1.75
C GLY A 47 10.76 -4.59 -1.27
N LEU A 48 9.84 -4.83 -2.18
CA LEU A 48 8.43 -4.80 -1.89
C LEU A 48 7.69 -5.93 -2.60
N LYS A 49 8.24 -7.14 -2.55
CA LYS A 49 7.61 -8.28 -3.20
C LYS A 49 6.80 -9.08 -2.20
N ALA A 50 6.06 -10.08 -2.69
CA ALA A 50 5.22 -10.91 -1.84
C ALA A 50 5.95 -11.37 -0.59
N GLY A 51 5.47 -10.91 0.56
CA GLY A 51 6.07 -11.28 1.81
C GLY A 51 6.67 -10.09 2.54
N ASP A 52 6.97 -9.03 1.81
CA ASP A 52 7.54 -7.83 2.41
C ASP A 52 6.47 -7.01 3.08
N ARG A 53 6.78 -6.49 4.25
CA ARG A 53 5.91 -5.55 4.90
C ARG A 53 6.35 -4.15 4.51
N VAL A 54 5.43 -3.38 3.97
CA VAL A 54 5.75 -2.05 3.47
C VAL A 54 4.84 -0.99 4.07
N ALA A 55 5.36 0.21 4.18
CA ALA A 55 4.60 1.37 4.61
C ALA A 55 4.42 2.30 3.42
N PHE A 56 3.17 2.59 3.08
CA PHE A 56 2.90 3.27 1.81
C PHE A 56 1.81 4.33 1.92
N SER A 57 1.68 5.09 0.84
CA SER A 57 0.61 6.06 0.71
C SER A 57 -0.04 5.92 -0.67
N PHE A 58 -1.34 6.13 -0.75
CA PHE A 58 -2.06 5.94 -1.99
C PHE A 58 -3.16 6.99 -2.14
N ARG A 59 -3.58 7.24 -3.38
CA ARG A 59 -4.66 8.18 -3.64
C ARG A 59 -5.91 7.43 -4.07
N LEU A 60 -7.06 7.87 -3.60
CA LEU A 60 -8.33 7.24 -3.96
C LEU A 60 -9.09 8.07 -4.97
N ASP A 61 -9.39 7.47 -6.12
CA ASP A 61 -10.22 8.12 -7.12
C ASP A 61 -11.68 7.92 -6.75
N PRO A 62 -12.58 8.71 -7.36
CA PRO A 62 -14.01 8.68 -7.05
C PRO A 62 -14.68 7.43 -7.60
N HIS A 63 -13.88 6.58 -8.24
CA HIS A 63 -14.38 5.35 -8.83
C HIS A 63 -14.20 4.20 -7.84
N GLY A 64 -13.39 4.46 -6.83
CA GLY A 64 -13.03 3.42 -5.89
C GLY A 64 -11.70 2.81 -6.25
N MET A 65 -10.87 3.59 -6.93
CA MET A 65 -9.56 3.14 -7.37
C MET A 65 -8.49 3.61 -6.41
N ALA A 66 -7.56 2.73 -6.10
CA ALA A 66 -6.52 3.01 -5.14
C ALA A 66 -5.17 2.97 -5.83
N THR A 67 -4.61 4.12 -6.09
CA THR A 67 -3.35 4.21 -6.80
C THR A 67 -2.21 4.52 -5.84
N LEU A 68 -1.24 3.64 -5.82
CA LEU A 68 -0.10 3.74 -4.94
C LEU A 68 0.79 4.91 -5.33
N VAL A 69 1.07 5.78 -4.37
CA VAL A 69 1.90 6.95 -4.62
C VAL A 69 3.35 6.62 -4.33
N THR A 70 3.61 6.21 -3.09
CA THR A 70 4.95 5.86 -2.65
C THR A 70 4.88 4.73 -1.62
N VAL A 71 5.89 3.88 -1.61
CA VAL A 71 5.94 2.76 -0.69
C VAL A 71 7.37 2.49 -0.25
N ALA A 72 7.56 2.29 1.04
CA ALA A 72 8.87 1.99 1.59
C ALA A 72 8.82 0.75 2.46
N PRO A 73 9.81 -0.14 2.34
CA PRO A 73 9.88 -1.36 3.14
C PRO A 73 9.95 -1.07 4.63
N GLN A 74 9.13 -1.77 5.39
CA GLN A 74 9.03 -1.58 6.83
C GLN A 74 9.19 -2.92 7.54
N VAL A 75 9.16 -2.87 8.86
CA VAL A 75 9.43 -4.05 9.67
C VAL A 75 8.31 -4.17 10.68
N GLN A 76 7.33 -5.00 10.35
CA GLN A 76 6.12 -5.12 11.14
C GLN A 76 5.29 -3.85 11.10
N THR A 77 5.54 -3.02 12.08
CA THR A 77 4.90 -1.72 12.18
C THR A 77 5.95 -0.61 12.07
N ALA A 78 7.20 -1.02 11.88
CA ALA A 78 8.33 -0.10 11.73
C ALA A 78 8.57 0.71 13.01
N GLY A 79 7.95 0.30 14.10
CA GLY A 79 8.11 1.00 15.36
C GLY A 79 7.05 2.06 15.56
N ALA A 80 6.09 2.12 14.65
CA ALA A 80 5.00 3.08 14.74
C ALA A 80 3.67 2.36 14.67
N LYS A 81 2.86 2.55 15.71
CA LYS A 81 1.54 1.94 15.75
C LYS A 81 0.57 2.65 14.83
N PRO A 82 -0.11 1.89 13.95
CA PRO A 82 -1.16 2.42 13.08
C PRO A 82 -2.49 2.51 13.82
N GLY A 1 -9.19 12.56 -5.65
CA GLY A 1 -9.33 11.97 -4.30
C GLY A 1 -8.13 12.23 -3.41
N PRO A 2 -8.33 12.26 -2.09
CA PRO A 2 -7.26 12.53 -1.12
C PRO A 2 -6.23 11.40 -1.06
N GLU A 3 -5.06 11.74 -0.54
CA GLU A 3 -3.97 10.78 -0.42
C GLU A 3 -3.81 10.36 1.04
N HIS A 4 -4.03 9.08 1.31
CA HIS A 4 -3.94 8.55 2.66
C HIS A 4 -2.75 7.59 2.74
N ARG A 5 -2.34 7.25 3.95
CA ARG A 5 -1.25 6.31 4.14
C ARG A 5 -1.76 4.98 4.66
N ALA A 6 -1.01 3.92 4.41
CA ALA A 6 -1.37 2.61 4.91
C ALA A 6 -0.14 1.73 5.04
N VAL A 7 -0.16 0.83 6.00
CA VAL A 7 0.89 -0.17 6.14
C VAL A 7 0.29 -1.57 6.00
N GLY A 8 1.09 -2.52 5.55
CA GLY A 8 0.61 -3.87 5.43
C GLY A 8 1.65 -4.84 4.87
N ARG A 9 1.16 -5.93 4.31
CA ARG A 9 2.01 -6.99 3.80
C ARG A 9 1.77 -7.15 2.31
N ILE A 10 2.84 -7.22 1.55
CA ILE A 10 2.73 -7.45 0.12
C ILE A 10 2.22 -8.86 -0.12
N GLN A 11 1.09 -8.96 -0.80
CA GLN A 11 0.46 -10.25 -1.05
C GLN A 11 1.02 -10.85 -2.33
N SER A 12 1.03 -10.05 -3.40
CA SER A 12 1.61 -10.45 -4.68
C SER A 12 1.88 -9.21 -5.54
N ILE A 13 2.91 -9.30 -6.38
CA ILE A 13 3.21 -8.23 -7.32
C ILE A 13 2.59 -8.53 -8.68
N GLY A 14 1.85 -7.55 -9.20
CA GLY A 14 1.13 -7.74 -10.45
C GLY A 14 1.85 -7.12 -11.63
N GLU A 15 1.08 -6.79 -12.66
CA GLU A 15 1.63 -6.21 -13.89
C GLU A 15 1.98 -4.75 -13.67
N ARG A 16 1.05 -4.03 -13.06
CA ARG A 16 1.24 -2.62 -12.75
C ARG A 16 0.61 -2.29 -11.41
N SER A 17 0.28 -3.31 -10.66
CA SER A 17 -0.34 -3.15 -9.37
C SER A 17 -0.05 -4.34 -8.50
N LEU A 18 0.08 -4.11 -7.22
CA LEU A 18 0.39 -5.19 -6.30
C LEU A 18 -0.69 -5.30 -5.26
N ILE A 19 -1.12 -6.51 -4.96
CA ILE A 19 -2.13 -6.72 -3.94
C ILE A 19 -1.45 -6.70 -2.57
N ILE A 20 -1.99 -5.92 -1.67
CA ILE A 20 -1.39 -5.73 -0.36
C ILE A 20 -2.42 -5.94 0.74
N ALA A 21 -2.10 -6.80 1.68
CA ALA A 21 -2.90 -6.95 2.88
C ALA A 21 -2.60 -5.80 3.83
N HIS A 22 -3.38 -4.74 3.70
CA HIS A 22 -3.17 -3.56 4.51
C HIS A 22 -3.98 -3.66 5.80
N GLU A 23 -3.53 -2.96 6.82
CA GLU A 23 -4.23 -2.94 8.10
C GLU A 23 -5.59 -2.26 7.98
N ALA A 24 -6.18 -1.92 9.12
CA ALA A 24 -7.51 -1.33 9.17
C ALA A 24 -7.59 -0.04 8.36
N ILE A 25 -6.62 0.83 8.58
CA ILE A 25 -6.56 2.12 7.92
C ILE A 25 -7.60 3.09 8.53
N PRO A 26 -7.18 3.85 9.54
CA PRO A 26 -8.03 4.87 10.16
C PRO A 26 -8.12 6.11 9.28
N SER A 27 -7.40 6.07 8.17
CA SER A 27 -7.39 7.16 7.20
C SER A 27 -8.63 7.10 6.33
N ALA A 28 -9.16 5.89 6.13
CA ALA A 28 -10.33 5.70 5.29
C ALA A 28 -11.46 5.03 6.06
N GLN A 29 -11.17 4.65 7.30
CA GLN A 29 -12.15 3.98 8.17
C GLN A 29 -12.53 2.61 7.62
N TRP A 30 -11.52 1.81 7.33
CA TRP A 30 -11.71 0.43 6.88
C TRP A 30 -11.38 -0.53 8.01
N GLY A 31 -11.63 -1.81 7.78
CA GLY A 31 -11.42 -2.81 8.81
C GLY A 31 -10.44 -3.90 8.41
N ALA A 32 -9.35 -3.50 7.74
CA ALA A 32 -8.27 -4.41 7.35
C ALA A 32 -8.72 -5.39 6.27
N MET A 33 -8.14 -5.25 5.09
CA MET A 33 -8.51 -6.06 3.95
C MET A 33 -7.39 -6.10 2.93
N THR A 34 -7.33 -7.19 2.19
CA THR A 34 -6.32 -7.36 1.16
C THR A 34 -6.80 -6.78 -0.16
N MET A 35 -6.24 -5.65 -0.53
CA MET A 35 -6.62 -4.95 -1.75
C MET A 35 -5.44 -4.79 -2.68
N GLU A 36 -5.72 -4.49 -3.93
CA GLU A 36 -4.68 -4.28 -4.92
C GLU A 36 -4.44 -2.79 -5.13
N PHE A 37 -3.18 -2.38 -5.14
CA PHE A 37 -2.84 -0.98 -5.33
C PHE A 37 -2.13 -0.79 -6.66
N ALA A 38 -2.71 0.04 -7.51
CA ALA A 38 -2.16 0.29 -8.84
C ALA A 38 -0.96 1.22 -8.75
N ALA A 39 0.09 0.90 -9.48
CA ALA A 39 1.32 1.68 -9.45
C ALA A 39 1.40 2.60 -10.64
N PRO A 40 2.12 3.73 -10.50
CA PRO A 40 2.42 4.60 -11.64
C PRO A 40 3.26 3.86 -12.68
N PRO A 41 3.13 4.24 -13.96
CA PRO A 41 3.88 3.61 -15.07
C PRO A 41 5.39 3.70 -14.86
N ALA A 42 5.80 4.51 -13.89
CA ALA A 42 7.21 4.65 -13.53
C ALA A 42 7.75 3.35 -12.93
N GLY A 43 6.86 2.56 -12.33
CA GLY A 43 7.23 1.26 -11.84
C GLY A 43 7.48 1.24 -10.34
N LEU A 44 7.66 0.03 -9.81
CA LEU A 44 7.89 -0.15 -8.38
C LEU A 44 9.39 -0.29 -8.09
N PRO A 45 9.80 0.14 -6.88
CA PRO A 45 11.15 -0.10 -6.35
C PRO A 45 11.34 -1.55 -5.93
N GLN A 46 12.40 -1.77 -5.18
CA GLN A 46 12.71 -3.09 -4.68
C GLN A 46 12.50 -3.15 -3.17
N GLY A 47 12.23 -4.34 -2.65
CA GLY A 47 11.98 -4.50 -1.24
C GLY A 47 10.50 -4.52 -0.91
N LEU A 48 9.71 -4.83 -1.92
CA LEU A 48 8.26 -4.87 -1.78
C LEU A 48 7.65 -6.09 -2.47
N LYS A 49 8.22 -7.26 -2.23
CA LYS A 49 7.77 -8.48 -2.88
C LYS A 49 6.79 -9.20 -1.97
N ALA A 50 6.12 -10.22 -2.51
CA ALA A 50 5.17 -11.02 -1.73
C ALA A 50 5.82 -11.50 -0.44
N GLY A 51 5.31 -11.01 0.68
CA GLY A 51 5.89 -11.36 1.97
C GLY A 51 6.47 -10.15 2.69
N ASP A 52 6.81 -9.12 1.93
CA ASP A 52 7.42 -7.93 2.51
C ASP A 52 6.40 -7.10 3.26
N ARG A 53 6.89 -6.35 4.20
CA ARG A 53 6.07 -5.43 4.94
C ARG A 53 6.47 -4.01 4.56
N VAL A 54 5.56 -3.28 3.96
CA VAL A 54 5.87 -1.96 3.45
C VAL A 54 4.95 -0.91 4.02
N ALA A 55 5.48 0.30 4.14
CA ALA A 55 4.71 1.46 4.56
C ALA A 55 4.51 2.37 3.37
N PHE A 56 3.26 2.62 3.00
CA PHE A 56 2.99 3.30 1.74
C PHE A 56 1.87 4.33 1.85
N SER A 57 1.69 5.09 0.79
CA SER A 57 0.62 6.05 0.67
C SER A 57 -0.16 5.79 -0.61
N PHE A 58 -1.45 6.05 -0.59
CA PHE A 58 -2.29 5.78 -1.74
C PHE A 58 -3.42 6.81 -1.84
N ARG A 59 -3.94 7.01 -3.04
CA ARG A 59 -5.08 7.90 -3.23
C ARG A 59 -6.33 7.07 -3.45
N LEU A 60 -7.48 7.70 -3.25
CA LEU A 60 -8.75 7.08 -3.56
C LEU A 60 -9.57 7.97 -4.48
N ASP A 61 -9.79 7.48 -5.69
CA ASP A 61 -10.63 8.20 -6.64
C ASP A 61 -12.10 7.94 -6.30
N PRO A 62 -13.03 8.73 -6.84
CA PRO A 62 -14.44 8.69 -6.43
C PRO A 62 -15.15 7.40 -6.84
N HIS A 63 -14.42 6.49 -7.46
CA HIS A 63 -14.97 5.21 -7.86
C HIS A 63 -14.48 4.10 -6.94
N GLY A 64 -13.54 4.45 -6.09
CA GLY A 64 -12.92 3.47 -5.22
C GLY A 64 -11.63 2.96 -5.81
N MET A 65 -10.95 3.84 -6.55
CA MET A 65 -9.69 3.49 -7.18
C MET A 65 -8.55 3.75 -6.23
N ALA A 66 -7.76 2.73 -5.98
CA ALA A 66 -6.68 2.81 -5.02
C ALA A 66 -5.35 2.87 -5.75
N THR A 67 -4.73 4.03 -5.75
CA THR A 67 -3.51 4.22 -6.49
C THR A 67 -2.32 4.36 -5.56
N LEU A 68 -1.36 3.47 -5.70
CA LEU A 68 -0.17 3.45 -4.87
C LEU A 68 0.74 4.61 -5.26
N VAL A 69 0.96 5.54 -4.34
CA VAL A 69 1.76 6.71 -4.62
C VAL A 69 3.22 6.43 -4.34
N THR A 70 3.54 6.22 -3.08
CA THR A 70 4.91 5.91 -2.67
C THR A 70 4.91 4.80 -1.63
N VAL A 71 5.91 3.93 -1.70
CA VAL A 71 6.01 2.83 -0.76
C VAL A 71 7.45 2.69 -0.27
N ALA A 72 7.62 2.62 1.03
CA ALA A 72 8.94 2.46 1.62
C ALA A 72 9.02 1.15 2.40
N PRO A 73 10.15 0.43 2.29
CA PRO A 73 10.35 -0.82 3.01
C PRO A 73 10.36 -0.64 4.51
N GLN A 74 9.31 -1.08 5.16
CA GLN A 74 9.25 -1.09 6.59
C GLN A 74 9.56 -2.49 7.10
N VAL A 75 9.58 -2.67 8.39
CA VAL A 75 9.94 -3.94 8.96
C VAL A 75 9.02 -4.25 10.13
N GLN A 76 7.98 -5.00 9.83
CA GLN A 76 6.93 -5.34 10.77
C GLN A 76 6.23 -4.10 11.29
N THR A 77 6.66 -3.65 12.43
CA THR A 77 6.13 -2.43 13.02
C THR A 77 7.22 -1.36 13.08
N ALA A 78 7.14 -0.43 12.14
CA ALA A 78 8.11 0.66 12.05
C ALA A 78 8.14 1.50 13.31
N GLY A 79 6.99 1.63 13.97
CA GLY A 79 6.92 2.41 15.19
C GLY A 79 5.50 2.77 15.56
N ALA A 80 5.34 3.90 16.21
CA ALA A 80 4.02 4.36 16.64
C ALA A 80 3.36 5.19 15.56
N LYS A 81 2.05 5.01 15.40
CA LYS A 81 1.31 5.75 14.39
C LYS A 81 0.71 7.02 15.00
N PRO A 82 0.63 8.10 14.20
CA PRO A 82 -0.06 9.32 14.61
C PRO A 82 -1.58 9.13 14.55
N GLY A 1 -8.44 11.62 -5.65
CA GLY A 1 -8.82 11.90 -4.25
C GLY A 1 -7.62 12.11 -3.36
N PRO A 2 -7.84 12.42 -2.08
CA PRO A 2 -6.75 12.70 -1.12
C PRO A 2 -5.85 11.49 -0.88
N GLU A 3 -4.61 11.77 -0.52
CA GLU A 3 -3.62 10.74 -0.26
C GLU A 3 -3.64 10.34 1.21
N HIS A 4 -3.72 9.05 1.48
CA HIS A 4 -3.76 8.55 2.84
C HIS A 4 -2.66 7.52 3.07
N ARG A 5 -2.07 7.56 4.25
CA ARG A 5 -1.03 6.60 4.64
C ARG A 5 -1.63 5.22 4.81
N ALA A 6 -0.87 4.19 4.47
CA ALA A 6 -1.31 2.83 4.68
C ALA A 6 -0.12 1.89 4.84
N VAL A 7 -0.19 1.00 5.80
CA VAL A 7 0.84 -0.01 5.97
C VAL A 7 0.24 -1.40 5.84
N GLY A 8 1.05 -2.35 5.42
CA GLY A 8 0.56 -3.71 5.27
C GLY A 8 1.61 -4.65 4.75
N ARG A 9 1.20 -5.86 4.40
CA ARG A 9 2.11 -6.88 3.94
C ARG A 9 1.79 -7.24 2.50
N ILE A 10 2.82 -7.26 1.66
CA ILE A 10 2.63 -7.53 0.24
C ILE A 10 2.09 -8.93 0.02
N GLN A 11 1.08 -9.03 -0.83
CA GLN A 11 0.45 -10.30 -1.11
C GLN A 11 1.00 -10.88 -2.40
N SER A 12 1.08 -10.05 -3.44
CA SER A 12 1.66 -10.44 -4.73
C SER A 12 2.02 -9.19 -5.52
N ILE A 13 3.03 -9.27 -6.37
CA ILE A 13 3.42 -8.15 -7.21
C ILE A 13 2.89 -8.29 -8.64
N GLY A 14 2.39 -7.20 -9.16
CA GLY A 14 1.97 -7.15 -10.55
C GLY A 14 2.62 -6.00 -11.27
N GLU A 15 2.64 -6.08 -12.60
CA GLU A 15 3.32 -5.09 -13.43
C GLU A 15 2.71 -3.69 -13.27
N ARG A 16 1.39 -3.64 -13.20
CA ARG A 16 0.69 -2.35 -13.11
C ARG A 16 -0.15 -2.24 -11.84
N SER A 17 -0.32 -3.37 -11.16
CA SER A 17 -1.07 -3.41 -9.92
C SER A 17 -0.65 -4.60 -9.10
N LEU A 18 -0.58 -4.41 -7.80
CA LEU A 18 -0.14 -5.47 -6.91
C LEU A 18 -0.98 -5.49 -5.63
N ILE A 19 -1.31 -6.69 -5.18
CA ILE A 19 -2.20 -6.85 -4.05
C ILE A 19 -1.42 -6.75 -2.74
N ILE A 20 -1.91 -5.94 -1.83
CA ILE A 20 -1.27 -5.76 -0.54
C ILE A 20 -2.29 -5.91 0.59
N ALA A 21 -2.02 -6.83 1.49
CA ALA A 21 -2.83 -6.98 2.68
C ALA A 21 -2.52 -5.85 3.64
N HIS A 22 -3.25 -4.77 3.52
CA HIS A 22 -3.03 -3.60 4.36
C HIS A 22 -3.81 -3.72 5.65
N GLU A 23 -3.34 -3.03 6.67
CA GLU A 23 -4.02 -3.01 7.96
C GLU A 23 -5.37 -2.30 7.85
N ALA A 24 -5.94 -1.98 9.00
CA ALA A 24 -7.23 -1.30 9.05
C ALA A 24 -7.18 0.03 8.33
N ILE A 25 -6.14 0.80 8.59
CA ILE A 25 -5.95 2.12 7.98
C ILE A 25 -6.90 3.14 8.60
N PRO A 26 -6.43 3.88 9.61
CA PRO A 26 -7.22 4.92 10.27
C PRO A 26 -7.40 6.15 9.38
N SER A 27 -6.56 6.25 8.36
CA SER A 27 -6.59 7.36 7.42
C SER A 27 -7.80 7.27 6.50
N ALA A 28 -8.25 6.05 6.23
CA ALA A 28 -9.39 5.83 5.35
C ALA A 28 -10.56 5.24 6.14
N GLN A 29 -10.33 5.01 7.43
CA GLN A 29 -11.33 4.45 8.33
C GLN A 29 -11.81 3.08 7.86
N TRP A 30 -10.88 2.31 7.29
CA TRP A 30 -11.19 0.97 6.80
C TRP A 30 -10.97 -0.06 7.91
N GLY A 31 -11.34 -1.30 7.63
CA GLY A 31 -11.26 -2.35 8.63
C GLY A 31 -10.37 -3.50 8.22
N ALA A 32 -9.30 -3.20 7.49
CA ALA A 32 -8.29 -4.19 7.07
C ALA A 32 -8.83 -5.17 6.04
N MET A 33 -8.10 -5.29 4.93
CA MET A 33 -8.49 -6.18 3.83
C MET A 33 -7.38 -6.27 2.81
N THR A 34 -7.26 -7.42 2.17
CA THR A 34 -6.25 -7.64 1.16
C THR A 34 -6.69 -7.00 -0.17
N MET A 35 -6.12 -5.84 -0.47
CA MET A 35 -6.55 -5.08 -1.63
C MET A 35 -5.38 -4.81 -2.57
N GLU A 36 -5.67 -4.82 -3.86
CA GLU A 36 -4.68 -4.56 -4.90
C GLU A 36 -4.51 -3.07 -5.13
N PHE A 37 -3.27 -2.62 -5.18
CA PHE A 37 -2.95 -1.22 -5.42
C PHE A 37 -2.32 -1.04 -6.79
N ALA A 38 -2.62 0.07 -7.45
CA ALA A 38 -2.07 0.36 -8.77
C ALA A 38 -0.66 0.94 -8.64
N ALA A 39 0.22 0.56 -9.55
CA ALA A 39 1.60 1.01 -9.53
C ALA A 39 1.69 2.52 -9.77
N PRO A 40 2.61 3.20 -9.06
CA PRO A 40 2.85 4.63 -9.27
C PRO A 40 3.26 4.94 -10.71
N PRO A 41 2.99 6.16 -11.18
CA PRO A 41 3.28 6.56 -12.57
C PRO A 41 4.77 6.50 -12.90
N ALA A 42 5.60 6.42 -11.88
CA ALA A 42 7.05 6.38 -12.05
C ALA A 42 7.54 4.95 -12.17
N GLY A 43 6.70 4.00 -11.79
CA GLY A 43 7.07 2.61 -11.81
C GLY A 43 7.18 2.03 -10.43
N LEU A 44 7.66 0.82 -10.35
CA LEU A 44 7.81 0.14 -9.07
C LEU A 44 9.27 0.01 -8.68
N PRO A 45 9.56 0.25 -7.39
CA PRO A 45 10.88 0.05 -6.82
C PRO A 45 11.08 -1.39 -6.36
N GLN A 46 12.12 -1.60 -5.58
CA GLN A 46 12.44 -2.90 -5.06
C GLN A 46 12.37 -2.89 -3.53
N GLY A 47 11.95 -4.01 -2.96
CA GLY A 47 11.84 -4.12 -1.52
C GLY A 47 10.41 -4.25 -1.07
N LEU A 48 9.54 -4.56 -2.02
CA LEU A 48 8.12 -4.65 -1.77
C LEU A 48 7.50 -5.90 -2.38
N LYS A 49 8.14 -7.04 -2.18
CA LYS A 49 7.67 -8.27 -2.81
C LYS A 49 6.79 -9.07 -1.86
N ALA A 50 6.04 -10.02 -2.42
CA ALA A 50 5.11 -10.84 -1.66
C ALA A 50 5.75 -11.42 -0.41
N GLY A 51 5.32 -10.92 0.74
CA GLY A 51 5.86 -11.40 2.00
C GLY A 51 6.54 -10.30 2.79
N ASP A 52 6.74 -9.15 2.18
CA ASP A 52 7.34 -8.02 2.88
C ASP A 52 6.29 -7.12 3.48
N ARG A 53 6.69 -6.37 4.48
CA ARG A 53 5.85 -5.33 5.03
C ARG A 53 6.42 -3.98 4.64
N VAL A 54 5.58 -3.15 4.07
CA VAL A 54 6.01 -1.84 3.58
C VAL A 54 5.08 -0.75 4.10
N ALA A 55 5.61 0.46 4.20
CA ALA A 55 4.81 1.61 4.58
C ALA A 55 4.61 2.49 3.36
N PHE A 56 3.37 2.73 3.01
CA PHE A 56 3.06 3.42 1.77
C PHE A 56 1.88 4.37 1.95
N SER A 57 1.46 5.00 0.88
CA SER A 57 0.20 5.70 0.89
C SER A 57 -0.51 5.48 -0.43
N PHE A 58 -1.65 6.10 -0.60
CA PHE A 58 -2.42 5.96 -1.82
C PHE A 58 -3.43 7.08 -1.95
N ARG A 59 -3.86 7.32 -3.17
CA ARG A 59 -4.95 8.26 -3.41
C ARG A 59 -6.19 7.46 -3.75
N LEU A 60 -7.33 7.89 -3.25
CA LEU A 60 -8.58 7.22 -3.55
C LEU A 60 -9.21 7.82 -4.78
N ASP A 61 -9.33 7.01 -5.81
CA ASP A 61 -9.96 7.43 -7.05
C ASP A 61 -11.46 7.18 -6.94
N PRO A 62 -12.25 7.79 -7.84
CA PRO A 62 -13.72 7.90 -7.69
C PRO A 62 -14.45 6.56 -7.59
N HIS A 63 -13.81 5.49 -8.02
CA HIS A 63 -14.43 4.17 -8.00
C HIS A 63 -14.14 3.43 -6.70
N GLY A 64 -13.37 4.07 -5.85
CA GLY A 64 -12.86 3.40 -4.67
C GLY A 64 -11.56 2.71 -5.00
N MET A 65 -10.86 3.29 -5.96
CA MET A 65 -9.61 2.76 -6.45
C MET A 65 -8.47 3.21 -5.57
N ALA A 66 -7.49 2.36 -5.38
CA ALA A 66 -6.40 2.64 -4.48
C ALA A 66 -5.10 2.66 -5.25
N THR A 67 -4.67 3.84 -5.60
CA THR A 67 -3.49 3.99 -6.42
C THR A 67 -2.27 4.31 -5.56
N LEU A 68 -1.29 3.43 -5.61
CA LEU A 68 -0.09 3.55 -4.79
C LEU A 68 0.67 4.80 -5.15
N VAL A 69 0.98 5.61 -4.15
CA VAL A 69 1.69 6.85 -4.37
C VAL A 69 3.18 6.69 -4.10
N THR A 70 3.50 6.28 -2.89
CA THR A 70 4.87 6.09 -2.46
C THR A 70 4.94 4.94 -1.47
N VAL A 71 5.96 4.12 -1.58
CA VAL A 71 6.12 2.99 -0.68
C VAL A 71 7.56 2.88 -0.20
N ALA A 72 7.74 2.55 1.07
CA ALA A 72 9.06 2.35 1.63
C ALA A 72 9.09 1.08 2.46
N PRO A 73 10.17 0.29 2.34
CA PRO A 73 10.34 -0.96 3.09
C PRO A 73 10.16 -0.77 4.60
N GLN A 74 9.11 -1.37 5.14
CA GLN A 74 8.82 -1.30 6.56
C GLN A 74 9.51 -2.43 7.30
N VAL A 75 9.44 -2.40 8.62
CA VAL A 75 9.95 -3.48 9.44
C VAL A 75 8.94 -3.82 10.54
N GLN A 76 7.89 -4.53 10.13
CA GLN A 76 6.77 -4.89 11.02
C GLN A 76 6.31 -3.74 11.92
N THR A 77 6.73 -3.78 13.17
CA THR A 77 6.25 -2.84 14.17
C THR A 77 7.04 -1.52 14.16
N ALA A 78 8.02 -1.42 13.28
CA ALA A 78 8.82 -0.20 13.15
C ALA A 78 8.00 0.89 12.50
N GLY A 79 7.52 1.83 13.31
CA GLY A 79 6.67 2.89 12.83
C GLY A 79 5.55 3.18 13.79
N ALA A 80 5.32 2.26 14.71
CA ALA A 80 4.31 2.42 15.75
C ALA A 80 4.83 1.86 17.07
N LYS A 81 4.10 2.08 18.14
CA LYS A 81 4.48 1.52 19.43
C LYS A 81 3.72 0.22 19.69
N PRO A 82 4.43 -0.83 20.11
CA PRO A 82 3.81 -2.10 20.48
C PRO A 82 3.27 -2.06 21.91
N GLY A 1 -8.63 14.03 -4.88
CA GLY A 1 -8.23 12.62 -4.66
C GLY A 1 -7.45 12.44 -3.38
N PRO A 2 -8.13 12.13 -2.26
CA PRO A 2 -7.51 12.06 -0.93
C PRO A 2 -6.45 10.98 -0.84
N GLU A 3 -5.27 11.39 -0.43
CA GLU A 3 -4.14 10.49 -0.25
C GLU A 3 -4.05 10.05 1.21
N HIS A 4 -4.11 8.75 1.43
CA HIS A 4 -4.11 8.21 2.78
C HIS A 4 -2.95 7.23 2.95
N ARG A 5 -2.12 7.45 3.95
CA ARG A 5 -1.03 6.53 4.22
C ARG A 5 -1.54 5.26 4.88
N ALA A 6 -0.95 4.15 4.49
CA ALA A 6 -1.36 2.86 5.00
C ALA A 6 -0.16 1.92 5.10
N VAL A 7 -0.17 1.09 6.11
CA VAL A 7 0.86 0.09 6.27
C VAL A 7 0.28 -1.32 6.07
N GLY A 8 1.11 -2.23 5.62
CA GLY A 8 0.66 -3.60 5.43
C GLY A 8 1.75 -4.50 4.88
N ARG A 9 1.37 -5.68 4.44
CA ARG A 9 2.31 -6.65 3.91
C ARG A 9 1.93 -7.02 2.50
N ILE A 10 2.90 -7.09 1.60
CA ILE A 10 2.63 -7.37 0.21
C ILE A 10 2.13 -8.80 0.05
N GLN A 11 1.06 -8.95 -0.71
CA GLN A 11 0.46 -10.24 -0.93
C GLN A 11 1.03 -10.87 -2.19
N SER A 12 1.02 -10.09 -3.27
CA SER A 12 1.58 -10.53 -4.56
C SER A 12 1.84 -9.31 -5.45
N ILE A 13 2.79 -9.44 -6.36
CA ILE A 13 3.10 -8.38 -7.31
C ILE A 13 2.46 -8.67 -8.66
N GLY A 14 1.82 -7.66 -9.23
CA GLY A 14 1.19 -7.80 -10.53
C GLY A 14 2.02 -7.19 -11.63
N GLU A 15 1.36 -6.74 -12.67
CA GLU A 15 2.05 -6.18 -13.84
C GLU A 15 2.01 -4.65 -13.76
N ARG A 16 0.88 -4.14 -13.29
CA ARG A 16 0.69 -2.69 -13.13
C ARG A 16 0.04 -2.39 -11.79
N SER A 17 -0.16 -3.43 -11.01
CA SER A 17 -0.76 -3.29 -9.70
C SER A 17 -0.34 -4.45 -8.82
N LEU A 18 -0.21 -4.20 -7.55
CA LEU A 18 0.19 -5.25 -6.62
C LEU A 18 -0.84 -5.36 -5.51
N ILE A 19 -1.06 -6.57 -5.03
CA ILE A 19 -2.03 -6.80 -3.97
C ILE A 19 -1.32 -6.74 -2.62
N ILE A 20 -1.86 -5.96 -1.71
CA ILE A 20 -1.26 -5.75 -0.41
C ILE A 20 -2.27 -5.98 0.71
N ALA A 21 -1.90 -6.81 1.67
CA ALA A 21 -2.69 -6.98 2.89
C ALA A 21 -2.43 -5.80 3.81
N HIS A 22 -3.27 -4.78 3.72
CA HIS A 22 -3.08 -3.58 4.50
C HIS A 22 -3.90 -3.60 5.78
N GLU A 23 -3.42 -2.88 6.78
CA GLU A 23 -4.13 -2.71 8.04
C GLU A 23 -5.46 -1.97 7.84
N ALA A 24 -6.07 -1.57 8.94
CA ALA A 24 -7.38 -0.93 8.90
C ALA A 24 -7.32 0.40 8.17
N ILE A 25 -6.20 1.08 8.27
CA ILE A 25 -6.03 2.38 7.64
C ILE A 25 -6.92 3.41 8.32
N PRO A 26 -6.43 4.03 9.41
CA PRO A 26 -7.21 5.00 10.19
C PRO A 26 -7.37 6.33 9.45
N SER A 27 -6.76 6.43 8.29
CA SER A 27 -6.87 7.62 7.48
C SER A 27 -8.04 7.52 6.51
N ALA A 28 -8.48 6.30 6.23
CA ALA A 28 -9.58 6.07 5.32
C ALA A 28 -10.77 5.41 6.03
N GLN A 29 -10.55 5.02 7.29
CA GLN A 29 -11.58 4.37 8.10
C GLN A 29 -12.01 3.03 7.49
N TRP A 30 -11.04 2.26 7.02
CA TRP A 30 -11.30 0.92 6.52
C TRP A 30 -11.12 -0.09 7.63
N GLY A 31 -11.44 -1.35 7.36
CA GLY A 31 -11.39 -2.35 8.41
C GLY A 31 -10.37 -3.46 8.14
N ALA A 32 -9.29 -3.11 7.44
CA ALA A 32 -8.20 -4.05 7.11
C ALA A 32 -8.66 -5.14 6.14
N MET A 33 -7.94 -5.25 5.02
CA MET A 33 -8.27 -6.22 3.99
C MET A 33 -7.19 -6.25 2.91
N THR A 34 -7.07 -7.39 2.26
CA THR A 34 -6.07 -7.56 1.22
C THR A 34 -6.58 -7.00 -0.11
N MET A 35 -6.07 -5.85 -0.49
CA MET A 35 -6.52 -5.17 -1.70
C MET A 35 -5.39 -4.97 -2.70
N GLU A 36 -5.76 -4.66 -3.92
CA GLU A 36 -4.79 -4.42 -4.98
C GLU A 36 -4.62 -2.91 -5.22
N PHE A 37 -3.37 -2.47 -5.27
CA PHE A 37 -3.06 -1.06 -5.53
C PHE A 37 -2.32 -0.91 -6.85
N ALA A 38 -2.66 0.13 -7.60
CA ALA A 38 -2.08 0.36 -8.92
C ALA A 38 -0.72 1.05 -8.80
N ALA A 39 0.17 0.77 -9.74
CA ALA A 39 1.51 1.35 -9.74
C ALA A 39 1.48 2.85 -9.96
N PRO A 40 2.25 3.59 -9.16
CA PRO A 40 2.40 5.05 -9.30
C PRO A 40 2.98 5.43 -10.65
N PRO A 41 2.76 6.68 -11.09
CA PRO A 41 3.23 7.16 -12.39
C PRO A 41 4.77 7.21 -12.49
N ALA A 42 5.43 6.97 -11.36
CA ALA A 42 6.88 6.99 -11.31
C ALA A 42 7.45 5.58 -11.51
N GLY A 43 6.61 4.57 -11.38
CA GLY A 43 7.06 3.21 -11.48
C GLY A 43 7.19 2.56 -10.12
N LEU A 44 7.50 1.27 -10.12
CA LEU A 44 7.63 0.53 -8.86
C LEU A 44 9.10 0.27 -8.54
N PRO A 45 9.48 0.52 -7.29
CA PRO A 45 10.82 0.22 -6.78
C PRO A 45 10.96 -1.22 -6.34
N GLN A 46 12.09 -1.54 -5.74
CA GLN A 46 12.27 -2.85 -5.14
C GLN A 46 12.03 -2.80 -3.63
N GLY A 47 11.71 -3.94 -3.05
CA GLY A 47 11.47 -4.01 -1.62
C GLY A 47 9.99 -4.07 -1.32
N LEU A 48 9.19 -4.36 -2.34
CA LEU A 48 7.75 -4.46 -2.20
C LEU A 48 7.24 -5.78 -2.77
N LYS A 49 7.90 -6.89 -2.42
CA LYS A 49 7.57 -8.17 -3.01
C LYS A 49 6.60 -8.92 -2.12
N ALA A 50 5.98 -9.95 -2.68
CA ALA A 50 5.07 -10.81 -1.94
C ALA A 50 5.76 -11.37 -0.70
N GLY A 51 5.43 -10.81 0.45
CA GLY A 51 6.05 -11.22 1.68
C GLY A 51 6.67 -10.07 2.44
N ASP A 52 6.94 -8.97 1.76
CA ASP A 52 7.53 -7.80 2.39
C ASP A 52 6.49 -6.99 3.12
N ARG A 53 6.88 -6.39 4.22
CA ARG A 53 6.01 -5.46 4.91
C ARG A 53 6.46 -4.04 4.60
N VAL A 54 5.55 -3.25 4.07
CA VAL A 54 5.89 -1.93 3.58
C VAL A 54 4.98 -0.86 4.15
N ALA A 55 5.50 0.35 4.23
CA ALA A 55 4.74 1.51 4.63
C ALA A 55 4.53 2.40 3.42
N PHE A 56 3.28 2.62 3.05
CA PHE A 56 2.98 3.31 1.81
C PHE A 56 1.85 4.29 1.99
N SER A 57 1.48 4.97 0.92
CA SER A 57 0.27 5.74 0.90
C SER A 57 -0.44 5.47 -0.42
N PHE A 58 -1.56 6.12 -0.65
CA PHE A 58 -2.32 5.93 -1.87
C PHE A 58 -3.44 6.96 -1.93
N ARG A 59 -3.89 7.25 -3.13
CA ARG A 59 -4.99 8.19 -3.30
C ARG A 59 -6.24 7.45 -3.72
N LEU A 60 -7.38 7.98 -3.32
CA LEU A 60 -8.63 7.53 -3.91
C LEU A 60 -9.01 8.47 -5.03
N ASP A 61 -8.83 7.99 -6.24
CA ASP A 61 -9.14 8.78 -7.42
C ASP A 61 -10.64 8.79 -7.62
N PRO A 62 -11.17 9.77 -8.38
CA PRO A 62 -12.60 10.02 -8.48
C PRO A 62 -13.39 8.90 -9.17
N HIS A 63 -12.70 7.84 -9.56
CA HIS A 63 -13.35 6.69 -10.16
C HIS A 63 -13.47 5.55 -9.16
N GLY A 64 -13.03 5.82 -7.94
CA GLY A 64 -12.99 4.78 -6.93
C GLY A 64 -11.75 3.93 -7.12
N MET A 65 -10.69 4.58 -7.55
CA MET A 65 -9.43 3.90 -7.84
C MET A 65 -8.50 4.01 -6.65
N ALA A 66 -7.68 2.99 -6.46
CA ALA A 66 -6.73 2.97 -5.37
C ALA A 66 -5.34 2.89 -5.96
N THR A 67 -4.69 4.03 -6.05
CA THR A 67 -3.42 4.11 -6.73
C THR A 67 -2.29 4.38 -5.74
N LEU A 68 -1.31 3.49 -5.75
CA LEU A 68 -0.17 3.58 -4.87
C LEU A 68 0.65 4.82 -5.19
N VAL A 69 1.09 5.53 -4.17
CA VAL A 69 1.85 6.75 -4.38
C VAL A 69 3.34 6.53 -4.10
N THR A 70 3.63 6.09 -2.89
CA THR A 70 4.99 5.86 -2.43
C THR A 70 5.00 4.66 -1.50
N VAL A 71 6.07 3.88 -1.54
CA VAL A 71 6.15 2.70 -0.69
C VAL A 71 7.58 2.51 -0.18
N ALA A 72 7.71 2.17 1.09
CA ALA A 72 9.01 1.94 1.69
C ALA A 72 8.98 0.70 2.57
N PRO A 73 10.03 -0.14 2.50
CA PRO A 73 10.14 -1.34 3.34
C PRO A 73 10.17 -1.00 4.82
N GLN A 74 9.28 -1.61 5.58
CA GLN A 74 9.15 -1.31 7.00
C GLN A 74 9.20 -2.58 7.84
N VAL A 75 9.17 -2.40 9.14
CA VAL A 75 9.29 -3.51 10.06
C VAL A 75 8.16 -3.49 11.09
N GLN A 76 6.96 -3.83 10.62
CA GLN A 76 5.73 -3.96 11.44
C GLN A 76 5.32 -2.69 12.21
N THR A 77 6.18 -2.23 13.07
CA THR A 77 5.88 -1.13 13.98
C THR A 77 6.20 0.24 13.38
N ALA A 78 6.22 0.33 12.06
CA ALA A 78 6.49 1.61 11.38
C ALA A 78 5.20 2.40 11.18
N GLY A 79 4.20 2.11 12.01
CA GLY A 79 2.95 2.82 11.94
C GLY A 79 2.27 2.87 13.29
N ALA A 80 1.74 1.74 13.72
CA ALA A 80 1.06 1.63 15.01
C ALA A 80 1.23 0.23 15.56
N LYS A 81 0.64 -0.03 16.72
CA LYS A 81 0.69 -1.36 17.30
C LYS A 81 -0.60 -2.12 17.03
N PRO A 82 -0.50 -3.27 16.37
CA PRO A 82 -1.62 -4.17 16.19
C PRO A 82 -1.65 -5.24 17.27
N GLY A 1 -7.42 11.98 -6.00
CA GLY A 1 -7.84 12.83 -4.85
C GLY A 1 -6.80 12.85 -3.76
N PRO A 2 -7.22 13.02 -2.50
CA PRO A 2 -6.30 13.13 -1.35
C PRO A 2 -5.50 11.85 -1.12
N GLU A 3 -4.27 12.03 -0.63
CA GLU A 3 -3.36 10.92 -0.38
C GLU A 3 -3.38 10.57 1.10
N HIS A 4 -3.47 9.27 1.41
CA HIS A 4 -3.53 8.81 2.79
C HIS A 4 -2.44 7.78 3.04
N ARG A 5 -1.93 7.75 4.27
CA ARG A 5 -0.90 6.76 4.64
C ARG A 5 -1.55 5.42 4.92
N ALA A 6 -0.86 4.34 4.55
CA ALA A 6 -1.33 3.00 4.82
C ALA A 6 -0.17 2.02 4.92
N VAL A 7 -0.25 1.11 5.87
CA VAL A 7 0.77 0.08 6.01
C VAL A 7 0.15 -1.30 5.80
N GLY A 8 0.94 -2.24 5.28
CA GLY A 8 0.45 -3.58 5.09
C GLY A 8 1.53 -4.53 4.64
N ARG A 9 1.11 -5.71 4.16
CA ARG A 9 2.04 -6.75 3.73
C ARG A 9 1.79 -7.10 2.28
N ILE A 10 2.85 -7.46 1.56
CA ILE A 10 2.74 -7.79 0.15
C ILE A 10 2.30 -9.23 -0.07
N GLN A 11 1.27 -9.42 -0.89
CA GLN A 11 0.82 -10.74 -1.28
C GLN A 11 1.50 -11.16 -2.56
N SER A 12 1.44 -10.29 -3.56
CA SER A 12 2.09 -10.53 -4.84
C SER A 12 2.27 -9.22 -5.59
N ILE A 13 3.30 -9.14 -6.41
CA ILE A 13 3.60 -7.94 -7.17
C ILE A 13 3.09 -8.08 -8.60
N GLY A 14 2.62 -6.98 -9.15
CA GLY A 14 2.20 -6.94 -10.53
C GLY A 14 2.85 -5.81 -11.26
N GLU A 15 2.88 -5.90 -12.58
CA GLU A 15 3.56 -4.91 -13.41
C GLU A 15 2.81 -3.57 -13.37
N ARG A 16 1.49 -3.64 -13.26
CA ARG A 16 0.67 -2.44 -13.27
C ARG A 16 -0.03 -2.26 -11.93
N SER A 17 -0.23 -3.36 -11.23
CA SER A 17 -0.92 -3.34 -9.96
C SER A 17 -0.56 -4.56 -9.14
N LEU A 18 -0.57 -4.41 -7.83
CA LEU A 18 -0.16 -5.49 -6.94
C LEU A 18 -1.06 -5.54 -5.72
N ILE A 19 -1.08 -6.68 -5.05
CA ILE A 19 -1.99 -6.89 -3.95
C ILE A 19 -1.29 -6.77 -2.61
N ILE A 20 -1.88 -5.99 -1.72
CA ILE A 20 -1.33 -5.74 -0.41
C ILE A 20 -2.39 -5.89 0.66
N ALA A 21 -2.14 -6.81 1.59
CA ALA A 21 -2.97 -6.92 2.77
C ALA A 21 -2.70 -5.75 3.69
N HIS A 22 -3.46 -4.70 3.52
CA HIS A 22 -3.28 -3.50 4.31
C HIS A 22 -4.03 -3.61 5.62
N GLU A 23 -3.54 -2.87 6.61
CA GLU A 23 -4.21 -2.78 7.91
C GLU A 23 -5.57 -2.13 7.75
N ALA A 24 -6.19 -1.81 8.88
CA ALA A 24 -7.50 -1.21 8.87
C ALA A 24 -7.49 0.14 8.15
N ILE A 25 -6.48 0.93 8.45
CA ILE A 25 -6.30 2.24 7.83
C ILE A 25 -7.34 3.23 8.37
N PRO A 26 -7.00 3.94 9.45
CA PRO A 26 -7.86 4.98 10.02
C PRO A 26 -8.02 6.16 9.08
N SER A 27 -7.07 6.26 8.14
CA SER A 27 -7.05 7.33 7.16
C SER A 27 -8.31 7.31 6.29
N ALA A 28 -8.85 6.12 6.07
CA ALA A 28 -10.02 5.97 5.20
C ALA A 28 -11.18 5.31 5.94
N GLN A 29 -10.97 5.03 7.23
CA GLN A 29 -11.98 4.37 8.06
C GLN A 29 -12.33 2.99 7.48
N TRP A 30 -11.32 2.32 6.96
CA TRP A 30 -11.49 1.01 6.34
C TRP A 30 -11.20 -0.11 7.33
N GLY A 31 -11.43 -1.33 6.88
CA GLY A 31 -11.04 -2.49 7.64
C GLY A 31 -9.81 -3.14 7.04
N ALA A 32 -9.20 -4.04 7.79
CA ALA A 32 -8.01 -4.75 7.35
C ALA A 32 -8.37 -5.82 6.33
N MET A 33 -7.82 -5.70 5.14
CA MET A 33 -8.17 -6.61 4.05
C MET A 33 -7.15 -6.56 2.93
N THR A 34 -7.04 -7.67 2.21
CA THR A 34 -6.13 -7.79 1.10
C THR A 34 -6.70 -7.13 -0.14
N MET A 35 -6.12 -5.99 -0.53
CA MET A 35 -6.59 -5.24 -1.68
C MET A 35 -5.49 -4.98 -2.69
N GLU A 36 -5.89 -4.59 -3.88
CA GLU A 36 -4.95 -4.28 -4.94
C GLU A 36 -4.79 -2.77 -5.08
N PHE A 37 -3.54 -2.32 -5.25
CA PHE A 37 -3.24 -0.93 -5.47
C PHE A 37 -2.61 -0.74 -6.84
N ALA A 38 -3.11 0.21 -7.60
CA ALA A 38 -2.57 0.51 -8.92
C ALA A 38 -1.20 1.16 -8.76
N ALA A 39 -0.22 0.66 -9.51
CA ALA A 39 1.14 1.16 -9.41
C ALA A 39 1.29 2.46 -10.19
N PRO A 40 2.15 3.36 -9.69
CA PRO A 40 2.46 4.60 -10.40
C PRO A 40 3.13 4.30 -11.74
N PRO A 41 3.00 5.21 -12.72
CA PRO A 41 3.55 5.03 -14.07
C PRO A 41 5.07 4.87 -14.06
N ALA A 42 5.69 5.25 -12.96
CA ALA A 42 7.13 5.11 -12.80
C ALA A 42 7.52 3.66 -12.60
N GLY A 43 6.62 2.89 -12.03
CA GLY A 43 6.89 1.50 -11.74
C GLY A 43 7.04 1.26 -10.26
N LEU A 44 7.38 0.04 -9.91
CA LEU A 44 7.56 -0.33 -8.51
C LEU A 44 9.04 -0.38 -8.14
N PRO A 45 9.38 0.08 -6.93
CA PRO A 45 10.73 -0.02 -6.39
C PRO A 45 11.05 -1.42 -5.88
N GLN A 46 12.14 -1.53 -5.17
CA GLN A 46 12.57 -2.79 -4.61
C GLN A 46 12.38 -2.78 -3.09
N GLY A 47 12.16 -3.96 -2.52
CA GLY A 47 11.96 -4.07 -1.09
C GLY A 47 10.50 -4.28 -0.72
N LEU A 48 9.70 -4.63 -1.71
CA LEU A 48 8.27 -4.80 -1.52
C LEU A 48 7.77 -6.10 -2.16
N LYS A 49 8.41 -7.21 -1.81
CA LYS A 49 8.08 -8.50 -2.43
C LYS A 49 7.06 -9.24 -1.61
N ALA A 50 6.42 -10.24 -2.23
CA ALA A 50 5.51 -11.11 -1.53
C ALA A 50 6.11 -11.60 -0.21
N GLY A 51 5.55 -11.15 0.90
CA GLY A 51 6.06 -11.52 2.20
C GLY A 51 6.67 -10.35 2.95
N ASP A 52 6.88 -9.24 2.26
CA ASP A 52 7.43 -8.06 2.89
C ASP A 52 6.34 -7.23 3.52
N ARG A 53 6.73 -6.46 4.53
CA ARG A 53 5.84 -5.48 5.08
C ARG A 53 6.30 -4.11 4.63
N VAL A 54 5.39 -3.33 4.07
CA VAL A 54 5.74 -2.04 3.51
C VAL A 54 4.83 -0.93 4.04
N ALA A 55 5.41 0.25 4.21
CA ALA A 55 4.67 1.42 4.63
C ALA A 55 4.50 2.34 3.43
N PHE A 56 3.27 2.64 3.07
CA PHE A 56 3.00 3.36 1.84
C PHE A 56 1.93 4.41 2.02
N SER A 57 1.67 5.13 0.93
CA SER A 57 0.56 6.05 0.88
C SER A 57 -0.14 5.92 -0.47
N PHE A 58 -1.45 6.04 -0.46
CA PHE A 58 -2.25 5.88 -1.66
C PHE A 58 -3.21 7.05 -1.80
N ARG A 59 -3.64 7.32 -3.01
CA ARG A 59 -4.60 8.38 -3.25
C ARG A 59 -5.95 7.79 -3.60
N LEU A 60 -6.99 8.38 -3.03
CA LEU A 60 -8.35 7.96 -3.30
C LEU A 60 -9.04 8.93 -4.22
N ASP A 61 -9.60 8.42 -5.30
CA ASP A 61 -10.43 9.23 -6.18
C ASP A 61 -11.88 9.12 -5.74
N PRO A 62 -12.76 10.00 -6.26
CA PRO A 62 -14.16 10.06 -5.83
C PRO A 62 -14.94 8.82 -6.25
N HIS A 63 -14.27 7.95 -7.00
CA HIS A 63 -14.85 6.70 -7.45
C HIS A 63 -14.60 5.62 -6.42
N GLY A 64 -13.72 5.92 -5.49
CA GLY A 64 -13.30 4.94 -4.50
C GLY A 64 -12.17 4.09 -5.03
N MET A 65 -11.33 4.71 -5.86
CA MET A 65 -10.20 4.01 -6.46
C MET A 65 -8.96 4.26 -5.63
N ALA A 66 -8.12 3.24 -5.49
CA ALA A 66 -6.97 3.32 -4.62
C ALA A 66 -5.69 3.14 -5.43
N THR A 67 -4.99 4.25 -5.63
CA THR A 67 -3.80 4.23 -6.45
C THR A 67 -2.57 4.40 -5.56
N LEU A 68 -1.62 3.49 -5.69
CA LEU A 68 -0.42 3.51 -4.88
C LEU A 68 0.50 4.64 -5.34
N VAL A 69 0.97 5.43 -4.40
CA VAL A 69 1.83 6.56 -4.75
C VAL A 69 3.27 6.29 -4.34
N THR A 70 3.50 6.22 -3.04
CA THR A 70 4.85 6.00 -2.54
C THR A 70 4.85 4.91 -1.48
N VAL A 71 5.76 3.95 -1.63
CA VAL A 71 5.88 2.85 -0.70
C VAL A 71 7.33 2.67 -0.25
N ALA A 72 7.53 2.53 1.04
CA ALA A 72 8.85 2.32 1.60
C ALA A 72 8.89 1.04 2.41
N PRO A 73 10.00 0.30 2.35
CA PRO A 73 10.18 -0.94 3.10
C PRO A 73 9.95 -0.76 4.60
N GLN A 74 8.87 -1.34 5.09
CA GLN A 74 8.56 -1.32 6.50
C GLN A 74 9.34 -2.40 7.22
N VAL A 75 9.24 -2.41 8.54
CA VAL A 75 9.90 -3.40 9.35
C VAL A 75 8.99 -3.81 10.49
N GLN A 76 8.09 -4.75 10.19
CA GLN A 76 7.09 -5.20 11.15
C GLN A 76 6.09 -4.07 11.39
N THR A 77 5.41 -4.11 12.53
CA THR A 77 4.43 -3.08 12.86
C THR A 77 5.13 -1.74 13.13
N ALA A 78 5.15 -0.89 12.13
CA ALA A 78 5.73 0.43 12.24
C ALA A 78 4.70 1.51 11.94
N GLY A 79 4.01 1.94 12.97
CA GLY A 79 3.00 2.96 12.82
C GLY A 79 2.59 3.52 14.17
N ALA A 80 3.58 4.04 14.90
CA ALA A 80 3.41 4.51 16.27
C ALA A 80 3.16 3.33 17.21
N LYS A 81 3.23 3.58 18.51
CA LYS A 81 2.95 2.54 19.48
C LYS A 81 1.62 2.81 20.17
N PRO A 82 0.78 1.79 20.29
CA PRO A 82 -0.51 1.89 20.95
C PRO A 82 -0.41 1.59 22.45
N GLY A 1 -7.21 11.76 -6.30
CA GLY A 1 -7.90 12.13 -5.03
C GLY A 1 -6.91 12.34 -3.89
N PRO A 2 -7.41 12.49 -2.65
CA PRO A 2 -6.57 12.70 -1.47
C PRO A 2 -5.66 11.50 -1.16
N GLU A 3 -4.47 11.81 -0.66
CA GLU A 3 -3.45 10.80 -0.37
C GLU A 3 -3.59 10.29 1.06
N HIS A 4 -3.80 8.99 1.21
CA HIS A 4 -3.95 8.38 2.53
C HIS A 4 -2.83 7.37 2.74
N ARG A 5 -2.11 7.49 3.85
CA ARG A 5 -1.07 6.52 4.19
C ARG A 5 -1.66 5.25 4.76
N ALA A 6 -0.96 4.14 4.55
CA ALA A 6 -1.38 2.86 5.07
C ALA A 6 -0.20 1.89 5.15
N VAL A 7 -0.25 0.98 6.11
CA VAL A 7 0.76 -0.04 6.24
C VAL A 7 0.15 -1.42 6.01
N GLY A 8 0.95 -2.34 5.50
CA GLY A 8 0.46 -3.68 5.27
C GLY A 8 1.55 -4.61 4.80
N ARG A 9 1.17 -5.84 4.47
CA ARG A 9 2.10 -6.86 4.04
C ARG A 9 1.80 -7.21 2.60
N ILE A 10 2.82 -7.22 1.77
CA ILE A 10 2.64 -7.49 0.34
C ILE A 10 2.13 -8.89 0.12
N GLN A 11 1.03 -9.00 -0.61
CA GLN A 11 0.43 -10.28 -0.91
C GLN A 11 1.05 -10.86 -2.19
N SER A 12 1.03 -10.06 -3.25
CA SER A 12 1.64 -10.44 -4.52
C SER A 12 1.89 -9.21 -5.39
N ILE A 13 2.96 -9.25 -6.19
CA ILE A 13 3.28 -8.16 -7.10
C ILE A 13 2.75 -8.44 -8.50
N GLY A 14 2.09 -7.45 -9.07
CA GLY A 14 1.58 -7.56 -10.42
C GLY A 14 2.53 -6.94 -11.42
N GLU A 15 1.97 -6.43 -12.50
CA GLU A 15 2.76 -5.80 -13.55
C GLU A 15 2.57 -4.28 -13.50
N ARG A 16 1.34 -3.87 -13.25
CA ARG A 16 1.00 -2.45 -13.16
C ARG A 16 0.41 -2.14 -11.80
N SER A 17 0.28 -3.17 -11.01
CA SER A 17 -0.36 -3.04 -9.71
C SER A 17 0.17 -4.15 -8.82
N LEU A 18 -0.34 -4.23 -7.61
CA LEU A 18 0.03 -5.30 -6.70
C LEU A 18 -0.94 -5.36 -5.53
N ILE A 19 -1.18 -6.57 -5.06
CA ILE A 19 -2.14 -6.79 -4.00
C ILE A 19 -1.43 -6.78 -2.65
N ILE A 20 -1.92 -5.96 -1.74
CA ILE A 20 -1.31 -5.79 -0.44
C ILE A 20 -2.33 -6.02 0.66
N ALA A 21 -2.05 -6.97 1.55
CA ALA A 21 -2.85 -7.17 2.73
C ALA A 21 -2.57 -6.05 3.72
N HIS A 22 -3.39 -5.00 3.67
CA HIS A 22 -3.17 -3.83 4.50
C HIS A 22 -3.97 -3.91 5.79
N GLU A 23 -3.45 -3.27 6.82
CA GLU A 23 -4.13 -3.18 8.12
C GLU A 23 -5.35 -2.26 8.04
N ALA A 24 -5.84 -1.87 9.21
CA ALA A 24 -6.95 -0.93 9.29
C ALA A 24 -6.50 0.45 8.86
N ILE A 25 -7.10 0.92 7.78
CA ILE A 25 -6.85 2.24 7.26
C ILE A 25 -7.96 3.19 7.68
N PRO A 26 -7.72 4.01 8.72
CA PRO A 26 -8.73 4.93 9.24
C PRO A 26 -8.97 6.12 8.30
N SER A 27 -8.10 6.27 7.31
CA SER A 27 -8.21 7.35 6.36
C SER A 27 -9.32 7.09 5.34
N ALA A 28 -9.48 5.82 4.96
CA ALA A 28 -10.46 5.44 3.98
C ALA A 28 -11.49 4.49 4.57
N GLN A 29 -11.37 4.27 5.89
CA GLN A 29 -12.26 3.36 6.62
C GLN A 29 -12.13 1.93 6.12
N TRP A 30 -10.94 1.60 5.61
CA TRP A 30 -10.68 0.25 5.14
C TRP A 30 -10.24 -0.61 6.30
N GLY A 31 -11.11 -1.52 6.71
CA GLY A 31 -10.89 -2.28 7.93
C GLY A 31 -10.12 -3.56 7.69
N ALA A 32 -8.84 -3.42 7.35
CA ALA A 32 -7.91 -4.54 7.20
C ALA A 32 -8.41 -5.59 6.20
N MET A 33 -7.85 -5.56 5.00
CA MET A 33 -8.23 -6.51 3.96
C MET A 33 -7.24 -6.46 2.82
N THR A 34 -7.08 -7.60 2.16
CA THR A 34 -6.12 -7.72 1.08
C THR A 34 -6.66 -7.09 -0.20
N MET A 35 -6.11 -5.95 -0.57
CA MET A 35 -6.55 -5.23 -1.75
C MET A 35 -5.39 -4.87 -2.65
N GLU A 36 -5.71 -4.55 -3.89
CA GLU A 36 -4.70 -4.23 -4.88
C GLU A 36 -4.51 -2.72 -4.99
N PHE A 37 -3.29 -2.29 -5.29
CA PHE A 37 -2.96 -0.87 -5.37
C PHE A 37 -2.20 -0.58 -6.67
N ALA A 38 -2.83 0.20 -7.54
CA ALA A 38 -2.26 0.54 -8.83
C ALA A 38 -0.93 1.27 -8.69
N ALA A 39 0.07 0.83 -9.44
CA ALA A 39 1.40 1.40 -9.36
C ALA A 39 1.44 2.82 -9.91
N PRO A 40 2.28 3.69 -9.32
CA PRO A 40 2.52 5.02 -9.85
C PRO A 40 3.18 4.97 -11.22
N PRO A 41 2.97 5.99 -12.06
CA PRO A 41 3.51 6.04 -13.43
C PRO A 41 5.04 5.96 -13.47
N ALA A 42 5.66 6.17 -12.32
CA ALA A 42 7.12 6.10 -12.21
C ALA A 42 7.60 4.64 -12.25
N GLY A 43 6.76 3.73 -11.78
CA GLY A 43 7.12 2.33 -11.75
C GLY A 43 7.34 1.82 -10.34
N LEU A 44 7.68 0.55 -10.23
CA LEU A 44 7.88 -0.08 -8.93
C LEU A 44 9.36 -0.32 -8.67
N PRO A 45 9.78 -0.13 -7.41
CA PRO A 45 11.12 -0.51 -6.94
C PRO A 45 11.15 -1.96 -6.48
N GLN A 46 12.27 -2.35 -5.90
CA GLN A 46 12.41 -3.68 -5.32
C GLN A 46 12.48 -3.58 -3.80
N GLY A 47 11.97 -4.59 -3.12
CA GLY A 47 11.95 -4.58 -1.67
C GLY A 47 10.54 -4.56 -1.15
N LEU A 48 9.59 -4.78 -2.06
CA LEU A 48 8.17 -4.77 -1.73
C LEU A 48 7.49 -6.02 -2.27
N LYS A 49 8.10 -7.16 -2.01
CA LYS A 49 7.66 -8.41 -2.63
C LYS A 49 6.70 -9.14 -1.72
N ALA A 50 6.09 -10.20 -2.26
CA ALA A 50 5.19 -11.05 -1.49
C ALA A 50 5.86 -11.52 -0.21
N GLY A 51 5.34 -11.06 0.92
CA GLY A 51 5.90 -11.42 2.19
C GLY A 51 6.68 -10.29 2.83
N ASP A 52 6.79 -9.17 2.14
CA ASP A 52 7.43 -7.99 2.70
C ASP A 52 6.43 -7.14 3.43
N ARG A 53 6.91 -6.39 4.39
CA ARG A 53 6.09 -5.42 5.06
C ARG A 53 6.50 -4.04 4.58
N VAL A 54 5.56 -3.30 4.02
CA VAL A 54 5.88 -1.99 3.48
C VAL A 54 4.97 -0.92 4.07
N ALA A 55 5.49 0.29 4.14
CA ALA A 55 4.71 1.43 4.57
C ALA A 55 4.46 2.33 3.37
N PHE A 56 3.20 2.52 3.02
CA PHE A 56 2.88 3.18 1.77
C PHE A 56 1.81 4.24 1.94
N SER A 57 1.55 4.95 0.86
CA SER A 57 0.47 5.93 0.82
C SER A 57 -0.16 5.89 -0.56
N PHE A 58 -1.48 5.98 -0.59
CA PHE A 58 -2.21 5.84 -1.83
C PHE A 58 -3.29 6.93 -1.94
N ARG A 59 -3.62 7.31 -3.16
CA ARG A 59 -4.64 8.32 -3.38
C ARG A 59 -5.93 7.67 -3.84
N LEU A 60 -7.04 8.09 -3.24
CA LEU A 60 -8.35 7.56 -3.59
C LEU A 60 -9.17 8.60 -4.31
N ASP A 61 -9.75 8.22 -5.43
CA ASP A 61 -10.65 9.09 -6.15
C ASP A 61 -12.09 8.70 -5.82
N PRO A 62 -13.06 9.57 -6.16
CA PRO A 62 -14.48 9.35 -5.84
C PRO A 62 -15.06 8.20 -6.65
N HIS A 63 -14.25 7.70 -7.59
CA HIS A 63 -14.64 6.56 -8.41
C HIS A 63 -14.31 5.26 -7.70
N GLY A 64 -13.53 5.37 -6.65
CA GLY A 64 -13.06 4.18 -5.95
C GLY A 64 -11.71 3.75 -6.47
N MET A 65 -11.04 4.68 -7.14
CA MET A 65 -9.74 4.42 -7.72
C MET A 65 -8.68 4.41 -6.63
N ALA A 66 -8.03 3.28 -6.47
CA ALA A 66 -7.02 3.12 -5.44
C ALA A 66 -5.64 3.14 -6.07
N THR A 67 -5.00 4.29 -6.01
CA THR A 67 -3.76 4.49 -6.71
C THR A 67 -2.60 4.64 -5.73
N LEU A 68 -1.62 3.76 -5.86
CA LEU A 68 -0.46 3.80 -4.98
C LEU A 68 0.44 4.96 -5.37
N VAL A 69 0.85 5.74 -4.39
CA VAL A 69 1.67 6.91 -4.65
C VAL A 69 3.12 6.64 -4.29
N THR A 70 3.35 6.23 -3.06
CA THR A 70 4.68 5.95 -2.57
C THR A 70 4.66 4.75 -1.64
N VAL A 71 5.73 3.96 -1.66
CA VAL A 71 5.85 2.83 -0.74
C VAL A 71 7.30 2.66 -0.31
N ALA A 72 7.53 2.51 0.98
CA ALA A 72 8.87 2.31 1.51
C ALA A 72 8.96 0.98 2.23
N PRO A 73 10.08 0.26 2.07
CA PRO A 73 10.30 -1.02 2.74
C PRO A 73 10.38 -0.86 4.26
N GLN A 74 9.43 -1.45 4.95
CA GLN A 74 9.35 -1.34 6.39
C GLN A 74 9.63 -2.68 7.03
N VAL A 75 9.63 -2.71 8.34
CA VAL A 75 9.90 -3.93 9.06
C VAL A 75 9.28 -3.88 10.46
N GLN A 76 8.02 -4.30 10.55
CA GLN A 76 7.33 -4.40 11.82
C GLN A 76 7.25 -3.03 12.52
N THR A 77 7.05 -2.00 11.70
CA THR A 77 7.01 -0.61 12.19
C THR A 77 8.28 -0.29 12.98
N ALA A 78 9.35 -0.06 12.24
CA ALA A 78 10.63 0.24 12.84
C ALA A 78 10.87 1.74 12.90
N GLY A 79 11.00 2.26 14.11
CA GLY A 79 11.30 3.66 14.30
C GLY A 79 12.69 3.87 14.83
N ALA A 80 12.81 4.67 15.88
CA ALA A 80 14.10 4.92 16.49
C ALA A 80 13.95 4.97 18.01
N LYS A 81 14.34 3.90 18.67
CA LYS A 81 14.26 3.84 20.11
C LYS A 81 15.65 3.89 20.73
N PRO A 82 15.86 4.80 21.69
CA PRO A 82 17.12 4.90 22.41
C PRO A 82 17.27 3.83 23.47
N GLY A 1 -8.71 12.83 -5.43
CA GLY A 1 -9.06 12.82 -3.99
C GLY A 1 -7.82 12.86 -3.11
N PRO A 2 -8.00 12.70 -1.80
CA PRO A 2 -6.89 12.79 -0.83
C PRO A 2 -6.02 11.53 -0.81
N GLU A 3 -4.81 11.70 -0.32
CA GLU A 3 -3.86 10.61 -0.15
C GLU A 3 -3.92 10.10 1.29
N HIS A 4 -3.86 8.79 1.46
CA HIS A 4 -3.96 8.19 2.78
C HIS A 4 -2.77 7.27 3.03
N ARG A 5 -2.26 7.30 4.25
CA ARG A 5 -1.12 6.47 4.62
C ARG A 5 -1.58 5.07 5.03
N ALA A 6 -0.96 4.07 4.43
CA ALA A 6 -1.40 2.69 4.62
C ALA A 6 -0.22 1.75 4.80
N VAL A 7 -0.26 0.97 5.86
CA VAL A 7 0.74 -0.07 6.09
C VAL A 7 0.13 -1.45 5.91
N GLY A 8 0.96 -2.40 5.52
CA GLY A 8 0.48 -3.76 5.32
C GLY A 8 1.58 -4.70 4.89
N ARG A 9 1.18 -5.84 4.35
CA ARG A 9 2.11 -6.86 3.93
C ARG A 9 1.86 -7.20 2.47
N ILE A 10 2.92 -7.27 1.68
CA ILE A 10 2.78 -7.54 0.27
C ILE A 10 2.21 -8.93 0.04
N GLN A 11 1.12 -9.00 -0.69
CA GLN A 11 0.46 -10.26 -0.98
C GLN A 11 1.06 -10.86 -2.25
N SER A 12 1.06 -10.08 -3.32
CA SER A 12 1.66 -10.46 -4.57
C SER A 12 1.94 -9.22 -5.40
N ILE A 13 2.85 -9.31 -6.36
CA ILE A 13 3.25 -8.16 -7.16
C ILE A 13 2.79 -8.28 -8.60
N GLY A 14 2.43 -7.15 -9.16
CA GLY A 14 2.14 -7.06 -10.57
C GLY A 14 2.85 -5.88 -11.19
N GLU A 15 3.00 -5.90 -12.49
CA GLU A 15 3.74 -4.86 -13.21
C GLU A 15 3.12 -3.49 -13.01
N ARG A 16 1.80 -3.41 -13.09
CA ARG A 16 1.12 -2.13 -13.01
C ARG A 16 0.11 -2.08 -11.88
N SER A 17 -0.08 -3.20 -11.21
CA SER A 17 -0.91 -3.25 -10.02
C SER A 17 -0.52 -4.44 -9.18
N LEU A 18 -0.61 -4.31 -7.88
CA LEU A 18 -0.23 -5.39 -6.98
C LEU A 18 -1.10 -5.41 -5.75
N ILE A 19 -1.27 -6.59 -5.18
CA ILE A 19 -2.17 -6.78 -4.07
C ILE A 19 -1.40 -6.74 -2.75
N ILE A 20 -1.88 -5.94 -1.83
CA ILE A 20 -1.25 -5.82 -0.53
C ILE A 20 -2.27 -6.03 0.58
N ALA A 21 -1.99 -6.99 1.45
CA ALA A 21 -2.79 -7.18 2.63
C ALA A 21 -2.50 -6.04 3.61
N HIS A 22 -3.29 -4.98 3.51
CA HIS A 22 -3.08 -3.80 4.33
C HIS A 22 -3.94 -3.89 5.58
N GLU A 23 -3.45 -3.28 6.65
CA GLU A 23 -4.18 -3.26 7.89
C GLU A 23 -5.28 -2.20 7.86
N ALA A 24 -5.74 -1.80 9.04
CA ALA A 24 -6.89 -0.90 9.16
C ALA A 24 -6.73 0.37 8.37
N ILE A 25 -5.58 1.00 8.47
CA ILE A 25 -5.32 2.28 7.81
C ILE A 25 -6.14 3.39 8.48
N PRO A 26 -5.56 4.02 9.52
CA PRO A 26 -6.24 5.07 10.27
C PRO A 26 -6.54 6.29 9.39
N SER A 27 -5.68 6.52 8.42
CA SER A 27 -5.78 7.69 7.55
C SER A 27 -7.00 7.60 6.63
N ALA A 28 -7.55 6.41 6.45
CA ALA A 28 -8.68 6.22 5.55
C ALA A 28 -9.91 5.71 6.29
N GLN A 29 -9.74 5.38 7.57
CA GLN A 29 -10.81 4.85 8.40
C GLN A 29 -11.29 3.50 7.87
N TRP A 30 -10.37 2.70 7.34
CA TRP A 30 -10.69 1.37 6.84
C TRP A 30 -10.52 0.34 7.95
N GLY A 31 -10.90 -0.90 7.69
CA GLY A 31 -10.81 -1.93 8.71
C GLY A 31 -10.07 -3.18 8.27
N ALA A 32 -8.93 -2.98 7.61
CA ALA A 32 -8.02 -4.08 7.23
C ALA A 32 -8.63 -5.04 6.20
N MET A 33 -7.97 -5.16 5.05
CA MET A 33 -8.44 -6.04 3.99
C MET A 33 -7.40 -6.15 2.87
N THR A 34 -7.31 -7.33 2.28
CA THR A 34 -6.37 -7.56 1.20
C THR A 34 -6.86 -6.91 -0.09
N MET A 35 -6.22 -5.82 -0.47
CA MET A 35 -6.64 -5.07 -1.64
C MET A 35 -5.51 -4.86 -2.63
N GLU A 36 -5.89 -4.46 -3.83
CA GLU A 36 -4.94 -4.24 -4.91
C GLU A 36 -4.73 -2.74 -5.13
N PHE A 37 -3.48 -2.35 -5.35
CA PHE A 37 -3.14 -0.95 -5.59
C PHE A 37 -2.52 -0.79 -6.96
N ALA A 38 -2.92 0.24 -7.68
CA ALA A 38 -2.39 0.52 -9.00
C ALA A 38 -1.04 1.20 -8.88
N ALA A 39 -0.08 0.77 -9.68
CA ALA A 39 1.26 1.32 -9.65
C ALA A 39 1.41 2.41 -10.71
N PRO A 40 2.16 3.47 -10.39
CA PRO A 40 2.51 4.51 -11.36
C PRO A 40 3.36 3.94 -12.49
N PRO A 41 3.30 4.54 -13.69
CA PRO A 41 4.03 4.06 -14.87
C PRO A 41 5.56 4.09 -14.70
N ALA A 42 6.01 4.56 -13.56
CA ALA A 42 7.43 4.57 -13.24
C ALA A 42 7.89 3.21 -12.75
N GLY A 43 6.94 2.42 -12.27
CA GLY A 43 7.26 1.08 -11.81
C GLY A 43 7.50 1.02 -10.31
N LEU A 44 7.63 -0.18 -9.80
CA LEU A 44 7.79 -0.39 -8.37
C LEU A 44 9.27 -0.47 -7.98
N PRO A 45 9.60 0.03 -6.79
CA PRO A 45 10.95 -0.07 -6.24
C PRO A 45 11.26 -1.47 -5.73
N GLN A 46 12.34 -1.59 -4.97
CA GLN A 46 12.74 -2.86 -4.41
C GLN A 46 12.35 -2.90 -2.93
N GLY A 47 12.15 -4.09 -2.42
CA GLY A 47 11.86 -4.25 -1.01
C GLY A 47 10.39 -4.45 -0.71
N LEU A 48 9.60 -4.64 -1.76
CA LEU A 48 8.16 -4.80 -1.61
C LEU A 48 7.66 -6.10 -2.24
N LYS A 49 8.28 -7.21 -1.88
CA LYS A 49 7.96 -8.49 -2.50
C LYS A 49 6.95 -9.24 -1.65
N ALA A 50 6.24 -10.19 -2.27
CA ALA A 50 5.26 -11.03 -1.57
C ALA A 50 5.83 -11.55 -0.25
N GLY A 51 5.31 -11.05 0.87
CA GLY A 51 5.80 -11.45 2.16
C GLY A 51 6.42 -10.31 2.94
N ASP A 52 6.79 -9.23 2.25
CA ASP A 52 7.43 -8.09 2.90
C ASP A 52 6.42 -7.18 3.57
N ARG A 53 6.90 -6.42 4.53
CA ARG A 53 6.10 -5.41 5.19
C ARG A 53 6.60 -4.04 4.76
N VAL A 54 5.72 -3.25 4.17
CA VAL A 54 6.09 -1.94 3.65
C VAL A 54 5.13 -0.87 4.13
N ALA A 55 5.59 0.37 4.14
CA ALA A 55 4.76 1.51 4.52
C ALA A 55 4.52 2.38 3.31
N PHE A 56 3.28 2.42 2.85
CA PHE A 56 2.96 3.12 1.62
C PHE A 56 1.86 4.14 1.81
N SER A 57 1.61 4.90 0.76
CA SER A 57 0.53 5.83 0.71
C SER A 57 -0.27 5.57 -0.56
N PHE A 58 -1.58 5.76 -0.49
CA PHE A 58 -2.41 5.59 -1.66
C PHE A 58 -3.34 6.78 -1.82
N ARG A 59 -3.54 7.18 -3.05
CA ARG A 59 -4.41 8.31 -3.34
C ARG A 59 -5.66 7.81 -4.05
N LEU A 60 -6.80 8.29 -3.61
CA LEU A 60 -8.06 7.92 -4.24
C LEU A 60 -8.39 8.89 -5.35
N ASP A 61 -8.48 8.37 -6.55
CA ASP A 61 -8.82 9.17 -7.71
C ASP A 61 -10.34 9.18 -7.87
N PRO A 62 -10.87 10.08 -8.73
CA PRO A 62 -12.32 10.30 -8.86
C PRO A 62 -13.07 9.10 -9.41
N HIS A 63 -12.35 8.02 -9.65
CA HIS A 63 -12.95 6.78 -10.12
C HIS A 63 -13.24 5.86 -8.94
N GLY A 64 -12.57 6.14 -7.82
CA GLY A 64 -12.74 5.30 -6.66
C GLY A 64 -11.66 4.24 -6.61
N MET A 65 -10.62 4.46 -7.41
CA MET A 65 -9.51 3.54 -7.48
C MET A 65 -8.47 3.88 -6.43
N ALA A 66 -7.72 2.89 -6.01
CA ALA A 66 -6.74 3.08 -4.98
C ALA A 66 -5.36 3.02 -5.61
N THR A 67 -4.81 4.18 -5.87
CA THR A 67 -3.57 4.29 -6.59
C THR A 67 -2.40 4.44 -5.63
N LEU A 68 -1.45 3.52 -5.73
CA LEU A 68 -0.29 3.50 -4.87
C LEU A 68 0.62 4.68 -5.19
N VAL A 69 0.98 5.46 -4.18
CA VAL A 69 1.72 6.69 -4.41
C VAL A 69 3.21 6.49 -4.12
N THR A 70 3.53 6.23 -2.86
CA THR A 70 4.90 5.96 -2.46
C THR A 70 4.94 4.82 -1.48
N VAL A 71 5.96 3.98 -1.57
CA VAL A 71 6.10 2.87 -0.65
C VAL A 71 7.53 2.80 -0.13
N ALA A 72 7.68 2.84 1.18
CA ALA A 72 8.98 2.78 1.81
C ALA A 72 9.14 1.45 2.52
N PRO A 73 10.33 0.83 2.40
CA PRO A 73 10.65 -0.40 3.10
C PRO A 73 10.41 -0.32 4.60
N GLN A 74 9.35 -0.96 5.03
CA GLN A 74 9.02 -1.03 6.43
C GLN A 74 9.73 -2.21 7.08
N VAL A 75 9.59 -2.30 8.38
CA VAL A 75 10.07 -3.44 9.11
C VAL A 75 9.36 -3.52 10.47
N GLN A 76 8.14 -4.05 10.41
CA GLN A 76 7.37 -4.38 11.61
C GLN A 76 6.87 -3.15 12.33
N THR A 77 7.60 -2.77 13.35
CA THR A 77 7.20 -1.66 14.18
C THR A 77 7.98 -0.40 13.83
N ALA A 78 9.04 -0.57 13.03
CA ALA A 78 9.94 0.51 12.68
C ALA A 78 10.53 1.14 13.95
N GLY A 79 10.87 2.42 13.88
CA GLY A 79 11.33 3.11 15.06
C GLY A 79 10.19 3.37 16.03
N ALA A 80 9.02 3.68 15.47
CA ALA A 80 7.81 3.92 16.25
C ALA A 80 6.61 4.08 15.31
N LYS A 81 6.77 4.94 14.33
CA LYS A 81 5.73 5.17 13.33
C LYS A 81 6.15 4.59 11.99
N PRO A 82 5.35 3.65 11.44
CA PRO A 82 5.55 3.12 10.11
C PRO A 82 5.02 4.08 9.04
N GLY A 1 -6.93 14.45 -5.65
CA GLY A 1 -7.23 13.11 -5.07
C GLY A 1 -6.74 12.99 -3.65
N PRO A 2 -7.62 12.60 -2.72
CA PRO A 2 -7.28 12.46 -1.30
C PRO A 2 -6.24 11.37 -1.07
N GLU A 3 -5.16 11.75 -0.42
CA GLU A 3 -4.05 10.84 -0.18
C GLU A 3 -4.09 10.32 1.24
N HIS A 4 -4.09 9.01 1.38
CA HIS A 4 -4.09 8.36 2.67
C HIS A 4 -2.97 7.33 2.70
N ARG A 5 -2.26 7.23 3.80
CA ARG A 5 -1.19 6.24 3.90
C ARG A 5 -1.67 5.03 4.66
N ALA A 6 -0.96 3.94 4.48
CA ALA A 6 -1.30 2.69 5.12
C ALA A 6 -0.10 1.77 5.16
N VAL A 7 -0.04 0.95 6.18
CA VAL A 7 0.96 -0.10 6.25
C VAL A 7 0.31 -1.45 6.01
N GLY A 8 1.00 -2.32 5.29
CA GLY A 8 0.43 -3.61 4.96
C GLY A 8 1.47 -4.60 4.51
N ARG A 9 1.04 -5.82 4.27
CA ARG A 9 1.93 -6.87 3.86
C ARG A 9 1.65 -7.26 2.41
N ILE A 10 2.69 -7.25 1.60
CA ILE A 10 2.56 -7.54 0.19
C ILE A 10 2.06 -8.95 -0.03
N GLN A 11 1.03 -9.09 -0.84
CA GLN A 11 0.46 -10.38 -1.15
C GLN A 11 1.12 -10.94 -2.40
N SER A 12 1.15 -10.13 -3.45
CA SER A 12 1.83 -10.48 -4.69
C SER A 12 2.13 -9.23 -5.49
N ILE A 13 3.17 -9.29 -6.32
CA ILE A 13 3.57 -8.17 -7.16
C ILE A 13 3.08 -8.37 -8.59
N GLY A 14 2.70 -7.28 -9.23
CA GLY A 14 2.25 -7.34 -10.61
C GLY A 14 3.09 -6.48 -11.52
N GLU A 15 2.50 -6.11 -12.66
CA GLU A 15 3.21 -5.34 -13.68
C GLU A 15 3.05 -3.84 -13.43
N ARG A 16 1.85 -3.47 -13.03
CA ARG A 16 1.48 -2.09 -12.79
C ARG A 16 0.51 -2.01 -11.64
N SER A 17 0.32 -3.15 -11.01
CA SER A 17 -0.62 -3.28 -9.92
C SER A 17 -0.19 -4.44 -9.05
N LEU A 18 -0.44 -4.33 -7.78
CA LEU A 18 -0.09 -5.39 -6.85
C LEU A 18 -1.04 -5.40 -5.67
N ILE A 19 -1.19 -6.57 -5.09
CA ILE A 19 -2.18 -6.78 -4.05
C ILE A 19 -1.51 -6.75 -2.68
N ILE A 20 -2.05 -5.97 -1.77
CA ILE A 20 -1.45 -5.80 -0.46
C ILE A 20 -2.48 -6.02 0.65
N ALA A 21 -2.17 -6.93 1.56
CA ALA A 21 -2.96 -7.10 2.76
C ALA A 21 -2.59 -6.01 3.77
N HIS A 22 -3.29 -4.90 3.71
CA HIS A 22 -3.00 -3.79 4.59
C HIS A 22 -3.70 -3.96 5.92
N GLU A 23 -3.16 -3.33 6.94
CA GLU A 23 -3.78 -3.31 8.26
C GLU A 23 -5.04 -2.45 8.24
N ALA A 24 -5.58 -2.22 9.42
CA ALA A 24 -6.68 -1.29 9.56
C ALA A 24 -6.20 0.12 9.30
N ILE A 25 -6.74 0.73 8.28
CA ILE A 25 -6.32 2.06 7.85
C ILE A 25 -7.23 3.12 8.46
N PRO A 26 -6.78 3.81 9.50
CA PRO A 26 -7.55 4.87 10.14
C PRO A 26 -7.81 6.03 9.18
N SER A 27 -6.81 6.31 8.34
CA SER A 27 -6.89 7.40 7.37
C SER A 27 -8.07 7.23 6.41
N ALA A 28 -8.43 5.99 6.12
CA ALA A 28 -9.52 5.70 5.21
C ALA A 28 -10.68 5.03 5.91
N GLN A 29 -10.54 4.86 7.22
CA GLN A 29 -11.51 4.13 8.04
C GLN A 29 -11.70 2.71 7.53
N TRP A 30 -10.66 2.15 6.92
CA TRP A 30 -10.72 0.80 6.40
C TRP A 30 -10.25 -0.20 7.44
N GLY A 31 -10.70 -1.42 7.28
CA GLY A 31 -10.20 -2.50 8.10
C GLY A 31 -9.02 -3.19 7.45
N ALA A 32 -8.56 -4.25 8.08
CA ALA A 32 -7.45 -5.04 7.56
C ALA A 32 -7.95 -6.00 6.49
N MET A 33 -7.47 -5.81 5.27
CA MET A 33 -7.89 -6.62 4.15
C MET A 33 -6.94 -6.47 2.99
N THR A 34 -6.96 -7.45 2.10
CA THR A 34 -6.06 -7.49 0.98
C THR A 34 -6.64 -6.75 -0.22
N MET A 35 -6.13 -5.55 -0.45
CA MET A 35 -6.63 -4.69 -1.52
C MET A 35 -5.63 -4.59 -2.67
N GLU A 36 -6.14 -4.41 -3.87
CA GLU A 36 -5.30 -4.24 -5.05
C GLU A 36 -4.96 -2.77 -5.25
N PHE A 37 -3.68 -2.48 -5.40
CA PHE A 37 -3.23 -1.11 -5.59
C PHE A 37 -2.56 -0.96 -6.95
N ALA A 38 -2.86 0.13 -7.64
CA ALA A 38 -2.29 0.39 -8.94
C ALA A 38 -1.05 1.26 -8.81
N ALA A 39 -0.03 0.97 -9.60
CA ALA A 39 1.22 1.71 -9.52
C ALA A 39 1.23 2.84 -10.54
N PRO A 40 1.96 3.92 -10.24
CA PRO A 40 2.16 5.02 -11.17
C PRO A 40 2.95 4.59 -12.40
N PRO A 41 2.85 5.33 -13.51
CA PRO A 41 3.55 5.01 -14.76
C PRO A 41 5.07 4.95 -14.57
N ALA A 42 5.54 5.48 -13.44
CA ALA A 42 6.94 5.43 -13.09
C ALA A 42 7.44 3.99 -12.96
N GLY A 43 6.62 3.14 -12.34
CA GLY A 43 7.00 1.75 -12.17
C GLY A 43 7.34 1.43 -10.71
N LEU A 44 7.45 0.15 -10.41
CA LEU A 44 7.65 -0.30 -9.04
C LEU A 44 9.12 -0.37 -8.68
N PRO A 45 9.44 0.02 -7.43
CA PRO A 45 10.78 -0.16 -6.86
C PRO A 45 10.97 -1.57 -6.30
N GLN A 46 12.01 -1.72 -5.52
CA GLN A 46 12.32 -2.98 -4.90
C GLN A 46 12.12 -2.88 -3.39
N GLY A 47 12.05 -4.02 -2.74
CA GLY A 47 11.82 -4.05 -1.30
C GLY A 47 10.35 -4.13 -0.95
N LEU A 48 9.55 -4.61 -1.90
CA LEU A 48 8.12 -4.72 -1.73
C LEU A 48 7.59 -6.05 -2.26
N LYS A 49 8.22 -7.15 -1.88
CA LYS A 49 7.88 -8.44 -2.46
C LYS A 49 6.86 -9.18 -1.59
N ALA A 50 6.19 -10.17 -2.18
CA ALA A 50 5.23 -11.00 -1.45
C ALA A 50 5.79 -11.45 -0.11
N GLY A 51 5.28 -10.85 0.96
CA GLY A 51 5.74 -11.18 2.29
C GLY A 51 6.22 -9.96 3.05
N ASP A 52 6.67 -8.94 2.33
CA ASP A 52 7.17 -7.72 2.96
C ASP A 52 6.02 -6.95 3.60
N ARG A 53 6.32 -6.26 4.67
CA ARG A 53 5.36 -5.38 5.31
C ARG A 53 5.83 -3.95 5.14
N VAL A 54 5.31 -3.28 4.11
CA VAL A 54 5.83 -1.99 3.68
C VAL A 54 4.93 -0.86 4.15
N ALA A 55 5.54 0.28 4.38
CA ALA A 55 4.79 1.49 4.70
C ALA A 55 4.58 2.31 3.44
N PHE A 56 3.34 2.57 3.08
CA PHE A 56 3.05 3.21 1.81
C PHE A 56 1.94 4.23 1.93
N SER A 57 1.78 5.05 0.89
CA SER A 57 0.71 6.01 0.81
C SER A 57 0.04 5.93 -0.55
N PHE A 58 -1.27 6.02 -0.58
CA PHE A 58 -2.02 5.91 -1.82
C PHE A 58 -3.07 7.01 -1.92
N ARG A 59 -3.54 7.25 -3.13
CA ARG A 59 -4.58 8.24 -3.34
C ARG A 59 -5.83 7.59 -3.89
N LEU A 60 -6.97 8.03 -3.39
CA LEU A 60 -8.26 7.50 -3.82
C LEU A 60 -8.91 8.43 -4.83
N ASP A 61 -9.54 7.84 -5.83
CA ASP A 61 -10.35 8.61 -6.76
C ASP A 61 -11.82 8.46 -6.42
N PRO A 62 -12.68 9.34 -6.97
CA PRO A 62 -14.13 9.32 -6.71
C PRO A 62 -14.81 8.06 -7.24
N HIS A 63 -14.05 7.18 -7.87
CA HIS A 63 -14.59 5.97 -8.43
C HIS A 63 -14.41 4.84 -7.43
N GLY A 64 -13.49 5.08 -6.51
CA GLY A 64 -13.23 4.13 -5.44
C GLY A 64 -12.03 3.28 -5.72
N MET A 65 -11.13 3.78 -6.54
CA MET A 65 -9.93 3.03 -6.89
C MET A 65 -8.76 3.54 -6.08
N ALA A 66 -7.81 2.66 -5.85
CA ALA A 66 -6.70 2.95 -4.97
C ALA A 66 -5.41 2.97 -5.75
N THR A 67 -4.84 4.16 -5.89
CA THR A 67 -3.64 4.31 -6.68
C THR A 67 -2.45 4.59 -5.77
N LEU A 68 -1.46 3.71 -5.82
CA LEU A 68 -0.29 3.82 -4.97
C LEU A 68 0.58 4.99 -5.41
N VAL A 69 1.04 5.78 -4.45
CA VAL A 69 1.88 6.92 -4.75
C VAL A 69 3.34 6.61 -4.41
N THR A 70 3.57 6.25 -3.15
CA THR A 70 4.92 5.95 -2.69
C THR A 70 4.89 4.79 -1.70
N VAL A 71 5.90 3.94 -1.77
CA VAL A 71 6.04 2.84 -0.84
C VAL A 71 7.48 2.79 -0.32
N ALA A 72 7.63 2.48 0.95
CA ALA A 72 8.96 2.33 1.53
C ALA A 72 9.03 1.03 2.30
N PRO A 73 10.16 0.32 2.20
CA PRO A 73 10.34 -0.96 2.88
C PRO A 73 10.32 -0.81 4.40
N GLN A 74 9.22 -1.20 4.98
CA GLN A 74 9.09 -1.21 6.42
C GLN A 74 9.46 -2.58 6.95
N VAL A 75 9.58 -2.70 8.24
CA VAL A 75 9.98 -3.95 8.85
C VAL A 75 9.07 -4.31 10.01
N GLN A 76 7.92 -4.85 9.64
CA GLN A 76 6.88 -5.43 10.52
C GLN A 76 6.27 -4.46 11.54
N THR A 77 7.00 -3.46 11.94
CA THR A 77 6.48 -2.43 12.84
C THR A 77 7.07 -1.06 12.47
N ALA A 78 7.95 -1.08 11.47
CA ALA A 78 8.67 0.12 11.00
C ALA A 78 9.74 0.55 12.00
N GLY A 79 10.81 1.14 11.49
CA GLY A 79 11.91 1.54 12.33
C GLY A 79 12.94 0.45 12.46
N ALA A 80 13.53 0.34 13.65
CA ALA A 80 14.52 -0.70 13.94
C ALA A 80 15.72 -0.60 13.00
N LYS A 81 16.49 -1.67 12.91
CA LYS A 81 17.59 -1.73 11.95
C LYS A 81 17.27 -2.73 10.84
N PRO A 82 17.52 -2.37 9.59
CA PRO A 82 17.32 -3.27 8.44
C PRO A 82 18.22 -4.49 8.52
N GLY A 1 -7.88 13.23 -5.71
CA GLY A 1 -7.83 12.02 -4.87
C GLY A 1 -6.96 12.20 -3.66
N PRO A 2 -7.54 12.29 -2.46
CA PRO A 2 -6.79 12.49 -1.22
C PRO A 2 -5.83 11.33 -0.93
N GLU A 3 -4.63 11.67 -0.50
CA GLU A 3 -3.61 10.68 -0.18
C GLU A 3 -3.70 10.27 1.28
N HIS A 4 -3.68 8.97 1.53
CA HIS A 4 -3.72 8.46 2.89
C HIS A 4 -2.54 7.53 3.12
N ARG A 5 -2.02 7.50 4.35
CA ARG A 5 -0.92 6.60 4.69
C ARG A 5 -1.45 5.22 4.97
N ALA A 6 -0.74 4.19 4.55
CA ALA A 6 -1.16 2.83 4.78
C ALA A 6 0.03 1.93 5.04
N VAL A 7 -0.10 1.05 6.01
CA VAL A 7 0.91 0.03 6.25
C VAL A 7 0.31 -1.36 6.09
N GLY A 8 1.13 -2.32 5.71
CA GLY A 8 0.66 -3.67 5.56
C GLY A 8 1.72 -4.59 4.96
N ARG A 9 1.29 -5.79 4.57
CA ARG A 9 2.20 -6.77 4.02
C ARG A 9 1.82 -7.05 2.56
N ILE A 10 2.83 -7.15 1.71
CA ILE A 10 2.61 -7.43 0.32
C ILE A 10 2.07 -8.85 0.14
N GLN A 11 0.92 -8.95 -0.52
CA GLN A 11 0.32 -10.24 -0.78
C GLN A 11 0.90 -10.83 -2.05
N SER A 12 0.93 -10.01 -3.10
CA SER A 12 1.49 -10.42 -4.38
C SER A 12 1.86 -9.20 -5.21
N ILE A 13 2.71 -9.39 -6.20
CA ILE A 13 3.04 -8.35 -7.15
C ILE A 13 2.40 -8.66 -8.50
N GLY A 14 1.71 -7.69 -9.07
CA GLY A 14 1.03 -7.88 -10.32
C GLY A 14 1.75 -7.24 -11.48
N GLU A 15 1.05 -7.09 -12.59
CA GLU A 15 1.65 -6.58 -13.81
C GLU A 15 1.69 -5.05 -13.82
N ARG A 16 0.64 -4.44 -13.28
CA ARG A 16 0.54 -2.99 -13.23
C ARG A 16 0.07 -2.54 -11.86
N SER A 17 0.07 -3.47 -10.93
CA SER A 17 -0.39 -3.23 -9.59
C SER A 17 0.22 -4.25 -8.66
N LEU A 18 0.02 -4.09 -7.37
CA LEU A 18 0.39 -5.14 -6.43
C LEU A 18 -0.71 -5.31 -5.41
N ILE A 19 -1.07 -6.53 -5.11
CA ILE A 19 -2.07 -6.79 -4.11
C ILE A 19 -1.41 -6.80 -2.73
N ILE A 20 -1.88 -5.93 -1.86
CA ILE A 20 -1.29 -5.75 -0.55
C ILE A 20 -2.31 -5.98 0.54
N ALA A 21 -2.03 -6.94 1.42
CA ALA A 21 -2.82 -7.11 2.62
C ALA A 21 -2.49 -6.01 3.61
N HIS A 22 -3.25 -4.94 3.55
CA HIS A 22 -3.00 -3.79 4.39
C HIS A 22 -3.75 -3.92 5.70
N GLU A 23 -3.26 -3.21 6.70
CA GLU A 23 -3.91 -3.13 8.00
C GLU A 23 -5.30 -2.49 7.90
N ALA A 24 -5.90 -2.17 9.04
CA ALA A 24 -7.22 -1.60 9.09
C ALA A 24 -7.31 -0.33 8.25
N ILE A 25 -6.35 0.56 8.44
CA ILE A 25 -6.29 1.84 7.73
C ILE A 25 -7.29 2.83 8.35
N PRO A 26 -6.86 3.55 9.38
CA PRO A 26 -7.70 4.56 10.05
C PRO A 26 -7.81 5.83 9.22
N SER A 27 -6.88 6.01 8.29
CA SER A 27 -6.84 7.18 7.45
C SER A 27 -7.96 7.18 6.42
N ALA A 28 -8.49 6.00 6.12
CA ALA A 28 -9.57 5.88 5.14
C ALA A 28 -10.79 5.21 5.77
N GLN A 29 -10.71 4.94 7.08
CA GLN A 29 -11.78 4.26 7.80
C GLN A 29 -12.11 2.92 7.17
N TRP A 30 -11.09 2.12 6.93
CA TRP A 30 -11.26 0.77 6.43
C TRP A 30 -11.13 -0.22 7.59
N GLY A 31 -11.41 -1.48 7.34
CA GLY A 31 -11.30 -2.48 8.38
C GLY A 31 -10.45 -3.67 7.98
N ALA A 32 -9.27 -3.39 7.41
CA ALA A 32 -8.29 -4.42 7.06
C ALA A 32 -8.80 -5.37 5.97
N MET A 33 -8.09 -5.41 4.85
CA MET A 33 -8.46 -6.28 3.74
C MET A 33 -7.36 -6.30 2.69
N THR A 34 -7.32 -7.38 1.91
CA THR A 34 -6.31 -7.56 0.90
C THR A 34 -6.75 -6.92 -0.40
N MET A 35 -6.17 -5.78 -0.72
CA MET A 35 -6.57 -5.01 -1.89
C MET A 35 -5.45 -4.92 -2.90
N GLU A 36 -5.82 -4.53 -4.10
CA GLU A 36 -4.87 -4.35 -5.19
C GLU A 36 -4.58 -2.87 -5.40
N PHE A 37 -3.31 -2.50 -5.30
CA PHE A 37 -2.91 -1.11 -5.46
C PHE A 37 -2.25 -0.91 -6.81
N ALA A 38 -2.82 -0.02 -7.61
CA ALA A 38 -2.33 0.23 -8.96
C ALA A 38 -1.00 0.95 -8.92
N ALA A 39 -0.11 0.61 -9.85
CA ALA A 39 1.22 1.20 -9.91
C ALA A 39 1.16 2.69 -10.22
N PRO A 40 2.02 3.48 -9.55
CA PRO A 40 2.14 4.90 -9.82
C PRO A 40 2.75 5.16 -11.21
N PRO A 41 2.54 6.36 -11.76
CA PRO A 41 3.05 6.73 -13.08
C PRO A 41 4.58 6.77 -13.16
N ALA A 42 5.22 6.56 -12.01
CA ALA A 42 6.68 6.56 -11.95
C ALA A 42 7.24 5.15 -11.82
N GLY A 43 6.35 4.15 -11.85
CA GLY A 43 6.79 2.77 -11.75
C GLY A 43 6.96 2.33 -10.33
N LEU A 44 7.15 1.04 -10.12
CA LEU A 44 7.33 0.49 -8.79
C LEU A 44 8.79 0.54 -8.37
N PRO A 45 9.03 0.85 -7.09
CA PRO A 45 10.34 0.74 -6.47
C PRO A 45 10.65 -0.70 -6.08
N GLN A 46 11.72 -0.86 -5.32
CA GLN A 46 12.15 -2.17 -4.90
C GLN A 46 11.95 -2.34 -3.40
N GLY A 47 11.70 -3.57 -2.98
CA GLY A 47 11.49 -3.86 -1.58
C GLY A 47 10.03 -4.03 -1.23
N LEU A 48 9.23 -4.33 -2.25
CA LEU A 48 7.80 -4.48 -2.08
C LEU A 48 7.29 -5.82 -2.64
N LYS A 49 7.95 -6.91 -2.27
CA LYS A 49 7.57 -8.22 -2.78
C LYS A 49 6.63 -8.95 -1.85
N ALA A 50 5.95 -9.96 -2.40
CA ALA A 50 5.07 -10.83 -1.62
C ALA A 50 5.77 -11.32 -0.37
N GLY A 51 5.32 -10.84 0.78
CA GLY A 51 5.93 -11.26 2.03
C GLY A 51 6.63 -10.11 2.74
N ASP A 52 6.85 -9.00 2.04
CA ASP A 52 7.48 -7.84 2.64
C ASP A 52 6.44 -6.99 3.34
N ARG A 53 6.84 -6.34 4.41
CA ARG A 53 6.00 -5.38 5.08
C ARG A 53 6.46 -3.98 4.71
N VAL A 54 5.57 -3.20 4.14
CA VAL A 54 5.93 -1.89 3.62
C VAL A 54 5.04 -0.79 4.18
N ALA A 55 5.56 0.42 4.23
CA ALA A 55 4.81 1.59 4.63
C ALA A 55 4.57 2.47 3.41
N PHE A 56 3.32 2.63 3.04
CA PHE A 56 2.99 3.25 1.75
C PHE A 56 1.87 4.28 1.88
N SER A 57 1.50 4.84 0.75
CA SER A 57 0.38 5.78 0.69
C SER A 57 -0.38 5.59 -0.61
N PHE A 58 -1.65 5.94 -0.60
CA PHE A 58 -2.48 5.77 -1.79
C PHE A 58 -3.44 6.95 -1.94
N ARG A 59 -3.85 7.21 -3.17
CA ARG A 59 -4.88 8.19 -3.45
C ARG A 59 -6.17 7.48 -3.81
N LEU A 60 -7.29 7.97 -3.30
CA LEU A 60 -8.59 7.37 -3.57
C LEU A 60 -9.43 8.24 -4.48
N ASP A 61 -9.82 7.66 -5.61
CA ASP A 61 -10.78 8.30 -6.51
C ASP A 61 -12.18 8.02 -6.00
N PRO A 62 -13.19 8.74 -6.52
CA PRO A 62 -14.57 8.63 -6.03
C PRO A 62 -15.19 7.27 -6.36
N HIS A 63 -14.51 6.49 -7.17
CA HIS A 63 -14.99 5.16 -7.54
C HIS A 63 -14.49 4.11 -6.58
N GLY A 64 -13.55 4.50 -5.73
CA GLY A 64 -12.94 3.56 -4.82
C GLY A 64 -11.68 2.97 -5.39
N MET A 65 -11.05 3.70 -6.31
CA MET A 65 -9.81 3.26 -6.94
C MET A 65 -8.64 3.66 -6.06
N ALA A 66 -7.76 2.71 -5.81
CA ALA A 66 -6.65 2.93 -4.90
C ALA A 66 -5.34 2.90 -5.66
N THR A 67 -4.78 4.06 -5.88
CA THR A 67 -3.56 4.16 -6.65
C THR A 67 -2.38 4.42 -5.73
N LEU A 68 -1.36 3.57 -5.87
CA LEU A 68 -0.20 3.63 -5.01
C LEU A 68 0.64 4.88 -5.32
N VAL A 69 0.88 5.69 -4.29
CA VAL A 69 1.62 6.93 -4.46
C VAL A 69 3.09 6.72 -4.12
N THR A 70 3.33 6.23 -2.92
CA THR A 70 4.69 5.94 -2.45
C THR A 70 4.68 4.66 -1.63
N VAL A 71 5.84 4.04 -1.50
CA VAL A 71 5.98 2.84 -0.67
C VAL A 71 7.42 2.67 -0.22
N ALA A 72 7.61 2.47 1.08
CA ALA A 72 8.93 2.26 1.63
C ALA A 72 8.95 0.98 2.43
N PRO A 73 9.96 0.12 2.18
CA PRO A 73 10.14 -1.13 2.94
C PRO A 73 10.20 -0.86 4.44
N GLN A 74 9.30 -1.51 5.18
CA GLN A 74 9.25 -1.34 6.62
C GLN A 74 9.65 -2.63 7.30
N VAL A 75 9.70 -2.60 8.62
CA VAL A 75 10.17 -3.75 9.38
C VAL A 75 9.20 -4.09 10.50
N GLN A 76 7.92 -3.82 10.24
CA GLN A 76 6.82 -3.92 11.23
C GLN A 76 7.07 -3.12 12.51
N THR A 77 5.99 -2.70 13.15
CA THR A 77 6.05 -2.01 14.44
C THR A 77 7.02 -0.81 14.40
N ALA A 78 7.19 -0.24 13.23
CA ALA A 78 8.13 0.85 13.04
C ALA A 78 7.50 2.19 13.42
N GLY A 79 6.20 2.29 13.24
CA GLY A 79 5.50 3.53 13.53
C GLY A 79 5.63 4.54 12.40
N ALA A 80 6.86 4.93 12.11
CA ALA A 80 7.15 5.88 11.05
C ALA A 80 8.62 5.81 10.66
N LYS A 81 9.00 6.58 9.65
CA LYS A 81 10.38 6.67 9.23
C LYS A 81 11.00 7.97 9.74
N PRO A 82 11.89 7.88 10.74
CA PRO A 82 12.58 9.02 11.29
C PRO A 82 13.91 9.28 10.61
N GLY A 1 -7.82 11.15 -6.13
CA GLY A 1 -8.42 11.64 -4.87
C GLY A 1 -7.38 11.98 -3.83
N PRO A 2 -7.76 12.12 -2.55
CA PRO A 2 -6.84 12.46 -1.46
C PRO A 2 -5.92 11.29 -1.10
N GLU A 3 -4.72 11.63 -0.63
CA GLU A 3 -3.74 10.62 -0.24
C GLU A 3 -3.96 10.18 1.19
N HIS A 4 -3.93 8.86 1.40
CA HIS A 4 -4.02 8.28 2.73
C HIS A 4 -2.85 7.32 2.90
N ARG A 5 -2.27 7.26 4.09
CA ARG A 5 -1.14 6.36 4.32
C ARG A 5 -1.61 5.04 4.91
N ALA A 6 -0.91 3.98 4.57
CA ALA A 6 -1.25 2.67 5.05
C ALA A 6 -0.03 1.76 5.11
N VAL A 7 -0.02 0.89 6.10
CA VAL A 7 1.00 -0.14 6.18
C VAL A 7 0.36 -1.51 6.01
N GLY A 8 1.12 -2.45 5.46
CA GLY A 8 0.60 -3.78 5.26
C GLY A 8 1.64 -4.76 4.78
N ARG A 9 1.21 -5.99 4.55
CA ARG A 9 2.10 -7.05 4.12
C ARG A 9 1.75 -7.46 2.69
N ILE A 10 2.75 -7.52 1.83
CA ILE A 10 2.55 -7.78 0.41
C ILE A 10 2.02 -9.19 0.19
N GLN A 11 1.05 -9.32 -0.71
CA GLN A 11 0.51 -10.61 -1.11
C GLN A 11 1.16 -11.07 -2.41
N SER A 12 1.18 -10.17 -3.39
CA SER A 12 1.75 -10.48 -4.70
C SER A 12 2.06 -9.19 -5.45
N ILE A 13 3.12 -9.21 -6.25
CA ILE A 13 3.48 -8.07 -7.08
C ILE A 13 2.97 -8.27 -8.51
N GLY A 14 2.55 -7.17 -9.12
CA GLY A 14 2.11 -7.20 -10.49
C GLY A 14 2.78 -6.12 -11.32
N GLU A 15 2.62 -6.19 -12.63
CA GLU A 15 3.28 -5.28 -13.56
C GLU A 15 2.81 -3.84 -13.39
N ARG A 16 1.51 -3.64 -13.27
CA ARG A 16 0.96 -2.28 -13.17
C ARG A 16 0.20 -2.09 -11.86
N SER A 17 -0.02 -3.18 -11.16
CA SER A 17 -0.73 -3.16 -9.90
C SER A 17 -0.35 -4.37 -9.07
N LEU A 18 -0.43 -4.25 -7.76
CA LEU A 18 -0.03 -5.33 -6.88
C LEU A 18 -0.89 -5.38 -5.64
N ILE A 19 -1.05 -6.58 -5.10
CA ILE A 19 -1.96 -6.82 -3.99
C ILE A 19 -1.23 -6.74 -2.65
N ILE A 20 -1.74 -5.89 -1.77
CA ILE A 20 -1.15 -5.71 -0.46
C ILE A 20 -2.20 -5.92 0.62
N ALA A 21 -1.89 -6.77 1.58
CA ALA A 21 -2.75 -6.96 2.73
C ALA A 21 -2.52 -5.84 3.72
N HIS A 22 -3.29 -4.78 3.57
CA HIS A 22 -3.16 -3.61 4.41
C HIS A 22 -3.97 -3.79 5.67
N GLU A 23 -3.54 -3.13 6.73
CA GLU A 23 -4.28 -3.13 7.99
C GLU A 23 -5.58 -2.34 7.85
N ALA A 24 -6.19 -2.00 8.99
CA ALA A 24 -7.50 -1.35 9.01
C ALA A 24 -7.55 -0.11 8.14
N ILE A 25 -6.64 0.82 8.40
CA ILE A 25 -6.59 2.10 7.70
C ILE A 25 -7.72 3.02 8.16
N PRO A 26 -7.45 3.87 9.18
CA PRO A 26 -8.44 4.81 9.70
C PRO A 26 -8.71 5.95 8.72
N SER A 27 -7.80 6.12 7.77
CA SER A 27 -7.88 7.19 6.79
C SER A 27 -8.93 6.90 5.71
N ALA A 28 -9.24 5.62 5.53
CA ALA A 28 -10.22 5.22 4.54
C ALA A 28 -11.44 4.61 5.20
N GLN A 29 -11.38 4.50 6.52
CA GLN A 29 -12.46 3.90 7.32
C GLN A 29 -12.67 2.43 6.93
N TRP A 30 -11.58 1.74 6.64
CA TRP A 30 -11.64 0.33 6.30
C TRP A 30 -11.35 -0.51 7.54
N GLY A 31 -11.52 -1.82 7.41
CA GLY A 31 -11.33 -2.70 8.54
C GLY A 31 -10.33 -3.80 8.26
N ALA A 32 -9.33 -3.47 7.43
CA ALA A 32 -8.28 -4.42 7.03
C ALA A 32 -8.81 -5.43 6.02
N MET A 33 -8.16 -5.50 4.86
CA MET A 33 -8.56 -6.42 3.81
C MET A 33 -7.50 -6.47 2.71
N THR A 34 -7.43 -7.60 2.04
CA THR A 34 -6.48 -7.82 0.98
C THR A 34 -6.96 -7.18 -0.32
N MET A 35 -6.37 -6.05 -0.68
CA MET A 35 -6.78 -5.32 -1.86
C MET A 35 -5.58 -4.97 -2.74
N GLU A 36 -5.82 -4.71 -4.01
CA GLU A 36 -4.76 -4.41 -4.97
C GLU A 36 -4.62 -2.90 -5.14
N PHE A 37 -3.38 -2.44 -5.26
CA PHE A 37 -3.08 -1.03 -5.44
C PHE A 37 -2.44 -0.80 -6.81
N ALA A 38 -2.70 0.36 -7.38
CA ALA A 38 -2.24 0.67 -8.73
C ALA A 38 -0.91 1.41 -8.67
N ALA A 39 0.02 1.01 -9.52
CA ALA A 39 1.35 1.59 -9.54
C ALA A 39 1.35 2.97 -10.20
N PRO A 40 2.18 3.89 -9.68
CA PRO A 40 2.35 5.21 -10.27
C PRO A 40 3.31 5.18 -11.46
N PRO A 41 3.38 6.27 -12.24
CA PRO A 41 4.30 6.36 -13.39
C PRO A 41 5.76 6.25 -12.98
N ALA A 42 6.01 6.34 -11.68
CA ALA A 42 7.36 6.21 -11.14
C ALA A 42 7.83 4.76 -11.16
N GLY A 43 6.88 3.83 -11.25
CA GLY A 43 7.22 2.43 -11.26
C GLY A 43 7.32 1.87 -9.86
N LEU A 44 7.52 0.57 -9.76
CA LEU A 44 7.65 -0.08 -8.46
C LEU A 44 9.11 -0.28 -8.11
N PRO A 45 9.48 0.04 -6.87
CA PRO A 45 10.82 -0.22 -6.34
C PRO A 45 10.99 -1.68 -5.95
N GLN A 46 12.06 -1.96 -5.23
CA GLN A 46 12.34 -3.29 -4.75
C GLN A 46 12.31 -3.31 -3.23
N GLY A 47 12.09 -4.48 -2.67
CA GLY A 47 11.99 -4.62 -1.22
C GLY A 47 10.55 -4.65 -0.76
N LEU A 48 9.65 -4.97 -1.68
CA LEU A 48 8.23 -4.99 -1.41
C LEU A 48 7.52 -6.18 -2.05
N LYS A 49 8.11 -7.35 -1.95
CA LYS A 49 7.54 -8.54 -2.58
C LYS A 49 6.70 -9.32 -1.59
N ALA A 50 5.98 -10.32 -2.11
CA ALA A 50 5.11 -11.17 -1.30
C ALA A 50 5.76 -11.56 0.02
N GLY A 51 5.18 -11.07 1.11
CA GLY A 51 5.68 -11.41 2.43
C GLY A 51 6.33 -10.24 3.15
N ASP A 52 6.68 -9.20 2.41
CA ASP A 52 7.31 -8.03 3.03
C ASP A 52 6.27 -7.11 3.62
N ARG A 53 6.67 -6.37 4.63
CA ARG A 53 5.82 -5.34 5.18
C ARG A 53 6.35 -3.97 4.73
N VAL A 54 5.50 -3.20 4.08
CA VAL A 54 5.90 -1.91 3.55
C VAL A 54 5.01 -0.79 4.09
N ALA A 55 5.56 0.41 4.14
CA ALA A 55 4.83 1.58 4.57
C ALA A 55 4.58 2.48 3.36
N PHE A 56 3.32 2.68 3.00
CA PHE A 56 3.02 3.34 1.75
C PHE A 56 1.92 4.37 1.89
N SER A 57 1.81 5.22 0.88
CA SER A 57 0.74 6.20 0.79
C SER A 57 0.05 6.05 -0.56
N PHE A 58 -1.27 6.08 -0.55
CA PHE A 58 -2.05 5.92 -1.76
C PHE A 58 -3.17 6.94 -1.80
N ARG A 59 -3.58 7.30 -2.99
CA ARG A 59 -4.69 8.23 -3.17
C ARG A 59 -5.93 7.48 -3.60
N LEU A 60 -7.08 7.92 -3.10
CA LEU A 60 -8.33 7.24 -3.38
C LEU A 60 -9.28 8.14 -4.13
N ASP A 61 -9.77 7.66 -5.26
CA ASP A 61 -10.77 8.39 -6.02
C ASP A 61 -12.16 7.90 -5.61
N PRO A 62 -13.22 8.67 -5.95
CA PRO A 62 -14.59 8.39 -5.49
C PRO A 62 -15.14 7.08 -6.03
N HIS A 63 -14.50 6.53 -7.06
CA HIS A 63 -14.89 5.23 -7.61
C HIS A 63 -14.33 4.09 -6.77
N GLY A 64 -13.40 4.43 -5.89
CA GLY A 64 -12.72 3.41 -5.13
C GLY A 64 -11.43 3.00 -5.79
N MET A 65 -10.83 3.96 -6.49
CA MET A 65 -9.58 3.71 -7.19
C MET A 65 -8.42 3.91 -6.23
N ALA A 66 -7.76 2.82 -5.90
CA ALA A 66 -6.67 2.86 -4.94
C ALA A 66 -5.36 3.02 -5.68
N THR A 67 -4.89 4.24 -5.72
CA THR A 67 -3.72 4.56 -6.51
C THR A 67 -2.51 4.77 -5.61
N LEU A 68 -1.63 3.79 -5.65
CA LEU A 68 -0.42 3.81 -4.85
C LEU A 68 0.51 4.93 -5.36
N VAL A 69 0.94 5.78 -4.45
CA VAL A 69 1.80 6.88 -4.82
C VAL A 69 3.25 6.56 -4.51
N THR A 70 3.50 6.23 -3.25
CA THR A 70 4.85 5.94 -2.79
C THR A 70 4.82 4.86 -1.72
N VAL A 71 5.82 4.00 -1.73
CA VAL A 71 5.93 2.94 -0.75
C VAL A 71 7.37 2.80 -0.30
N ALA A 72 7.58 2.82 1.01
CA ALA A 72 8.90 2.68 1.56
C ALA A 72 9.06 1.33 2.22
N PRO A 73 10.08 0.56 1.81
CA PRO A 73 10.38 -0.72 2.44
C PRO A 73 10.65 -0.56 3.93
N GLN A 74 9.73 -1.05 4.72
CA GLN A 74 9.82 -0.95 6.17
C GLN A 74 10.10 -2.32 6.76
N VAL A 75 10.21 -2.37 8.07
CA VAL A 75 10.61 -3.57 8.76
C VAL A 75 9.74 -3.78 9.97
N GLN A 76 8.71 -4.62 9.82
CA GLN A 76 7.70 -4.83 10.85
C GLN A 76 7.20 -3.48 11.39
N THR A 77 7.03 -3.35 12.70
CA THR A 77 6.54 -2.10 13.26
C THR A 77 7.65 -1.04 13.30
N ALA A 78 8.88 -1.49 13.07
CA ALA A 78 10.08 -0.63 13.06
C ALA A 78 10.34 -0.01 14.44
N GLY A 79 9.53 0.98 14.79
CA GLY A 79 9.73 1.70 16.03
C GLY A 79 9.81 3.19 15.77
N ALA A 80 10.98 3.65 15.37
CA ALA A 80 11.16 5.04 14.98
C ALA A 80 10.88 5.20 13.49
N LYS A 81 10.15 6.24 13.14
CA LYS A 81 9.76 6.46 11.75
C LYS A 81 10.59 7.58 11.15
N PRO A 82 11.52 7.24 10.25
CA PRO A 82 12.38 8.20 9.59
C PRO A 82 11.81 8.66 8.25
N GLY A 1 -6.90 14.12 -5.71
CA GLY A 1 -7.08 12.79 -5.06
C GLY A 1 -6.47 12.78 -3.68
N PRO A 2 -7.26 12.52 -2.62
CA PRO A 2 -6.78 12.52 -1.25
C PRO A 2 -5.76 11.42 -0.99
N GLU A 3 -4.56 11.84 -0.64
CA GLU A 3 -3.45 10.93 -0.40
C GLU A 3 -3.44 10.51 1.06
N HIS A 4 -3.66 9.23 1.31
CA HIS A 4 -3.66 8.69 2.66
C HIS A 4 -2.56 7.65 2.79
N ARG A 5 -1.96 7.57 3.96
CA ARG A 5 -0.93 6.56 4.21
C ARG A 5 -1.55 5.28 4.73
N ALA A 6 -0.90 4.17 4.46
CA ALA A 6 -1.36 2.87 4.91
C ALA A 6 -0.19 1.92 5.08
N VAL A 7 -0.30 1.00 6.00
CA VAL A 7 0.72 -0.01 6.21
C VAL A 7 0.13 -1.40 5.99
N GLY A 8 0.94 -2.32 5.51
CA GLY A 8 0.50 -3.67 5.30
C GLY A 8 1.61 -4.58 4.88
N ARG A 9 1.26 -5.76 4.41
CA ARG A 9 2.22 -6.75 3.98
C ARG A 9 1.92 -7.14 2.55
N ILE A 10 2.96 -7.22 1.74
CA ILE A 10 2.77 -7.45 0.31
C ILE A 10 2.21 -8.84 0.05
N GLN A 11 1.15 -8.88 -0.74
CA GLN A 11 0.49 -10.13 -1.06
C GLN A 11 1.11 -10.72 -2.32
N SER A 12 1.15 -9.94 -3.38
CA SER A 12 1.76 -10.35 -4.65
C SER A 12 2.03 -9.13 -5.52
N ILE A 13 3.10 -9.19 -6.31
CA ILE A 13 3.45 -8.11 -7.21
C ILE A 13 2.91 -8.39 -8.60
N GLY A 14 2.45 -7.34 -9.27
CA GLY A 14 2.00 -7.46 -10.64
C GLY A 14 2.95 -6.77 -11.59
N GLU A 15 2.41 -6.14 -12.62
CA GLU A 15 3.22 -5.45 -13.60
C GLU A 15 2.81 -3.99 -13.71
N ARG A 16 1.58 -3.69 -13.30
CA ARG A 16 1.08 -2.33 -13.33
C ARG A 16 0.33 -2.01 -12.04
N SER A 17 0.13 -3.04 -11.22
CA SER A 17 -0.44 -2.88 -9.90
C SER A 17 0.04 -4.06 -9.05
N LEU A 18 -0.33 -4.08 -7.78
CA LEU A 18 0.02 -5.20 -6.92
C LEU A 18 -0.89 -5.25 -5.70
N ILE A 19 -1.08 -6.44 -5.18
CA ILE A 19 -2.02 -6.65 -4.09
C ILE A 19 -1.30 -6.62 -2.76
N ILE A 20 -1.85 -5.89 -1.81
CA ILE A 20 -1.25 -5.74 -0.50
C ILE A 20 -2.28 -5.99 0.59
N ALA A 21 -1.96 -6.92 1.48
CA ALA A 21 -2.77 -7.11 2.68
C ALA A 21 -2.53 -5.94 3.63
N HIS A 22 -3.35 -4.92 3.51
CA HIS A 22 -3.17 -3.72 4.30
C HIS A 22 -3.94 -3.79 5.60
N GLU A 23 -3.46 -3.05 6.58
CA GLU A 23 -4.13 -2.91 7.87
C GLU A 23 -5.44 -2.15 7.72
N ALA A 24 -6.05 -1.80 8.84
CA ALA A 24 -7.35 -1.14 8.83
C ALA A 24 -7.29 0.25 8.20
N ILE A 25 -6.16 0.91 8.34
CA ILE A 25 -5.96 2.25 7.75
C ILE A 25 -6.87 3.29 8.43
N PRO A 26 -6.33 4.01 9.42
CA PRO A 26 -7.09 5.03 10.14
C PRO A 26 -7.36 6.27 9.28
N SER A 27 -6.65 6.36 8.17
CA SER A 27 -6.78 7.48 7.26
C SER A 27 -7.95 7.28 6.30
N ALA A 28 -8.50 6.08 6.26
CA ALA A 28 -9.60 5.79 5.36
C ALA A 28 -10.82 5.25 6.11
N GLN A 29 -10.63 4.95 7.40
CA GLN A 29 -11.69 4.32 8.20
C GLN A 29 -12.09 2.98 7.60
N TRP A 30 -11.09 2.24 7.16
CA TRP A 30 -11.29 0.96 6.49
C TRP A 30 -11.02 -0.19 7.44
N GLY A 31 -11.26 -1.39 6.94
CA GLY A 31 -10.88 -2.58 7.67
C GLY A 31 -9.63 -3.20 7.10
N ALA A 32 -9.08 -4.15 7.83
CA ALA A 32 -7.88 -4.85 7.40
C ALA A 32 -8.24 -5.92 6.38
N MET A 33 -7.79 -5.74 5.16
CA MET A 33 -8.17 -6.61 4.05
C MET A 33 -7.16 -6.55 2.93
N THR A 34 -7.00 -7.67 2.24
CA THR A 34 -6.08 -7.78 1.13
C THR A 34 -6.67 -7.10 -0.12
N MET A 35 -6.13 -5.94 -0.45
CA MET A 35 -6.62 -5.17 -1.59
C MET A 35 -5.52 -4.90 -2.60
N GLU A 36 -5.94 -4.49 -3.78
CA GLU A 36 -5.01 -4.21 -4.87
C GLU A 36 -4.71 -2.72 -4.95
N PHE A 37 -3.45 -2.40 -5.15
CA PHE A 37 -3.03 -1.01 -5.32
C PHE A 37 -2.37 -0.83 -6.68
N ALA A 38 -2.98 0.03 -7.49
CA ALA A 38 -2.48 0.32 -8.83
C ALA A 38 -1.15 1.06 -8.74
N ALA A 39 -0.20 0.68 -9.58
CA ALA A 39 1.12 1.29 -9.54
C ALA A 39 1.12 2.61 -10.30
N PRO A 40 1.93 3.57 -9.84
CA PRO A 40 2.12 4.83 -10.54
C PRO A 40 2.79 4.61 -11.89
N PRO A 41 2.51 5.47 -12.88
CA PRO A 41 3.13 5.38 -14.21
C PRO A 41 4.66 5.42 -14.15
N ALA A 42 5.18 5.86 -13.01
CA ALA A 42 6.63 5.86 -12.79
C ALA A 42 7.17 4.43 -12.69
N GLY A 43 6.35 3.52 -12.20
CA GLY A 43 6.77 2.15 -12.06
C GLY A 43 6.96 1.75 -10.62
N LEU A 44 7.36 0.51 -10.40
CA LEU A 44 7.55 -0.01 -9.05
C LEU A 44 9.03 -0.01 -8.65
N PRO A 45 9.30 0.22 -7.36
CA PRO A 45 10.63 0.07 -6.79
C PRO A 45 10.91 -1.37 -6.36
N GLN A 46 11.94 -1.53 -5.55
CA GLN A 46 12.34 -2.84 -5.08
C GLN A 46 12.20 -2.90 -3.56
N GLY A 47 11.93 -4.11 -3.06
CA GLY A 47 11.81 -4.31 -1.63
C GLY A 47 10.37 -4.43 -1.19
N LEU A 48 9.50 -4.68 -2.15
CA LEU A 48 8.07 -4.79 -1.91
C LEU A 48 7.49 -6.09 -2.46
N LYS A 49 8.12 -7.21 -2.14
CA LYS A 49 7.72 -8.49 -2.73
C LYS A 49 6.76 -9.21 -1.80
N ALA A 50 6.12 -10.25 -2.31
CA ALA A 50 5.20 -11.07 -1.54
C ALA A 50 5.84 -11.52 -0.22
N GLY A 51 5.35 -10.97 0.88
CA GLY A 51 5.87 -11.31 2.16
C GLY A 51 6.49 -10.12 2.88
N ASP A 52 6.90 -9.11 2.12
CA ASP A 52 7.53 -7.93 2.70
C ASP A 52 6.50 -7.10 3.43
N ARG A 53 6.93 -6.47 4.50
CA ARG A 53 6.10 -5.56 5.25
C ARG A 53 6.51 -4.15 4.89
N VAL A 54 5.58 -3.39 4.33
CA VAL A 54 5.89 -2.07 3.80
C VAL A 54 4.94 -1.00 4.35
N ALA A 55 5.40 0.23 4.33
CA ALA A 55 4.60 1.38 4.69
C ALA A 55 4.44 2.27 3.46
N PHE A 56 3.21 2.50 3.05
CA PHE A 56 2.97 3.16 1.77
C PHE A 56 1.92 4.25 1.87
N SER A 57 1.76 4.98 0.77
CA SER A 57 0.74 6.00 0.67
C SER A 57 0.01 5.87 -0.66
N PHE A 58 -1.30 6.07 -0.65
CA PHE A 58 -2.10 5.93 -1.85
C PHE A 58 -3.14 7.05 -1.93
N ARG A 59 -3.71 7.24 -3.10
CA ARG A 59 -4.76 8.24 -3.28
C ARG A 59 -6.06 7.57 -3.67
N LEU A 60 -7.15 8.08 -3.12
CA LEU A 60 -8.47 7.64 -3.53
C LEU A 60 -8.98 8.49 -4.68
N ASP A 61 -9.31 7.85 -5.77
CA ASP A 61 -9.85 8.55 -6.93
C ASP A 61 -11.36 8.67 -6.76
N PRO A 62 -12.01 9.52 -7.58
CA PRO A 62 -13.43 9.84 -7.43
C PRO A 62 -14.35 8.66 -7.77
N HIS A 63 -13.75 7.53 -8.13
CA HIS A 63 -14.52 6.35 -8.46
C HIS A 63 -14.46 5.34 -7.32
N GLY A 64 -13.63 5.66 -6.35
CA GLY A 64 -13.46 4.77 -5.21
C GLY A 64 -12.33 3.81 -5.44
N MET A 65 -11.36 4.24 -6.25
CA MET A 65 -10.22 3.40 -6.59
C MET A 65 -9.02 3.78 -5.74
N ALA A 66 -8.13 2.82 -5.53
CA ALA A 66 -7.01 3.00 -4.64
C ALA A 66 -5.72 2.90 -5.43
N THR A 67 -5.18 4.05 -5.77
CA THR A 67 -3.99 4.09 -6.60
C THR A 67 -2.78 4.47 -5.75
N LEU A 68 -1.75 3.65 -5.83
CA LEU A 68 -0.58 3.79 -4.97
C LEU A 68 0.25 5.00 -5.38
N VAL A 69 0.84 5.67 -4.40
CA VAL A 69 1.73 6.79 -4.65
C VAL A 69 3.17 6.37 -4.43
N THR A 70 3.49 6.03 -3.17
CA THR A 70 4.82 5.60 -2.82
C THR A 70 4.78 4.50 -1.78
N VAL A 71 5.80 3.66 -1.75
CA VAL A 71 5.90 2.60 -0.77
C VAL A 71 7.33 2.54 -0.24
N ALA A 72 7.47 2.30 1.05
CA ALA A 72 8.78 2.18 1.67
C ALA A 72 8.84 0.91 2.52
N PRO A 73 9.99 0.23 2.51
CA PRO A 73 10.17 -1.01 3.27
C PRO A 73 10.00 -0.81 4.78
N GLN A 74 8.92 -1.35 5.31
CA GLN A 74 8.68 -1.35 6.75
C GLN A 74 9.52 -2.42 7.40
N VAL A 75 9.52 -2.48 8.72
CA VAL A 75 10.34 -3.47 9.40
C VAL A 75 9.68 -4.03 10.64
N GLN A 76 8.69 -4.89 10.43
CA GLN A 76 8.18 -5.71 11.53
C GLN A 76 8.29 -7.18 11.17
N THR A 77 8.08 -7.45 9.90
CA THR A 77 8.19 -8.79 9.35
C THR A 77 8.93 -8.74 8.01
N ALA A 78 9.67 -7.65 7.82
CA ALA A 78 10.41 -7.44 6.58
C ALA A 78 11.88 -7.78 6.79
N GLY A 79 12.62 -7.95 5.71
CA GLY A 79 14.00 -8.34 5.80
C GLY A 79 14.89 -7.22 6.32
N ALA A 80 15.23 -7.30 7.61
CA ALA A 80 16.08 -6.31 8.25
C ALA A 80 16.48 -6.75 9.66
N LYS A 81 16.37 -8.05 9.93
CA LYS A 81 16.74 -8.58 11.22
C LYS A 81 18.08 -9.30 11.12
N PRO A 82 19.07 -8.86 11.90
CA PRO A 82 20.37 -9.51 11.99
C PRO A 82 20.35 -10.67 12.97
N GLY A 1 -6.74 11.43 -6.71
CA GLY A 1 -7.65 11.76 -5.59
C GLY A 1 -6.89 12.03 -4.30
N PRO A 2 -7.60 12.14 -3.17
CA PRO A 2 -6.99 12.39 -1.86
C PRO A 2 -6.01 11.29 -1.44
N GLU A 3 -4.89 11.69 -0.88
CA GLU A 3 -3.86 10.76 -0.45
C GLU A 3 -4.10 10.30 0.99
N HIS A 4 -3.94 9.02 1.23
CA HIS A 4 -4.07 8.46 2.58
C HIS A 4 -2.87 7.58 2.90
N ARG A 5 -2.57 7.42 4.17
CA ARG A 5 -1.44 6.59 4.59
C ARG A 5 -1.89 5.15 4.84
N ALA A 6 -1.01 4.20 4.56
CA ALA A 6 -1.36 2.79 4.72
C ALA A 6 -0.12 1.92 4.90
N VAL A 7 -0.19 1.03 5.86
CA VAL A 7 0.85 0.04 6.08
C VAL A 7 0.27 -1.36 5.94
N GLY A 8 1.06 -2.32 5.48
CA GLY A 8 0.57 -3.67 5.33
C GLY A 8 1.59 -4.61 4.73
N ARG A 9 1.14 -5.82 4.41
CA ARG A 9 2.02 -6.85 3.88
C ARG A 9 1.69 -7.13 2.42
N ILE A 10 2.72 -7.21 1.60
CA ILE A 10 2.54 -7.41 0.17
C ILE A 10 2.10 -8.85 -0.13
N GLN A 11 1.10 -8.99 -0.98
CA GLN A 11 0.64 -10.31 -1.41
C GLN A 11 1.38 -10.74 -2.67
N SER A 12 1.37 -9.89 -3.68
CA SER A 12 2.00 -10.19 -4.96
C SER A 12 2.12 -8.91 -5.79
N ILE A 13 3.31 -8.67 -6.33
CA ILE A 13 3.51 -7.51 -7.19
C ILE A 13 3.35 -7.89 -8.66
N GLY A 14 2.46 -7.18 -9.33
CA GLY A 14 2.23 -7.41 -10.73
C GLY A 14 3.00 -6.44 -11.59
N GLU A 15 2.58 -6.27 -12.83
CA GLU A 15 3.27 -5.37 -13.75
C GLU A 15 2.88 -3.92 -13.48
N ARG A 16 1.60 -3.72 -13.20
CA ARG A 16 1.08 -2.37 -12.95
C ARG A 16 0.09 -2.35 -11.80
N SER A 17 -0.02 -3.47 -11.11
CA SER A 17 -0.89 -3.58 -9.94
C SER A 17 -0.41 -4.67 -9.01
N LEU A 18 -0.60 -4.47 -7.73
CA LEU A 18 -0.20 -5.45 -6.73
C LEU A 18 -1.20 -5.52 -5.61
N ILE A 19 -1.38 -6.72 -5.09
CA ILE A 19 -2.31 -6.92 -3.99
C ILE A 19 -1.59 -6.76 -2.68
N ILE A 20 -2.12 -5.94 -1.80
CA ILE A 20 -1.49 -5.69 -0.52
C ILE A 20 -2.48 -5.89 0.62
N ALA A 21 -2.13 -6.74 1.56
CA ALA A 21 -2.93 -6.92 2.75
C ALA A 21 -2.54 -5.86 3.76
N HIS A 22 -3.21 -4.73 3.68
CA HIS A 22 -2.89 -3.60 4.52
C HIS A 22 -3.68 -3.64 5.81
N GLU A 23 -3.12 -3.03 6.84
CA GLU A 23 -3.77 -2.92 8.13
C GLU A 23 -4.99 -1.98 8.05
N ALA A 24 -5.49 -1.58 9.20
CA ALA A 24 -6.73 -0.81 9.29
C ALA A 24 -6.74 0.43 8.40
N ILE A 25 -5.70 1.22 8.51
CA ILE A 25 -5.61 2.51 7.81
C ILE A 25 -6.49 3.55 8.49
N PRO A 26 -5.92 4.31 9.44
CA PRO A 26 -6.66 5.34 10.16
C PRO A 26 -6.87 6.60 9.32
N SER A 27 -6.36 6.57 8.10
CA SER A 27 -6.53 7.67 7.16
C SER A 27 -7.82 7.51 6.36
N ALA A 28 -8.33 6.29 6.29
CA ALA A 28 -9.52 6.01 5.49
C ALA A 28 -10.64 5.40 6.34
N GLN A 29 -10.35 5.17 7.62
CA GLN A 29 -11.32 4.60 8.56
C GLN A 29 -11.66 3.16 8.18
N TRP A 30 -10.74 2.50 7.50
CA TRP A 30 -10.95 1.12 7.09
C TRP A 30 -10.57 0.18 8.24
N GLY A 31 -10.86 -1.10 8.07
CA GLY A 31 -10.62 -2.05 9.14
C GLY A 31 -9.79 -3.25 8.68
N ALA A 32 -8.73 -2.97 7.92
CA ALA A 32 -7.80 -4.01 7.44
C ALA A 32 -8.44 -4.89 6.37
N MET A 33 -7.79 -4.98 5.23
CA MET A 33 -8.32 -5.74 4.10
C MET A 33 -7.26 -5.93 3.02
N THR A 34 -7.32 -7.07 2.37
CA THR A 34 -6.41 -7.39 1.29
C THR A 34 -6.94 -6.83 -0.02
N MET A 35 -6.32 -5.76 -0.49
CA MET A 35 -6.80 -5.08 -1.69
C MET A 35 -5.66 -4.85 -2.68
N GLU A 36 -6.00 -4.85 -3.96
CA GLU A 36 -5.02 -4.60 -5.01
C GLU A 36 -4.85 -3.10 -5.23
N PHE A 37 -3.60 -2.67 -5.37
CA PHE A 37 -3.28 -1.28 -5.57
C PHE A 37 -2.65 -1.09 -6.94
N ALA A 38 -2.99 0.01 -7.59
CA ALA A 38 -2.45 0.31 -8.91
C ALA A 38 -1.10 0.98 -8.77
N ALA A 39 -0.14 0.49 -9.54
CA ALA A 39 1.22 1.01 -9.48
C ALA A 39 1.45 2.08 -10.53
N PRO A 40 2.29 3.07 -10.22
CA PRO A 40 2.73 4.08 -11.19
C PRO A 40 3.47 3.45 -12.36
N PRO A 41 3.36 4.05 -13.57
CA PRO A 41 4.00 3.52 -14.78
C PRO A 41 5.52 3.38 -14.66
N ALA A 42 6.10 4.02 -13.65
CA ALA A 42 7.52 3.91 -13.38
C ALA A 42 7.88 2.51 -12.88
N GLY A 43 6.91 1.83 -12.28
CA GLY A 43 7.14 0.49 -11.79
C GLY A 43 7.53 0.47 -10.32
N LEU A 44 7.57 -0.71 -9.75
CA LEU A 44 7.91 -0.88 -8.34
C LEU A 44 9.38 -1.24 -8.19
N PRO A 45 9.98 -0.89 -7.04
CA PRO A 45 11.33 -1.34 -6.70
C PRO A 45 11.30 -2.75 -6.11
N GLN A 46 12.40 -3.13 -5.50
CA GLN A 46 12.47 -4.41 -4.81
C GLN A 46 12.70 -4.17 -3.33
N GLY A 47 12.71 -5.23 -2.55
CA GLY A 47 12.85 -5.09 -1.12
C GLY A 47 11.51 -4.82 -0.46
N LEU A 48 10.47 -4.90 -1.29
CA LEU A 48 9.11 -4.64 -0.87
C LEU A 48 8.15 -5.53 -1.67
N LYS A 49 8.55 -6.77 -1.88
CA LYS A 49 7.84 -7.68 -2.76
C LYS A 49 6.88 -8.59 -1.99
N ALA A 50 6.25 -9.51 -2.70
CA ALA A 50 5.31 -10.47 -2.09
C ALA A 50 5.89 -11.11 -0.84
N GLY A 51 5.30 -10.80 0.31
CA GLY A 51 5.79 -11.33 1.57
C GLY A 51 6.32 -10.24 2.48
N ASP A 52 6.73 -9.13 1.87
CA ASP A 52 7.27 -8.00 2.62
C ASP A 52 6.16 -7.20 3.27
N ARG A 53 6.46 -6.62 4.40
CA ARG A 53 5.56 -5.72 5.06
C ARG A 53 6.13 -4.32 5.01
N VAL A 54 5.46 -3.43 4.29
CA VAL A 54 6.00 -2.13 3.96
C VAL A 54 5.07 -1.00 4.38
N ALA A 55 5.59 0.22 4.35
CA ALA A 55 4.81 1.40 4.69
C ALA A 55 4.67 2.28 3.47
N PHE A 56 3.44 2.59 3.10
CA PHE A 56 3.17 3.31 1.86
C PHE A 56 2.04 4.31 2.04
N SER A 57 1.67 4.96 0.95
CA SER A 57 0.46 5.75 0.93
C SER A 57 -0.28 5.44 -0.36
N PHE A 58 -1.40 6.09 -0.59
CA PHE A 58 -2.15 5.87 -1.81
C PHE A 58 -3.19 6.97 -1.99
N ARG A 59 -3.69 7.11 -3.20
CA ARG A 59 -4.72 8.07 -3.48
C ARG A 59 -5.97 7.37 -4.00
N LEU A 60 -7.12 7.79 -3.52
CA LEU A 60 -8.38 7.23 -3.95
C LEU A 60 -9.00 8.06 -5.06
N ASP A 61 -9.30 7.40 -6.17
CA ASP A 61 -9.98 8.05 -7.27
C ASP A 61 -11.49 7.90 -7.09
N PRO A 62 -12.29 8.66 -7.85
CA PRO A 62 -13.74 8.75 -7.65
C PRO A 62 -14.47 7.45 -7.97
N HIS A 63 -13.74 6.44 -8.43
CA HIS A 63 -14.33 5.15 -8.74
C HIS A 63 -14.05 4.15 -7.64
N GLY A 64 -13.36 4.61 -6.61
CA GLY A 64 -12.96 3.74 -5.53
C GLY A 64 -11.64 3.08 -5.86
N MET A 65 -10.88 3.72 -6.73
CA MET A 65 -9.61 3.18 -7.20
C MET A 65 -8.52 3.46 -6.19
N ALA A 66 -7.76 2.43 -5.88
CA ALA A 66 -6.70 2.54 -4.90
C ALA A 66 -5.36 2.56 -5.61
N THR A 67 -4.83 3.75 -5.79
CA THR A 67 -3.62 3.91 -6.54
C THR A 67 -2.44 4.19 -5.63
N LEU A 68 -1.46 3.31 -5.68
CA LEU A 68 -0.29 3.39 -4.83
C LEU A 68 0.53 4.61 -5.21
N VAL A 69 1.10 5.29 -4.23
CA VAL A 69 1.86 6.48 -4.48
C VAL A 69 3.35 6.25 -4.24
N THR A 70 3.70 5.98 -2.98
CA THR A 70 5.08 5.73 -2.60
C THR A 70 5.10 4.64 -1.54
N VAL A 71 6.09 3.78 -1.59
CA VAL A 71 6.22 2.73 -0.59
C VAL A 71 7.66 2.59 -0.13
N ALA A 72 7.83 2.41 1.17
CA ALA A 72 9.15 2.23 1.76
C ALA A 72 9.17 0.98 2.61
N PRO A 73 10.28 0.24 2.61
CA PRO A 73 10.43 -0.98 3.40
C PRO A 73 10.37 -0.69 4.89
N GLN A 74 9.50 -1.41 5.58
CA GLN A 74 9.37 -1.26 7.02
C GLN A 74 9.45 -2.61 7.68
N VAL A 75 9.37 -2.64 8.99
CA VAL A 75 9.48 -3.86 9.74
C VAL A 75 8.32 -3.94 10.72
N GLN A 76 7.31 -4.72 10.32
CA GLN A 76 6.08 -4.87 11.10
C GLN A 76 5.51 -3.53 11.56
N THR A 77 5.58 -3.28 12.85
CA THR A 77 5.09 -2.03 13.38
C THR A 77 6.23 -1.04 13.57
N ALA A 78 6.47 -0.25 12.55
CA ALA A 78 7.46 0.82 12.60
C ALA A 78 6.88 2.05 13.27
N GLY A 79 5.56 2.20 13.19
CA GLY A 79 4.88 3.32 13.79
C GLY A 79 3.41 3.05 13.99
N ALA A 80 2.57 3.76 13.22
CA ALA A 80 1.12 3.56 13.21
C ALA A 80 0.45 4.06 14.50
N LYS A 81 0.88 3.51 15.63
CA LYS A 81 0.32 3.90 16.92
C LYS A 81 1.26 4.82 17.68
N PRO A 82 0.91 6.11 17.80
CA PRO A 82 1.65 7.06 18.59
C PRO A 82 1.22 7.00 20.06
#